data_1BK9
# 
_entry.id   1BK9 
# 
_audit_conform.dict_name       mmcif_pdbx.dic 
_audit_conform.dict_version    5.397 
_audit_conform.dict_location   http://mmcif.pdb.org/dictionaries/ascii/mmcif_pdbx.dic 
# 
loop_
_database_2.database_id 
_database_2.database_code 
_database_2.pdbx_database_accession 
_database_2.pdbx_DOI 
PDB   1BK9         pdb_00001bk9 10.2210/pdb1bk9/pdb 
WWPDB D_1000171853 ?            ?                   
# 
loop_
_pdbx_audit_revision_history.ordinal 
_pdbx_audit_revision_history.data_content_type 
_pdbx_audit_revision_history.major_revision 
_pdbx_audit_revision_history.minor_revision 
_pdbx_audit_revision_history.revision_date 
1 'Structure model' 1 0 1999-03-02 
2 'Structure model' 1 1 2008-03-24 
3 'Structure model' 1 2 2011-07-13 
4 'Structure model' 2 0 2019-11-27 
5 'Structure model' 2 1 2023-08-02 
6 'Structure model' 2 2 2024-10-09 
# 
_pdbx_audit_revision_details.ordinal             1 
_pdbx_audit_revision_details.revision_ordinal    1 
_pdbx_audit_revision_details.data_content_type   'Structure model' 
_pdbx_audit_revision_details.provider            repository 
_pdbx_audit_revision_details.type                'Initial release' 
_pdbx_audit_revision_details.description         ? 
_pdbx_audit_revision_details.details             ? 
# 
loop_
_pdbx_audit_revision_group.ordinal 
_pdbx_audit_revision_group.revision_ordinal 
_pdbx_audit_revision_group.data_content_type 
_pdbx_audit_revision_group.group 
1  2 'Structure model' 'Version format compliance' 
2  3 'Structure model' 'Version format compliance' 
3  4 'Structure model' Advisory                    
4  4 'Structure model' 'Derived calculations'      
5  4 'Structure model' 'Experimental preparation'  
6  4 'Structure model' 'Non-polymer description'   
7  4 'Structure model' Other                       
8  4 'Structure model' 'Structure summary'         
9  5 'Structure model' 'Database references'       
10 5 'Structure model' 'Derived calculations'      
11 5 'Structure model' 'Refinement description'    
12 6 'Structure model' 'Data collection'           
13 6 'Structure model' 'Structure summary'         
# 
loop_
_pdbx_audit_revision_category.ordinal 
_pdbx_audit_revision_category.revision_ordinal 
_pdbx_audit_revision_category.data_content_type 
_pdbx_audit_revision_category.category 
1  4 'Structure model' chem_comp                     
2  4 'Structure model' entity                        
3  4 'Structure model' exptl_crystal                 
4  4 'Structure model' pdbx_database_status          
5  4 'Structure model' pdbx_distant_solvent_atoms    
6  4 'Structure model' pdbx_entity_nonpoly           
7  4 'Structure model' struct_conn                   
8  5 'Structure model' database_2                    
9  5 'Structure model' pdbx_initial_refinement_model 
10 5 'Structure model' struct_conn                   
11 5 'Structure model' struct_site                   
12 6 'Structure model' chem_comp_atom                
13 6 'Structure model' chem_comp_bond                
14 6 'Structure model' pdbx_entry_details            
15 6 'Structure model' pdbx_modification_feature     
# 
loop_
_pdbx_audit_revision_item.ordinal 
_pdbx_audit_revision_item.revision_ordinal 
_pdbx_audit_revision_item.data_content_type 
_pdbx_audit_revision_item.item 
1  4 'Structure model' '_chem_comp.formula'                  
2  4 'Structure model' '_chem_comp.formula_weight'           
3  4 'Structure model' '_chem_comp.name'                     
4  4 'Structure model' '_entity.formula_weight'              
5  4 'Structure model' '_entity.pdbx_description'            
6  4 'Structure model' '_exptl_crystal.density_percent_sol'  
7  4 'Structure model' '_pdbx_database_status.process_site'  
8  4 'Structure model' '_pdbx_entity_nonpoly.name'           
9  4 'Structure model' '_struct_conn.pdbx_leaving_atom_flag' 
10 5 'Structure model' '_database_2.pdbx_DOI'                
11 5 'Structure model' '_database_2.pdbx_database_accession' 
12 5 'Structure model' '_struct_conn.pdbx_leaving_atom_flag' 
13 5 'Structure model' '_struct_conn.ptnr1_auth_comp_id'     
14 5 'Structure model' '_struct_conn.ptnr1_auth_seq_id'      
15 5 'Structure model' '_struct_conn.ptnr1_label_asym_id'    
16 5 'Structure model' '_struct_conn.ptnr1_label_atom_id'    
17 5 'Structure model' '_struct_conn.ptnr1_label_comp_id'    
18 5 'Structure model' '_struct_conn.ptnr1_label_seq_id'     
19 5 'Structure model' '_struct_conn.ptnr2_auth_comp_id'     
20 5 'Structure model' '_struct_conn.ptnr2_auth_seq_id'      
21 5 'Structure model' '_struct_conn.ptnr2_label_asym_id'    
22 5 'Structure model' '_struct_conn.ptnr2_label_atom_id'    
23 5 'Structure model' '_struct_conn.ptnr2_label_comp_id'    
24 5 'Structure model' '_struct_conn.ptnr2_label_seq_id'     
25 5 'Structure model' '_struct_site.pdbx_auth_asym_id'      
26 5 'Structure model' '_struct_site.pdbx_auth_comp_id'      
27 5 'Structure model' '_struct_site.pdbx_auth_seq_id'       
# 
_pdbx_database_status.status_code                     REL 
_pdbx_database_status.entry_id                        1BK9 
_pdbx_database_status.recvd_initial_deposition_date   1998-07-16 
_pdbx_database_status.deposit_site                    ? 
_pdbx_database_status.process_site                    BNL 
_pdbx_database_status.SG_entry                        . 
_pdbx_database_status.pdb_format_compatible           Y 
_pdbx_database_status.status_code_mr                  ? 
_pdbx_database_status.status_code_sf                  ? 
_pdbx_database_status.status_code_cs                  ? 
_pdbx_database_status.methods_development_category    ? 
_pdbx_database_status.status_code_nmr_data            ? 
# 
loop_
_audit_author.name 
_audit_author.pdbx_ordinal 
'Zhao, H.' 1 
'Tang, L.' 2 
'Wang, X.' 3 
'Lin, Z.'  4 
'Zhou, Y.' 5 
# 
_citation.id                        primary 
_citation.title                     'Structure of a snake venom phospholipase A2 modified by p-bromo-phenacyl-bromide.' 
_citation.journal_abbrev            Toxicon 
_citation.journal_volume            36 
_citation.page_first                875 
_citation.page_last                 886 
_citation.year                      1998 
_citation.journal_id_ASTM           TOXIA6 
_citation.country                   UK 
_citation.journal_id_ISSN           0041-0101 
_citation.journal_id_CSD            2043 
_citation.book_publisher            ? 
_citation.pdbx_database_id_PubMed   9663694 
_citation.pdbx_database_id_DOI      '10.1016/S0041-0101(97)00169-4' 
# 
loop_
_citation_author.citation_id 
_citation_author.name 
_citation_author.ordinal 
_citation_author.identifier_ORCID 
primary 'Zhao, H.' 1 ? 
primary 'Tang, L.' 2 ? 
primary 'Wang, X.' 3 ? 
primary 'Zhou, Y.' 4 ? 
primary 'Lin, Z.'  5 ? 
# 
loop_
_entity.id 
_entity.type 
_entity.src_method 
_entity.pdbx_description 
_entity.formula_weight 
_entity.pdbx_number_of_molecules 
_entity.pdbx_ec 
_entity.pdbx_mutation 
_entity.pdbx_fragment 
_entity.details 
1 polymer     nat 'PHOSPHOLIPASE A2'        13988.814 1  3.1.1.4 ? ? ? 
2 non-polymer syn 'CALCIUM ION'             40.078    1  ?       ? ? ? 
3 non-polymer syn 'p-Bromophenacyl bromide' 277.941   1  ?       ? ? ? 
4 non-polymer syn 1,4-BUTANEDIOL            90.121    1  ?       ? ? ? 
5 water       nat water                     18.015    86 ?       ? ? ? 
# 
_entity_poly.entity_id                      1 
_entity_poly.type                           'polypeptide(L)' 
_entity_poly.nstd_linkage                   no 
_entity_poly.nstd_monomer                   no 
_entity_poly.pdbx_seq_one_letter_code       
;SLIQFETLIMKVAKKSGMFWYSNYGCYCGWGGQGRPQDATDRCCFVHDCCYGKVTGCDPKMDVYSFSEENGDIVCGGDDP
CKKEICECDRAAAICFRDNLTLYNDKKYWAFGAKNCPQEESEPC
;
_entity_poly.pdbx_seq_one_letter_code_can   
;SLIQFETLIMKVAKKSGMFWYSNYGCYCGWGGQGRPQDATDRCCFVHDCCYGKVTGCDPKMDVYSFSEENGDIVCGGDDP
CKKEICECDRAAAICFRDNLTLYNDKKYWAFGAKNCPQEESEPC
;
_entity_poly.pdbx_strand_id                 A 
_entity_poly.pdbx_target_identifier         ? 
# 
loop_
_pdbx_entity_nonpoly.entity_id 
_pdbx_entity_nonpoly.name 
_pdbx_entity_nonpoly.comp_id 
2 'CALCIUM ION'             CA  
3 'p-Bromophenacyl bromide' PBP 
4 1,4-BUTANEDIOL            BU1 
5 water                     HOH 
# 
loop_
_entity_poly_seq.entity_id 
_entity_poly_seq.num 
_entity_poly_seq.mon_id 
_entity_poly_seq.hetero 
1 1   SER n 
1 2   LEU n 
1 3   ILE n 
1 4   GLN n 
1 5   PHE n 
1 6   GLU n 
1 7   THR n 
1 8   LEU n 
1 9   ILE n 
1 10  MET n 
1 11  LYS n 
1 12  VAL n 
1 13  ALA n 
1 14  LYS n 
1 15  LYS n 
1 16  SER n 
1 17  GLY n 
1 18  MET n 
1 19  PHE n 
1 20  TRP n 
1 21  TYR n 
1 22  SER n 
1 23  ASN n 
1 24  TYR n 
1 25  GLY n 
1 26  CYS n 
1 27  TYR n 
1 28  CYS n 
1 29  GLY n 
1 30  TRP n 
1 31  GLY n 
1 32  GLY n 
1 33  GLN n 
1 34  GLY n 
1 35  ARG n 
1 36  PRO n 
1 37  GLN n 
1 38  ASP n 
1 39  ALA n 
1 40  THR n 
1 41  ASP n 
1 42  ARG n 
1 43  CYS n 
1 44  CYS n 
1 45  PHE n 
1 46  VAL n 
1 47  HIS n 
1 48  ASP n 
1 49  CYS n 
1 50  CYS n 
1 51  TYR n 
1 52  GLY n 
1 53  LYS n 
1 54  VAL n 
1 55  THR n 
1 56  GLY n 
1 57  CYS n 
1 58  ASP n 
1 59  PRO n 
1 60  LYS n 
1 61  MET n 
1 62  ASP n 
1 63  VAL n 
1 64  TYR n 
1 65  SER n 
1 66  PHE n 
1 67  SER n 
1 68  GLU n 
1 69  GLU n 
1 70  ASN n 
1 71  GLY n 
1 72  ASP n 
1 73  ILE n 
1 74  VAL n 
1 75  CYS n 
1 76  GLY n 
1 77  GLY n 
1 78  ASP n 
1 79  ASP n 
1 80  PRO n 
1 81  CYS n 
1 82  LYS n 
1 83  LYS n 
1 84  GLU n 
1 85  ILE n 
1 86  CYS n 
1 87  GLU n 
1 88  CYS n 
1 89  ASP n 
1 90  ARG n 
1 91  ALA n 
1 92  ALA n 
1 93  ALA n 
1 94  ILE n 
1 95  CYS n 
1 96  PHE n 
1 97  ARG n 
1 98  ASP n 
1 99  ASN n 
1 100 LEU n 
1 101 THR n 
1 102 LEU n 
1 103 TYR n 
1 104 ASN n 
1 105 ASP n 
1 106 LYS n 
1 107 LYS n 
1 108 TYR n 
1 109 TRP n 
1 110 ALA n 
1 111 PHE n 
1 112 GLY n 
1 113 ALA n 
1 114 LYS n 
1 115 ASN n 
1 116 CYS n 
1 117 PRO n 
1 118 GLN n 
1 119 GLU n 
1 120 GLU n 
1 121 SER n 
1 122 GLU n 
1 123 PRO n 
1 124 CYS n 
# 
_entity_src_nat.entity_id                  1 
_entity_src_nat.pdbx_src_id                1 
_entity_src_nat.pdbx_alt_source_flag       sample 
_entity_src_nat.pdbx_beg_seq_num           ? 
_entity_src_nat.pdbx_end_seq_num           ? 
_entity_src_nat.common_name                'halys viper' 
_entity_src_nat.pdbx_organism_scientific   'Gloydius halys' 
_entity_src_nat.pdbx_ncbi_taxonomy_id      8714 
_entity_src_nat.genus                      Gloydius 
_entity_src_nat.species                    ? 
_entity_src_nat.strain                     ? 
_entity_src_nat.tissue                     ? 
_entity_src_nat.tissue_fraction            ? 
_entity_src_nat.pdbx_secretion             ? 
_entity_src_nat.pdbx_fragment              ? 
_entity_src_nat.pdbx_variant               ? 
_entity_src_nat.pdbx_cell_line             ? 
_entity_src_nat.pdbx_atcc                  ? 
_entity_src_nat.pdbx_cellular_location     ? 
_entity_src_nat.pdbx_organ                 ? 
_entity_src_nat.pdbx_organelle             ? 
_entity_src_nat.pdbx_cell                  ? 
_entity_src_nat.pdbx_plasmid_name          ? 
_entity_src_nat.pdbx_plasmid_details       ? 
_entity_src_nat.details                    ? 
# 
loop_
_chem_comp.id 
_chem_comp.type 
_chem_comp.mon_nstd_flag 
_chem_comp.name 
_chem_comp.pdbx_synonyms 
_chem_comp.formula 
_chem_comp.formula_weight 
ALA 'L-peptide linking' y ALANINE                   ? 'C3 H7 N O2'     89.093  
ARG 'L-peptide linking' y ARGININE                  ? 'C6 H15 N4 O2 1' 175.209 
ASN 'L-peptide linking' y ASPARAGINE                ? 'C4 H8 N2 O3'    132.118 
ASP 'L-peptide linking' y 'ASPARTIC ACID'           ? 'C4 H7 N O4'     133.103 
BU1 non-polymer         . 1,4-BUTANEDIOL            ? 'C4 H10 O2'      90.121  
CA  non-polymer         . 'CALCIUM ION'             ? 'Ca 2'           40.078  
CYS 'L-peptide linking' y CYSTEINE                  ? 'C3 H7 N O2 S'   121.158 
GLN 'L-peptide linking' y GLUTAMINE                 ? 'C5 H10 N2 O3'   146.144 
GLU 'L-peptide linking' y 'GLUTAMIC ACID'           ? 'C5 H9 N O4'     147.129 
GLY 'peptide linking'   y GLYCINE                   ? 'C2 H5 N O2'     75.067  
HIS 'L-peptide linking' y HISTIDINE                 ? 'C6 H10 N3 O2 1' 156.162 
HOH non-polymer         . WATER                     ? 'H2 O'           18.015  
ILE 'L-peptide linking' y ISOLEUCINE                ? 'C6 H13 N O2'    131.173 
LEU 'L-peptide linking' y LEUCINE                   ? 'C6 H13 N O2'    131.173 
LYS 'L-peptide linking' y LYSINE                    ? 'C6 H15 N2 O2 1' 147.195 
MET 'L-peptide linking' y METHIONINE                ? 'C5 H11 N O2 S'  149.211 
PBP non-polymer         . 'p-Bromophenacyl bromide' ? 'C8 H6 Br2 O'    277.941 
PHE 'L-peptide linking' y PHENYLALANINE             ? 'C9 H11 N O2'    165.189 
PRO 'L-peptide linking' y PROLINE                   ? 'C5 H9 N O2'     115.130 
SER 'L-peptide linking' y SERINE                    ? 'C3 H7 N O3'     105.093 
THR 'L-peptide linking' y THREONINE                 ? 'C4 H9 N O3'     119.119 
TRP 'L-peptide linking' y TRYPTOPHAN                ? 'C11 H12 N2 O2'  204.225 
TYR 'L-peptide linking' y TYROSINE                  ? 'C9 H11 N O3'    181.189 
VAL 'L-peptide linking' y VALINE                    ? 'C5 H11 N O2'    117.146 
# 
loop_
_pdbx_poly_seq_scheme.asym_id 
_pdbx_poly_seq_scheme.entity_id 
_pdbx_poly_seq_scheme.seq_id 
_pdbx_poly_seq_scheme.mon_id 
_pdbx_poly_seq_scheme.ndb_seq_num 
_pdbx_poly_seq_scheme.pdb_seq_num 
_pdbx_poly_seq_scheme.auth_seq_num 
_pdbx_poly_seq_scheme.pdb_mon_id 
_pdbx_poly_seq_scheme.auth_mon_id 
_pdbx_poly_seq_scheme.pdb_strand_id 
_pdbx_poly_seq_scheme.pdb_ins_code 
_pdbx_poly_seq_scheme.hetero 
A 1 1   SER 1   1   1   SER SER A . n 
A 1 2   LEU 2   2   2   LEU LEU A . n 
A 1 3   ILE 3   3   3   ILE ILE A . n 
A 1 4   GLN 4   4   4   GLN GLN A . n 
A 1 5   PHE 5   5   5   PHE PHE A . n 
A 1 6   GLU 6   6   6   GLU GLU A . n 
A 1 7   THR 7   7   7   THR THR A . n 
A 1 8   LEU 8   8   8   LEU LEU A . n 
A 1 9   ILE 9   9   9   ILE ILE A . n 
A 1 10  MET 10  10  10  MET MET A . n 
A 1 11  LYS 11  11  11  LYS LYS A . n 
A 1 12  VAL 12  12  12  VAL VAL A . n 
A 1 13  ALA 13  13  13  ALA ALA A . n 
A 1 14  LYS 14  14  14  LYS LYS A . n 
A 1 15  LYS 15  16  16  LYS LYS A . n 
A 1 16  SER 16  17  17  SER SER A . n 
A 1 17  GLY 17  18  18  GLY GLY A . n 
A 1 18  MET 18  19  19  MET MET A . n 
A 1 19  PHE 19  20  20  PHE PHE A . n 
A 1 20  TRP 20  21  21  TRP TRP A . n 
A 1 21  TYR 21  22  22  TYR TYR A . n 
A 1 22  SER 22  23  23  SER SER A . n 
A 1 23  ASN 23  24  24  ASN ASN A . n 
A 1 24  TYR 24  25  25  TYR TYR A . n 
A 1 25  GLY 25  26  26  GLY GLY A . n 
A 1 26  CYS 26  27  27  CYS CYS A . n 
A 1 27  TYR 27  28  28  TYR TYR A . n 
A 1 28  CYS 28  29  29  CYS CYS A . n 
A 1 29  GLY 29  30  30  GLY GLY A . n 
A 1 30  TRP 30  31  31  TRP TRP A . n 
A 1 31  GLY 31  32  32  GLY GLY A . n 
A 1 32  GLY 32  33  33  GLY GLY A . n 
A 1 33  GLN 33  34  34  GLN GLN A . n 
A 1 34  GLY 34  35  35  GLY GLY A . n 
A 1 35  ARG 35  36  36  ARG ARG A . n 
A 1 36  PRO 36  37  37  PRO PRO A . n 
A 1 37  GLN 37  38  38  GLN GLN A . n 
A 1 38  ASP 38  39  39  ASP ASP A . n 
A 1 39  ALA 39  40  40  ALA ALA A . n 
A 1 40  THR 40  41  41  THR THR A . n 
A 1 41  ASP 41  42  42  ASP ASP A . n 
A 1 42  ARG 42  43  43  ARG ARG A . n 
A 1 43  CYS 43  44  44  CYS CYS A . n 
A 1 44  CYS 44  45  45  CYS CYS A . n 
A 1 45  PHE 45  46  46  PHE PHE A . n 
A 1 46  VAL 46  47  47  VAL VAL A . n 
A 1 47  HIS 47  48  48  HIS HIS A . n 
A 1 48  ASP 48  49  49  ASP ASP A . n 
A 1 49  CYS 49  50  50  CYS CYS A . n 
A 1 50  CYS 50  51  51  CYS CYS A . n 
A 1 51  TYR 51  52  52  TYR TYR A . n 
A 1 52  GLY 52  53  53  GLY GLY A . n 
A 1 53  LYS 53  54  54  LYS LYS A . n 
A 1 54  VAL 54  55  55  VAL VAL A . n 
A 1 55  THR 55  56  56  THR THR A . n 
A 1 56  GLY 56  59  59  GLY GLY A . n 
A 1 57  CYS 57  61  61  CYS CYS A . n 
A 1 58  ASP 58  67  67  ASP ASP A . n 
A 1 59  PRO 59  68  68  PRO PRO A . n 
A 1 60  LYS 60  69  69  LYS LYS A . n 
A 1 61  MET 61  70  70  MET MET A . n 
A 1 62  ASP 62  71  71  ASP ASP A . n 
A 1 63  VAL 63  72  72  VAL VAL A . n 
A 1 64  TYR 64  73  73  TYR TYR A . n 
A 1 65  SER 65  74  74  SER SER A . n 
A 1 66  PHE 66  75  75  PHE PHE A . n 
A 1 67  SER 67  76  76  SER SER A . n 
A 1 68  GLU 68  77  77  GLU GLU A . n 
A 1 69  GLU 69  78  78  GLU GLU A . n 
A 1 70  ASN 70  79  79  ASN ASN A . n 
A 1 71  GLY 71  80  80  GLY GLY A . n 
A 1 72  ASP 72  81  81  ASP ASP A . n 
A 1 73  ILE 73  82  82  ILE ILE A . n 
A 1 74  VAL 74  83  83  VAL VAL A . n 
A 1 75  CYS 75  84  84  CYS CYS A . n 
A 1 76  GLY 76  85  85  GLY GLY A . n 
A 1 77  GLY 77  86  86  GLY GLY A . n 
A 1 78  ASP 78  88  88  ASP ASP A . n 
A 1 79  ASP 79  89  89  ASP ASP A . n 
A 1 80  PRO 80  90  90  PRO PRO A . n 
A 1 81  CYS 81  91  91  CYS CYS A . n 
A 1 82  LYS 82  92  92  LYS LYS A . n 
A 1 83  LYS 83  93  93  LYS LYS A . n 
A 1 84  GLU 84  94  94  GLU GLU A . n 
A 1 85  ILE 85  95  95  ILE ILE A . n 
A 1 86  CYS 86  96  96  CYS CYS A . n 
A 1 87  GLU 87  97  97  GLU GLU A . n 
A 1 88  CYS 88  98  98  CYS CYS A . n 
A 1 89  ASP 89  99  99  ASP ASP A . n 
A 1 90  ARG 90  100 100 ARG ARG A . n 
A 1 91  ALA 91  101 101 ALA ALA A . n 
A 1 92  ALA 92  102 102 ALA ALA A . n 
A 1 93  ALA 93  103 103 ALA ALA A . n 
A 1 94  ILE 94  104 104 ILE ILE A . n 
A 1 95  CYS 95  105 105 CYS CYS A . n 
A 1 96  PHE 96  106 106 PHE PHE A . n 
A 1 97  ARG 97  107 107 ARG ARG A . n 
A 1 98  ASP 98  108 108 ASP ASP A . n 
A 1 99  ASN 99  109 109 ASN ASN A . n 
A 1 100 LEU 100 110 110 LEU LEU A . n 
A 1 101 THR 101 111 111 THR THR A . n 
A 1 102 LEU 102 112 112 LEU LEU A . n 
A 1 103 TYR 103 113 113 TYR TYR A . n 
A 1 104 ASN 104 114 114 ASN ASN A . n 
A 1 105 ASP 105 115 115 ASP ASP A . n 
A 1 106 LYS 106 116 116 LYS LYS A . n 
A 1 107 LYS 107 117 117 LYS LYS A . n 
A 1 108 TYR 108 118 118 TYR TYR A . n 
A 1 109 TRP 109 119 119 TRP TRP A . n 
A 1 110 ALA 110 120 120 ALA ALA A . n 
A 1 111 PHE 111 121 121 PHE PHE A . n 
A 1 112 GLY 112 122 122 GLY GLY A . n 
A 1 113 ALA 113 123 123 ALA ALA A . n 
A 1 114 LYS 114 124 124 LYS LYS A . n 
A 1 115 ASN 115 125 125 ASN ASN A . n 
A 1 116 CYS 116 126 126 CYS CYS A . n 
A 1 117 PRO 117 127 127 PRO PRO A . n 
A 1 118 GLN 118 128 128 GLN GLN A . n 
A 1 119 GLU 119 129 129 GLU GLU A . n 
A 1 120 GLU 120 130 130 GLU GLU A . n 
A 1 121 SER 121 131 131 SER SER A . n 
A 1 122 GLU 122 132 132 GLU GLU A . n 
A 1 123 PRO 123 133 133 PRO PRO A . n 
A 1 124 CYS 124 134 134 CYS CYS A . n 
# 
loop_
_pdbx_nonpoly_scheme.asym_id 
_pdbx_nonpoly_scheme.entity_id 
_pdbx_nonpoly_scheme.mon_id 
_pdbx_nonpoly_scheme.ndb_seq_num 
_pdbx_nonpoly_scheme.pdb_seq_num 
_pdbx_nonpoly_scheme.auth_seq_num 
_pdbx_nonpoly_scheme.pdb_mon_id 
_pdbx_nonpoly_scheme.auth_mon_id 
_pdbx_nonpoly_scheme.pdb_strand_id 
_pdbx_nonpoly_scheme.pdb_ins_code 
B 2 CA  1  200 200 CA  CA  A . 
C 3 PBP 1  400 400 PBP PBP A . 
D 4 BU1 1  601 601 BU1 BU1 A . 
E 5 HOH 1  201 201 HOH HOH A . 
E 5 HOH 2  202 202 HOH HOH A . 
E 5 HOH 3  203 203 HOH HOH A . 
E 5 HOH 4  204 204 HOH HOH A . 
E 5 HOH 5  205 205 HOH HOH A . 
E 5 HOH 6  206 206 HOH HOH A . 
E 5 HOH 7  207 207 HOH HOH A . 
E 5 HOH 8  208 208 HOH HOH A . 
E 5 HOH 9  209 209 HOH HOH A . 
E 5 HOH 10 210 210 HOH HOH A . 
E 5 HOH 11 213 213 HOH HOH A . 
E 5 HOH 12 219 219 HOH HOH A . 
E 5 HOH 13 220 220 HOH HOH A . 
E 5 HOH 14 221 221 HOH HOH A . 
E 5 HOH 15 222 222 HOH HOH A . 
E 5 HOH 16 223 223 HOH HOH A . 
E 5 HOH 17 224 224 HOH HOH A . 
E 5 HOH 18 225 225 HOH HOH A . 
E 5 HOH 19 226 226 HOH HOH A . 
E 5 HOH 20 227 227 HOH HOH A . 
E 5 HOH 21 228 228 HOH HOH A . 
E 5 HOH 22 230 230 HOH HOH A . 
E 5 HOH 23 234 234 HOH HOH A . 
E 5 HOH 24 236 236 HOH HOH A . 
E 5 HOH 25 239 239 HOH HOH A . 
E 5 HOH 26 242 242 HOH HOH A . 
E 5 HOH 27 243 243 HOH HOH A . 
E 5 HOH 28 245 245 HOH HOH A . 
E 5 HOH 29 247 247 HOH HOH A . 
E 5 HOH 30 248 248 HOH HOH A . 
E 5 HOH 31 252 252 HOH HOH A . 
E 5 HOH 32 253 253 HOH HOH A . 
E 5 HOH 33 255 255 HOH HOH A . 
E 5 HOH 34 258 258 HOH HOH A . 
E 5 HOH 35 259 259 HOH HOH A . 
E 5 HOH 36 262 262 HOH HOH A . 
E 5 HOH 37 263 263 HOH HOH A . 
E 5 HOH 38 264 264 HOH HOH A . 
E 5 HOH 39 268 268 HOH HOH A . 
E 5 HOH 40 269 269 HOH HOH A . 
E 5 HOH 41 270 270 HOH HOH A . 
E 5 HOH 42 274 274 HOH HOH A . 
E 5 HOH 43 278 278 HOH HOH A . 
E 5 HOH 44 280 280 HOH HOH A . 
E 5 HOH 45 281 281 HOH HOH A . 
E 5 HOH 46 282 282 HOH HOH A . 
E 5 HOH 47 283 283 HOH HOH A . 
E 5 HOH 48 284 284 HOH HOH A . 
E 5 HOH 49 286 286 HOH HOH A . 
E 5 HOH 50 292 292 HOH HOH A . 
E 5 HOH 51 293 293 HOH HOH A . 
E 5 HOH 52 294 294 HOH HOH A . 
E 5 HOH 53 295 295 HOH HOH A . 
E 5 HOH 54 298 298 HOH HOH A . 
E 5 HOH 55 301 301 HOH HOH A . 
E 5 HOH 56 305 305 HOH HOH A . 
E 5 HOH 57 316 316 HOH HOH A . 
E 5 HOH 58 318 318 HOH HOH A . 
E 5 HOH 59 323 323 HOH HOH A . 
E 5 HOH 60 332 332 HOH HOH A . 
E 5 HOH 61 340 340 HOH HOH A . 
E 5 HOH 62 341 341 HOH HOH A . 
E 5 HOH 63 342 342 HOH HOH A . 
E 5 HOH 64 344 344 HOH HOH A . 
E 5 HOH 65 345 345 HOH HOH A . 
E 5 HOH 66 346 346 HOH HOH A . 
E 5 HOH 67 347 347 HOH HOH A . 
E 5 HOH 68 348 348 HOH HOH A . 
E 5 HOH 69 349 349 HOH HOH A . 
E 5 HOH 70 350 350 HOH HOH A . 
E 5 HOH 71 351 351 HOH HOH A . 
E 5 HOH 72 353 353 HOH HOH A . 
E 5 HOH 73 354 354 HOH HOH A . 
E 5 HOH 74 355 355 HOH HOH A . 
E 5 HOH 75 358 358 HOH HOH A . 
E 5 HOH 76 359 359 HOH HOH A . 
E 5 HOH 77 360 360 HOH HOH A . 
E 5 HOH 78 361 361 HOH HOH A . 
E 5 HOH 79 362 362 HOH HOH A . 
E 5 HOH 80 363 363 HOH HOH A . 
E 5 HOH 81 364 364 HOH HOH A . 
E 5 HOH 82 366 366 HOH HOH A . 
E 5 HOH 83 367 367 HOH HOH A . 
E 5 HOH 84 368 368 HOH HOH A . 
E 5 HOH 85 369 369 HOH HOH A . 
E 5 HOH 86 370 370 HOH HOH A . 
# 
loop_
_software.name 
_software.classification 
_software.version 
_software.citation_id 
_software.pdbx_ordinal 
_software.date 
_software.type 
_software.location 
_software.language 
XENGEN 'data collection' SOFTWARE ? 1 ? ? ? ? 
XENGEN 'data reduction'  SOFTWARE ? 2 ? ? ? ? 
X-PLOR 'model building'  3.851    ? 3 ? ? ? ? 
X-PLOR refinement        3.851    ? 4 ? ? ? ? 
XENGEN 'data scaling'    .        ? 5 ? ? ? ? 
X-PLOR phasing           3.851    ? 6 ? ? ? ? 
# 
_cell.entry_id           1BK9 
_cell.length_a           82.820 
_cell.length_b           82.820 
_cell.length_c           32.800 
_cell.angle_alpha        90.00 
_cell.angle_beta         90.00 
_cell.angle_gamma        120.00 
_cell.Z_PDB              6 
_cell.pdbx_unique_axis   ? 
# 
_symmetry.entry_id                         1BK9 
_symmetry.space_group_name_H-M             'P 61' 
_symmetry.pdbx_full_space_group_name_H-M   ? 
_symmetry.cell_setting                     ? 
_symmetry.Int_Tables_number                169 
# 
_exptl.entry_id          1BK9 
_exptl.method            'X-RAY DIFFRACTION' 
_exptl.crystals_number   1 
# 
_exptl_crystal.id                    1 
_exptl_crystal.density_meas          ? 
_exptl_crystal.density_Matthews      2.32 
_exptl_crystal.density_percent_sol   47.01 
_exptl_crystal.description           ? 
_exptl_crystal.preparation           ? 
# 
_exptl_crystal_grow.crystal_id      1 
_exptl_crystal_grow.method          ? 
_exptl_crystal_grow.temp            ? 
_exptl_crystal_grow.temp_details    ? 
_exptl_crystal_grow.pH              6.5 
_exptl_crystal_grow.pdbx_pH_range   ? 
_exptl_crystal_grow.pdbx_details    'pH 6.5' 
# 
_diffrn.id                               1 
_diffrn.ambient_temp                     290 
_diffrn.ambient_temp_details             ? 
_diffrn.crystal_id                       1 
_diffrn.pdbx_serial_crystal_experiment   ? 
# 
_diffrn_detector.diffrn_id              1 
_diffrn_detector.detector               'AREA DETECTOR' 
_diffrn_detector.type                   SIEMENS 
_diffrn_detector.pdbx_collection_date   1996-04-05 
_diffrn_detector.details                ? 
# 
_diffrn_radiation.diffrn_id                        1 
_diffrn_radiation.wavelength_id                    1 
_diffrn_radiation.pdbx_monochromatic_or_laue_m_l   M 
_diffrn_radiation.monochromator                    'GRAPHITE(002)' 
_diffrn_radiation.pdbx_diffrn_protocol             ? 
_diffrn_radiation.pdbx_scattering_type             x-ray 
# 
_diffrn_radiation_wavelength.id           1 
_diffrn_radiation_wavelength.wavelength   1.5418 
_diffrn_radiation_wavelength.wt           1.0 
# 
_diffrn_source.diffrn_id                   1 
_diffrn_source.source                      'ROTATING ANODE' 
_diffrn_source.type                        'RIGAKU RUH2R' 
_diffrn_source.pdbx_synchrotron_site       ? 
_diffrn_source.pdbx_synchrotron_beamline   ? 
_diffrn_source.pdbx_wavelength             1.5418 
_diffrn_source.pdbx_wavelength_list        ? 
# 
_reflns.entry_id                     1BK9 
_reflns.observed_criterion_sigma_I   0 
_reflns.observed_criterion_sigma_F   ? 
_reflns.d_resolution_low             100 
_reflns.d_resolution_high            1.93 
_reflns.number_obs                   8600 
_reflns.number_all                   ? 
_reflns.percent_possible_obs         81.06 
_reflns.pdbx_Rmerge_I_obs            0.0619 
_reflns.pdbx_Rsym_value              0.0619 
_reflns.pdbx_netI_over_sigmaI        15.795 
_reflns.B_iso_Wilson_estimate        12.9 
_reflns.pdbx_redundancy              3.0 
_reflns.pdbx_diffrn_id               1 
_reflns.pdbx_ordinal                 1 
# 
_reflns_shell.d_res_high             1.93 
_reflns_shell.d_res_low              2.01 
_reflns_shell.percent_possible_all   34.6 
_reflns_shell.Rmerge_I_obs           0.034 
_reflns_shell.pdbx_Rsym_value        0.034 
_reflns_shell.meanI_over_sigI_obs    2.15 
_reflns_shell.pdbx_redundancy        1.9 
_reflns_shell.pdbx_diffrn_id         ? 
_reflns_shell.pdbx_ordinal           1 
# 
_refine.entry_id                                 1BK9 
_refine.ls_number_reflns_obs                     7440 
_refine.ls_number_reflns_all                     ? 
_refine.pdbx_ls_sigma_I                          ? 
_refine.pdbx_ls_sigma_F                          2.0 
_refine.pdbx_data_cutoff_high_absF               10000000.00 
_refine.pdbx_data_cutoff_low_absF                0.001 
_refine.pdbx_data_cutoff_high_rms_absF           ? 
_refine.ls_d_res_low                             6.00 
_refine.ls_d_res_high                            2.00 
_refine.ls_percent_reflns_obs                    87.1 
_refine.ls_R_factor_obs                          0.153 
_refine.ls_R_factor_all                          ? 
_refine.ls_R_factor_R_work                       0.153 
_refine.ls_R_factor_R_free                       0.226 
_refine.ls_R_factor_R_free_error                 0.008 
_refine.ls_R_factor_R_free_error_details         ? 
_refine.ls_percent_reflns_R_free                 10.8 
_refine.ls_number_reflns_R_free                  801 
_refine.ls_number_parameters                     ? 
_refine.ls_number_restraints                     ? 
_refine.occupancy_min                            ? 
_refine.occupancy_max                            ? 
_refine.B_iso_mean                               24.6 
_refine.aniso_B[1][1]                            0.00 
_refine.aniso_B[2][2]                            0.00 
_refine.aniso_B[3][3]                            0.00 
_refine.aniso_B[1][2]                            0.00 
_refine.aniso_B[1][3]                            0.00 
_refine.aniso_B[2][3]                            0.00 
_refine.solvent_model_details                    ? 
_refine.solvent_model_param_ksol                 ? 
_refine.solvent_model_param_bsol                 ? 
_refine.pdbx_ls_cross_valid_method               THROUGHOUT 
_refine.details                                  'TOPHBR.PHI,TOPHBR.PRO, TOPHBR.WAT' 
_refine.pdbx_starting_model                      'ACIDIC PLA2 (PDB ENTRY 1PSJ)' 
_refine.pdbx_method_to_determine_struct          'DIFFERENT FOURIER' 
_refine.pdbx_isotropic_thermal_model             RESTRAINED 
_refine.pdbx_stereochemistry_target_values       ? 
_refine.pdbx_stereochem_target_val_spec_case     ? 
_refine.pdbx_R_Free_selection_details            RANDOM 
_refine.pdbx_overall_ESU_R                       ? 
_refine.pdbx_overall_ESU_R_Free                  ? 
_refine.overall_SU_ML                            ? 
_refine.overall_SU_B                             ? 
_refine.pdbx_refine_id                           'X-RAY DIFFRACTION' 
_refine.pdbx_diffrn_id                           1 
_refine.pdbx_TLS_residual_ADP_flag               ? 
_refine.correlation_coeff_Fo_to_Fc               ? 
_refine.correlation_coeff_Fo_to_Fc_free          ? 
_refine.pdbx_solvent_vdw_probe_radii             ? 
_refine.pdbx_solvent_ion_probe_radii             ? 
_refine.pdbx_solvent_shrinkage_radii             ? 
_refine.pdbx_overall_phase_error                 ? 
_refine.overall_SU_R_Cruickshank_DPI             ? 
_refine.pdbx_overall_SU_R_free_Cruickshank_DPI   ? 
_refine.pdbx_overall_SU_R_Blow_DPI               ? 
_refine.pdbx_overall_SU_R_free_Blow_DPI          ? 
# 
_refine_analyze.entry_id                        1BK9 
_refine_analyze.Luzzati_coordinate_error_obs    0.17 
_refine_analyze.Luzzati_sigma_a_obs             0.18 
_refine_analyze.Luzzati_d_res_low_obs           6.00 
_refine_analyze.Luzzati_coordinate_error_free   0.23 
_refine_analyze.Luzzati_sigma_a_free            0.07 
_refine_analyze.Luzzati_d_res_low_free          ? 
_refine_analyze.number_disordered_residues      ? 
_refine_analyze.occupancy_sum_hydrogen          ? 
_refine_analyze.occupancy_sum_non_hydrogen      ? 
_refine_analyze.pdbx_refine_id                  'X-RAY DIFFRACTION' 
# 
_refine_hist.pdbx_refine_id                   'X-RAY DIFFRACTION' 
_refine_hist.cycle_id                         LAST 
_refine_hist.pdbx_number_atoms_protein        970 
_refine_hist.pdbx_number_atoms_nucleic_acid   0 
_refine_hist.pdbx_number_atoms_ligand         17 
_refine_hist.number_atoms_solvent             89 
_refine_hist.number_atoms_total               1076 
_refine_hist.d_res_high                       2.00 
_refine_hist.d_res_low                        6.00 
# 
loop_
_refine_ls_restr.type 
_refine_ls_restr.dev_ideal 
_refine_ls_restr.dev_ideal_target 
_refine_ls_restr.weight 
_refine_ls_restr.number 
_refine_ls_restr.pdbx_refine_id 
_refine_ls_restr.pdbx_restraint_function 
x_bond_d                0.013 ?    ? ? 'X-RAY DIFFRACTION' ? 
x_bond_d_na             ?     ?    ? ? 'X-RAY DIFFRACTION' ? 
x_bond_d_prot           ?     ?    ? ? 'X-RAY DIFFRACTION' ? 
x_angle_d               ?     ?    ? ? 'X-RAY DIFFRACTION' ? 
x_angle_d_na            ?     ?    ? ? 'X-RAY DIFFRACTION' ? 
x_angle_d_prot          ?     ?    ? ? 'X-RAY DIFFRACTION' ? 
x_angle_deg             2.8   ?    ? ? 'X-RAY DIFFRACTION' ? 
x_angle_deg_na          ?     ?    ? ? 'X-RAY DIFFRACTION' ? 
x_angle_deg_prot        ?     ?    ? ? 'X-RAY DIFFRACTION' ? 
x_dihedral_angle_d      22.4  ?    ? ? 'X-RAY DIFFRACTION' ? 
x_dihedral_angle_d_na   ?     ?    ? ? 'X-RAY DIFFRACTION' ? 
x_dihedral_angle_d_prot ?     ?    ? ? 'X-RAY DIFFRACTION' ? 
x_improper_angle_d      1.14  ?    ? ? 'X-RAY DIFFRACTION' ? 
x_improper_angle_d_na   ?     ?    ? ? 'X-RAY DIFFRACTION' ? 
x_improper_angle_d_prot ?     ?    ? ? 'X-RAY DIFFRACTION' ? 
x_mcbond_it             1.59  1.50 ? ? 'X-RAY DIFFRACTION' ? 
x_mcangle_it            2.53  2.00 ? ? 'X-RAY DIFFRACTION' ? 
x_scbond_it             3.01  2.00 ? ? 'X-RAY DIFFRACTION' ? 
x_scangle_it            4.47  2.50 ? ? 'X-RAY DIFFRACTION' ? 
# 
_refine_ls_shell.pdbx_total_number_of_bins_used   8 
_refine_ls_shell.d_res_high                       2.00 
_refine_ls_shell.d_res_low                        2.09 
_refine_ls_shell.number_reflns_R_work             620 
_refine_ls_shell.R_factor_R_work                  0.225 
_refine_ls_shell.percent_reflns_obs               66.0 
_refine_ls_shell.R_factor_R_free                  0.215 
_refine_ls_shell.R_factor_R_free_error            0.024 
_refine_ls_shell.percent_reflns_R_free            11.2 
_refine_ls_shell.number_reflns_R_free             78 
_refine_ls_shell.pdbx_refine_id                   'X-RAY DIFFRACTION' 
_refine_ls_shell.number_reflns_all                ? 
_refine_ls_shell.R_factor_all                     ? 
# 
loop_
_pdbx_xplor_file.serial_no 
_pdbx_xplor_file.param_file 
_pdbx_xplor_file.topol_file 
_pdbx_xplor_file.pdbx_refine_id 
1 PARAMBR.PRO TOPHBR.BUT 'X-RAY DIFFRACTION' 
2 PARAMBR.PBP TOPHBR.ICA 'X-RAY DIFFRACTION' 
3 ?           TOPHBR.PBP 'X-RAY DIFFRACTION' 
4 ?           TOPHBR.PEP 'X-RAY DIFFRACTION' 
# 
_struct.entry_id                  1BK9 
_struct.title                     'PHOSPHOLIPASE A2 MODIFIED BY PBPB' 
_struct.pdbx_model_details        ? 
_struct.pdbx_CASP_flag            ? 
_struct.pdbx_model_type_details   ? 
# 
_struct_keywords.entry_id        1BK9 
_struct_keywords.pdbx_keywords   HYDROLASE 
_struct_keywords.text            'HYDROLASE, PHOSPHOLIPASE A2, PLATELET AGGREGATION INHIBITOR, PBPB' 
# 
loop_
_struct_asym.id 
_struct_asym.pdbx_blank_PDB_chainid_flag 
_struct_asym.pdbx_modified 
_struct_asym.entity_id 
_struct_asym.details 
A N N 1 ? 
B N N 2 ? 
C N N 3 ? 
D N N 4 ? 
E N N 5 ? 
# 
_struct_ref.id                         1 
_struct_ref.db_name                    UNP 
_struct_ref.db_code                    PA21B_AGKHP 
_struct_ref.entity_id                  1 
_struct_ref.pdbx_db_accession          P14418 
_struct_ref.pdbx_align_begin           1 
_struct_ref.pdbx_seq_one_letter_code   
;SLIQFETLIMKVAKKSGMFWYSNYGCYCGWGGQGRPQDATDRCCFVHDCCYGKVTGCDPKMDVYSFSEENGDIVCGGDDP
CKKEICECDRAAAICFRDNLTLYNDKKYWAFGAKNCPQEESEPC
;
_struct_ref.pdbx_db_isoform            ? 
# 
_struct_ref_seq.align_id                      1 
_struct_ref_seq.ref_id                        1 
_struct_ref_seq.pdbx_PDB_id_code              1BK9 
_struct_ref_seq.pdbx_strand_id                A 
_struct_ref_seq.seq_align_beg                 1 
_struct_ref_seq.pdbx_seq_align_beg_ins_code   ? 
_struct_ref_seq.seq_align_end                 124 
_struct_ref_seq.pdbx_seq_align_end_ins_code   ? 
_struct_ref_seq.pdbx_db_accession             P14418 
_struct_ref_seq.db_align_beg                  1 
_struct_ref_seq.pdbx_db_align_beg_ins_code    ? 
_struct_ref_seq.db_align_end                  124 
_struct_ref_seq.pdbx_db_align_end_ins_code    ? 
_struct_ref_seq.pdbx_auth_seq_align_beg       1 
_struct_ref_seq.pdbx_auth_seq_align_end       134 
# 
_pdbx_struct_assembly.id                   1 
_pdbx_struct_assembly.details              author_defined_assembly 
_pdbx_struct_assembly.method_details       ? 
_pdbx_struct_assembly.oligomeric_details   monomeric 
_pdbx_struct_assembly.oligomeric_count     1 
# 
_pdbx_struct_assembly_gen.assembly_id       1 
_pdbx_struct_assembly_gen.oper_expression   1 
_pdbx_struct_assembly_gen.asym_id_list      A,B,C,D,E 
# 
_pdbx_struct_oper_list.id                   1 
_pdbx_struct_oper_list.type                 'identity operation' 
_pdbx_struct_oper_list.name                 1_555 
_pdbx_struct_oper_list.symmetry_operation   x,y,z 
_pdbx_struct_oper_list.matrix[1][1]         1.0000000000 
_pdbx_struct_oper_list.matrix[1][2]         0.0000000000 
_pdbx_struct_oper_list.matrix[1][3]         0.0000000000 
_pdbx_struct_oper_list.vector[1]            0.0000000000 
_pdbx_struct_oper_list.matrix[2][1]         0.0000000000 
_pdbx_struct_oper_list.matrix[2][2]         1.0000000000 
_pdbx_struct_oper_list.matrix[2][3]         0.0000000000 
_pdbx_struct_oper_list.vector[2]            0.0000000000 
_pdbx_struct_oper_list.matrix[3][1]         0.0000000000 
_pdbx_struct_oper_list.matrix[3][2]         0.0000000000 
_pdbx_struct_oper_list.matrix[3][3]         1.0000000000 
_pdbx_struct_oper_list.vector[3]            0.0000000000 
# 
loop_
_struct_conf.conf_type_id 
_struct_conf.id 
_struct_conf.pdbx_PDB_helix_id 
_struct_conf.beg_label_comp_id 
_struct_conf.beg_label_asym_id 
_struct_conf.beg_label_seq_id 
_struct_conf.pdbx_beg_PDB_ins_code 
_struct_conf.end_label_comp_id 
_struct_conf.end_label_asym_id 
_struct_conf.end_label_seq_id 
_struct_conf.pdbx_end_PDB_ins_code 
_struct_conf.beg_auth_comp_id 
_struct_conf.beg_auth_asym_id 
_struct_conf.beg_auth_seq_id 
_struct_conf.end_auth_comp_id 
_struct_conf.end_auth_asym_id 
_struct_conf.end_auth_seq_id 
_struct_conf.pdbx_PDB_helix_class 
_struct_conf.details 
_struct_conf.pdbx_PDB_helix_length 
HELX_P HELX_P1 1 LEU A 2   ? ALA A 13  ? LEU A 2   ALA A 13  1 ? 12 
HELX_P HELX_P2 2 GLY A 17  ? TRP A 20  ? GLY A 18  TRP A 21  1 ? 4  
HELX_P HELX_P3 3 ALA A 39  ? LYS A 53  ? ALA A 40  LYS A 54  1 ? 15 
HELX_P HELX_P4 4 PRO A 80  ? LEU A 102 ? PRO A 90  LEU A 112 1 ? 23 
HELX_P HELX_P5 5 ASP A 105 ? TYR A 108 ? ASP A 115 TYR A 118 1 ? 4  
HELX_P HELX_P6 6 ALA A 113 ? CYS A 116 ? ALA A 123 CYS A 126 5 ? 4  
HELX_P HELX_P7 7 GLN A 118 ? GLU A 120 ? GLN A 128 GLU A 130 5 ? 3  
# 
_struct_conf_type.id          HELX_P 
_struct_conf_type.criteria    ? 
_struct_conf_type.reference   ? 
# 
loop_
_struct_conn.id 
_struct_conn.conn_type_id 
_struct_conn.pdbx_leaving_atom_flag 
_struct_conn.pdbx_PDB_id 
_struct_conn.ptnr1_label_asym_id 
_struct_conn.ptnr1_label_comp_id 
_struct_conn.ptnr1_label_seq_id 
_struct_conn.ptnr1_label_atom_id 
_struct_conn.pdbx_ptnr1_label_alt_id 
_struct_conn.pdbx_ptnr1_PDB_ins_code 
_struct_conn.pdbx_ptnr1_standard_comp_id 
_struct_conn.ptnr1_symmetry 
_struct_conn.ptnr2_label_asym_id 
_struct_conn.ptnr2_label_comp_id 
_struct_conn.ptnr2_label_seq_id 
_struct_conn.ptnr2_label_atom_id 
_struct_conn.pdbx_ptnr2_label_alt_id 
_struct_conn.pdbx_ptnr2_PDB_ins_code 
_struct_conn.ptnr1_auth_asym_id 
_struct_conn.ptnr1_auth_comp_id 
_struct_conn.ptnr1_auth_seq_id 
_struct_conn.ptnr2_auth_asym_id 
_struct_conn.ptnr2_auth_comp_id 
_struct_conn.ptnr2_auth_seq_id 
_struct_conn.ptnr2_symmetry 
_struct_conn.pdbx_ptnr3_label_atom_id 
_struct_conn.pdbx_ptnr3_label_seq_id 
_struct_conn.pdbx_ptnr3_label_comp_id 
_struct_conn.pdbx_ptnr3_label_asym_id 
_struct_conn.pdbx_ptnr3_label_alt_id 
_struct_conn.pdbx_ptnr3_PDB_ins_code 
_struct_conn.details 
_struct_conn.pdbx_dist_value 
_struct_conn.pdbx_value_order 
_struct_conn.pdbx_role 
disulf1 disulf ?   ? A CYS 26 SG  ? ? ? 1_555 A CYS 116 SG ? ? A CYS 27 A CYS 126 1_555 ? ? ? ? ? ? ? 2.029 ? ? 
disulf2 disulf ?   ? A CYS 28 SG  ? ? ? 1_555 A CYS 44  SG ? ? A CYS 29 A CYS 45  1_555 ? ? ? ? ? ? ? 2.024 ? ? 
disulf3 disulf ?   ? A CYS 43 SG  ? ? ? 1_555 A CYS 95  SG ? ? A CYS 44 A CYS 105 1_555 ? ? ? ? ? ? ? 2.010 ? ? 
disulf4 disulf ?   ? A CYS 49 SG  ? ? ? 1_555 A CYS 124 SG ? ? A CYS 50 A CYS 134 1_555 ? ? ? ? ? ? ? 2.037 ? ? 
disulf5 disulf ?   ? A CYS 50 SG  ? ? ? 1_555 A CYS 88  SG ? ? A CYS 51 A CYS 98  1_555 ? ? ? ? ? ? ? 2.014 ? ? 
disulf6 disulf ?   ? A CYS 57 SG  ? ? ? 1_555 A CYS 81  SG ? ? A CYS 61 A CYS 91  1_555 ? ? ? ? ? ? ? 2.019 ? ? 
disulf7 disulf ?   ? A CYS 75 SG  ? ? ? 1_555 A CYS 86  SG ? ? A CYS 84 A CYS 96  1_555 ? ? ? ? ? ? ? 1.996 ? ? 
covale1 covale one ? A HIS 47 ND1 ? ? ? 1_555 C PBP .   CH ? ? A HIS 48 A PBP 400 1_555 ? ? ? ? ? ? ? 1.463 ? ? 
metalc1 metalc ?   ? A TYR 27 O   ? ? ? 1_555 B CA  .   CA ? ? A TYR 28 A CA  200 1_555 ? ? ? ? ? ? ? 2.332 ? ? 
metalc2 metalc ?   ? A GLY 29 O   ? ? ? 1_555 B CA  .   CA ? ? A GLY 30 A CA  200 1_555 ? ? ? ? ? ? ? 2.301 ? ? 
metalc3 metalc ?   ? A GLY 31 O   ? ? ? 1_555 B CA  .   CA ? ? A GLY 32 A CA  200 1_555 ? ? ? ? ? ? ? 2.346 ? ? 
metalc4 metalc ?   ? A ASP 48 OD2 ? ? ? 1_555 B CA  .   CA ? ? A ASP 49 A CA  200 1_555 ? ? ? ? ? ? ? 2.456 ? ? 
metalc5 metalc ?   ? A ASP 48 OD1 ? ? ? 1_555 B CA  .   CA ? ? A ASP 49 A CA  200 1_555 ? ? ? ? ? ? ? 3.053 ? ? 
# 
loop_
_struct_conn_type.id 
_struct_conn_type.criteria 
_struct_conn_type.reference 
disulf ? ? 
covale ? ? 
metalc ? ? 
# 
loop_
_pdbx_struct_conn_angle.id 
_pdbx_struct_conn_angle.ptnr1_label_atom_id 
_pdbx_struct_conn_angle.ptnr1_label_alt_id 
_pdbx_struct_conn_angle.ptnr1_label_asym_id 
_pdbx_struct_conn_angle.ptnr1_label_comp_id 
_pdbx_struct_conn_angle.ptnr1_label_seq_id 
_pdbx_struct_conn_angle.ptnr1_auth_atom_id 
_pdbx_struct_conn_angle.ptnr1_auth_asym_id 
_pdbx_struct_conn_angle.ptnr1_auth_comp_id 
_pdbx_struct_conn_angle.ptnr1_auth_seq_id 
_pdbx_struct_conn_angle.ptnr1_PDB_ins_code 
_pdbx_struct_conn_angle.ptnr1_symmetry 
_pdbx_struct_conn_angle.ptnr2_label_atom_id 
_pdbx_struct_conn_angle.ptnr2_label_alt_id 
_pdbx_struct_conn_angle.ptnr2_label_asym_id 
_pdbx_struct_conn_angle.ptnr2_label_comp_id 
_pdbx_struct_conn_angle.ptnr2_label_seq_id 
_pdbx_struct_conn_angle.ptnr2_auth_atom_id 
_pdbx_struct_conn_angle.ptnr2_auth_asym_id 
_pdbx_struct_conn_angle.ptnr2_auth_comp_id 
_pdbx_struct_conn_angle.ptnr2_auth_seq_id 
_pdbx_struct_conn_angle.ptnr2_PDB_ins_code 
_pdbx_struct_conn_angle.ptnr2_symmetry 
_pdbx_struct_conn_angle.ptnr3_label_atom_id 
_pdbx_struct_conn_angle.ptnr3_label_alt_id 
_pdbx_struct_conn_angle.ptnr3_label_asym_id 
_pdbx_struct_conn_angle.ptnr3_label_comp_id 
_pdbx_struct_conn_angle.ptnr3_label_seq_id 
_pdbx_struct_conn_angle.ptnr3_auth_atom_id 
_pdbx_struct_conn_angle.ptnr3_auth_asym_id 
_pdbx_struct_conn_angle.ptnr3_auth_comp_id 
_pdbx_struct_conn_angle.ptnr3_auth_seq_id 
_pdbx_struct_conn_angle.ptnr3_PDB_ins_code 
_pdbx_struct_conn_angle.ptnr3_symmetry 
_pdbx_struct_conn_angle.value 
_pdbx_struct_conn_angle.value_esd 
1  O   ? A TYR 27 ? A TYR 28 ? 1_555 CA ? B CA . ? A CA 200 ? 1_555 O   ? A GLY 29 ? A GLY 30 ? 1_555 87.5  ? 
2  O   ? A TYR 27 ? A TYR 28 ? 1_555 CA ? B CA . ? A CA 200 ? 1_555 O   ? A GLY 31 ? A GLY 32 ? 1_555 109.2 ? 
3  O   ? A GLY 29 ? A GLY 30 ? 1_555 CA ? B CA . ? A CA 200 ? 1_555 O   ? A GLY 31 ? A GLY 32 ? 1_555 98.8  ? 
4  O   ? A TYR 27 ? A TYR 28 ? 1_555 CA ? B CA . ? A CA 200 ? 1_555 OD2 ? A ASP 48 ? A ASP 49 ? 1_555 107.1 ? 
5  O   ? A GLY 29 ? A GLY 30 ? 1_555 CA ? B CA . ? A CA 200 ? 1_555 OD2 ? A ASP 48 ? A ASP 49 ? 1_555 160.0 ? 
6  O   ? A GLY 31 ? A GLY 32 ? 1_555 CA ? B CA . ? A CA 200 ? 1_555 OD2 ? A ASP 48 ? A ASP 49 ? 1_555 89.3  ? 
7  O   ? A TYR 27 ? A TYR 28 ? 1_555 CA ? B CA . ? A CA 200 ? 1_555 OD1 ? A ASP 48 ? A ASP 49 ? 1_555 122.4 ? 
8  O   ? A GLY 29 ? A GLY 30 ? 1_555 CA ? B CA . ? A CA 200 ? 1_555 OD1 ? A ASP 48 ? A ASP 49 ? 1_555 115.3 ? 
9  O   ? A GLY 31 ? A GLY 32 ? 1_555 CA ? B CA . ? A CA 200 ? 1_555 OD1 ? A ASP 48 ? A ASP 49 ? 1_555 117.3 ? 
10 OD2 ? A ASP 48 ? A ASP 49 ? 1_555 CA ? B CA . ? A CA 200 ? 1_555 OD1 ? A ASP 48 ? A ASP 49 ? 1_555 45.4  ? 
# 
loop_
_pdbx_modification_feature.ordinal 
_pdbx_modification_feature.label_comp_id 
_pdbx_modification_feature.label_asym_id 
_pdbx_modification_feature.label_seq_id 
_pdbx_modification_feature.label_alt_id 
_pdbx_modification_feature.modified_residue_label_comp_id 
_pdbx_modification_feature.modified_residue_label_asym_id 
_pdbx_modification_feature.modified_residue_label_seq_id 
_pdbx_modification_feature.modified_residue_label_alt_id 
_pdbx_modification_feature.auth_comp_id 
_pdbx_modification_feature.auth_asym_id 
_pdbx_modification_feature.auth_seq_id 
_pdbx_modification_feature.PDB_ins_code 
_pdbx_modification_feature.symmetry 
_pdbx_modification_feature.modified_residue_auth_comp_id 
_pdbx_modification_feature.modified_residue_auth_asym_id 
_pdbx_modification_feature.modified_residue_auth_seq_id 
_pdbx_modification_feature.modified_residue_PDB_ins_code 
_pdbx_modification_feature.modified_residue_symmetry 
_pdbx_modification_feature.comp_id_linking_atom 
_pdbx_modification_feature.modified_residue_id_linking_atom 
_pdbx_modification_feature.modified_residue_id 
_pdbx_modification_feature.ref_pcm_id 
_pdbx_modification_feature.ref_comp_id 
_pdbx_modification_feature.type 
_pdbx_modification_feature.category 
1 PBP C .  ? HIS A 47  ? PBP A 400 ? 1_555 HIS A 48  ? 1_555 CH ND1 HIS 2 PBP None 'Covalent chemical modification' 
2 CYS A 26 ? CYS A 116 ? CYS A 27  ? 1_555 CYS A 126 ? 1_555 SG SG  .   . .   None 'Disulfide bridge'               
3 CYS A 28 ? CYS A 44  ? CYS A 29  ? 1_555 CYS A 45  ? 1_555 SG SG  .   . .   None 'Disulfide bridge'               
4 CYS A 43 ? CYS A 95  ? CYS A 44  ? 1_555 CYS A 105 ? 1_555 SG SG  .   . .   None 'Disulfide bridge'               
5 CYS A 49 ? CYS A 124 ? CYS A 50  ? 1_555 CYS A 134 ? 1_555 SG SG  .   . .   None 'Disulfide bridge'               
6 CYS A 50 ? CYS A 88  ? CYS A 51  ? 1_555 CYS A 98  ? 1_555 SG SG  .   . .   None 'Disulfide bridge'               
7 CYS A 57 ? CYS A 81  ? CYS A 61  ? 1_555 CYS A 91  ? 1_555 SG SG  .   . .   None 'Disulfide bridge'               
8 CYS A 75 ? CYS A 86  ? CYS A 84  ? 1_555 CYS A 96  ? 1_555 SG SG  .   . .   None 'Disulfide bridge'               
# 
_struct_sheet.id               A 
_struct_sheet.type             ? 
_struct_sheet.number_strands   2 
_struct_sheet.details          ? 
# 
_struct_sheet_order.sheet_id     A 
_struct_sheet_order.range_id_1   1 
_struct_sheet_order.range_id_2   2 
_struct_sheet_order.offset       ? 
_struct_sheet_order.sense        anti-parallel 
# 
loop_
_struct_sheet_range.sheet_id 
_struct_sheet_range.id 
_struct_sheet_range.beg_label_comp_id 
_struct_sheet_range.beg_label_asym_id 
_struct_sheet_range.beg_label_seq_id 
_struct_sheet_range.pdbx_beg_PDB_ins_code 
_struct_sheet_range.end_label_comp_id 
_struct_sheet_range.end_label_asym_id 
_struct_sheet_range.end_label_seq_id 
_struct_sheet_range.pdbx_end_PDB_ins_code 
_struct_sheet_range.beg_auth_comp_id 
_struct_sheet_range.beg_auth_asym_id 
_struct_sheet_range.beg_auth_seq_id 
_struct_sheet_range.end_auth_comp_id 
_struct_sheet_range.end_auth_asym_id 
_struct_sheet_range.end_auth_seq_id 
A 1 SER A 65 ? GLU A 69 ? SER A 74 GLU A 78 
A 2 ASP A 72 ? GLY A 76 ? ASP A 81 GLY A 85 
# 
_pdbx_struct_sheet_hbond.sheet_id                A 
_pdbx_struct_sheet_hbond.range_id_1              1 
_pdbx_struct_sheet_hbond.range_id_2              2 
_pdbx_struct_sheet_hbond.range_1_label_atom_id   O 
_pdbx_struct_sheet_hbond.range_1_label_comp_id   SER 
_pdbx_struct_sheet_hbond.range_1_label_asym_id   A 
_pdbx_struct_sheet_hbond.range_1_label_seq_id    65 
_pdbx_struct_sheet_hbond.range_1_PDB_ins_code    ? 
_pdbx_struct_sheet_hbond.range_1_auth_atom_id    O 
_pdbx_struct_sheet_hbond.range_1_auth_comp_id    SER 
_pdbx_struct_sheet_hbond.range_1_auth_asym_id    A 
_pdbx_struct_sheet_hbond.range_1_auth_seq_id     74 
_pdbx_struct_sheet_hbond.range_2_label_atom_id   N 
_pdbx_struct_sheet_hbond.range_2_label_comp_id   GLY 
_pdbx_struct_sheet_hbond.range_2_label_asym_id   A 
_pdbx_struct_sheet_hbond.range_2_label_seq_id    76 
_pdbx_struct_sheet_hbond.range_2_PDB_ins_code    ? 
_pdbx_struct_sheet_hbond.range_2_auth_atom_id    N 
_pdbx_struct_sheet_hbond.range_2_auth_comp_id    GLY 
_pdbx_struct_sheet_hbond.range_2_auth_asym_id    A 
_pdbx_struct_sheet_hbond.range_2_auth_seq_id     85 
# 
loop_
_struct_site.id 
_struct_site.pdbx_evidence_code 
_struct_site.pdbx_auth_asym_id 
_struct_site.pdbx_auth_comp_id 
_struct_site.pdbx_auth_seq_id 
_struct_site.pdbx_auth_ins_code 
_struct_site.pdbx_num_residues 
_struct_site.details 
PBP Unknown  ? ?   ?   ? 1 'P-BROMO-PHENACYL-BROMIDE COVALENTLY BINDING WITH ND1 OF HIS 48.' 
AC1 Software A CA  200 ? 4 'BINDING SITE FOR RESIDUE CA A 200'                               
AC2 Software A PBP 400 ? 4 'BINDING SITE FOR RESIDUE PBP A 400'                              
AC3 Software A BU1 601 ? 7 'BINDING SITE FOR RESIDUE BU1 A 601'                              
# 
loop_
_struct_site_gen.id 
_struct_site_gen.site_id 
_struct_site_gen.pdbx_num_res 
_struct_site_gen.label_comp_id 
_struct_site_gen.label_asym_id 
_struct_site_gen.label_seq_id 
_struct_site_gen.pdbx_auth_ins_code 
_struct_site_gen.auth_comp_id 
_struct_site_gen.auth_asym_id 
_struct_site_gen.auth_seq_id 
_struct_site_gen.label_atom_id 
_struct_site_gen.label_alt_id 
_struct_site_gen.symmetry 
_struct_site_gen.details 
1  PBP 1 HIS A 47 ? HIS A 48  . ? 1_555 ? 
2  AC1 4 TYR A 27 ? TYR A 28  . ? 1_555 ? 
3  AC1 4 GLY A 29 ? GLY A 30  . ? 1_555 ? 
4  AC1 4 GLY A 31 ? GLY A 32  . ? 1_555 ? 
5  AC1 4 ASP A 48 ? ASP A 49  . ? 1_555 ? 
6  AC2 4 TYR A 21 ? TYR A 22  . ? 1_555 ? 
7  AC2 4 GLY A 29 ? GLY A 30  . ? 1_555 ? 
8  AC2 4 HIS A 47 ? HIS A 48  . ? 1_555 ? 
9  AC2 4 ASP A 48 ? ASP A 49  . ? 1_555 ? 
10 AC3 7 MET A 18 ? MET A 19  . ? 6_655 ? 
11 AC3 7 PHE A 19 ? PHE A 20  . ? 6_655 ? 
12 AC3 7 SER A 22 ? SER A 23  . ? 6_655 ? 
13 AC3 7 PRO A 36 ? PRO A 37  . ? 1_555 ? 
14 AC3 7 ASP A 38 ? ASP A 39  . ? 1_555 ? 
15 AC3 7 ARG A 42 ? ARG A 43  . ? 1_555 ? 
16 AC3 7 HOH E .  ? HOH A 316 . ? 1_555 ? 
# 
_pdbx_entry_details.entry_id                   1BK9 
_pdbx_entry_details.compound_details           ? 
_pdbx_entry_details.source_details             ? 
_pdbx_entry_details.nonpolymer_details         ? 
_pdbx_entry_details.sequence_details           ? 
_pdbx_entry_details.has_ligand_of_interest     ? 
_pdbx_entry_details.has_protein_modification   Y 
# 
loop_
_pdbx_validate_rmsd_angle.id 
_pdbx_validate_rmsd_angle.PDB_model_num 
_pdbx_validate_rmsd_angle.auth_atom_id_1 
_pdbx_validate_rmsd_angle.auth_asym_id_1 
_pdbx_validate_rmsd_angle.auth_comp_id_1 
_pdbx_validate_rmsd_angle.auth_seq_id_1 
_pdbx_validate_rmsd_angle.PDB_ins_code_1 
_pdbx_validate_rmsd_angle.label_alt_id_1 
_pdbx_validate_rmsd_angle.auth_atom_id_2 
_pdbx_validate_rmsd_angle.auth_asym_id_2 
_pdbx_validate_rmsd_angle.auth_comp_id_2 
_pdbx_validate_rmsd_angle.auth_seq_id_2 
_pdbx_validate_rmsd_angle.PDB_ins_code_2 
_pdbx_validate_rmsd_angle.label_alt_id_2 
_pdbx_validate_rmsd_angle.auth_atom_id_3 
_pdbx_validate_rmsd_angle.auth_asym_id_3 
_pdbx_validate_rmsd_angle.auth_comp_id_3 
_pdbx_validate_rmsd_angle.auth_seq_id_3 
_pdbx_validate_rmsd_angle.PDB_ins_code_3 
_pdbx_validate_rmsd_angle.label_alt_id_3 
_pdbx_validate_rmsd_angle.angle_value 
_pdbx_validate_rmsd_angle.angle_target_value 
_pdbx_validate_rmsd_angle.angle_deviation 
_pdbx_validate_rmsd_angle.angle_standard_deviation 
_pdbx_validate_rmsd_angle.linker_flag 
1  1 CD1 A TRP 21  ? ? CG  A TRP 21  ? ? CD2 A TRP 21  ? ? 112.62 106.30 6.32  0.80 N 
2  1 CE2 A TRP 21  ? ? CD2 A TRP 21  ? ? CG  A TRP 21  ? ? 101.40 107.30 -5.90 0.80 N 
3  1 CD1 A TRP 31  ? ? CG  A TRP 31  ? ? CD2 A TRP 31  ? ? 113.02 106.30 6.72  0.80 N 
4  1 CE2 A TRP 31  ? ? CD2 A TRP 31  ? ? CG  A TRP 31  ? ? 101.75 107.30 -5.55 0.80 N 
5  1 CA  A GLN 34  ? ? CB  A GLN 34  ? ? CG  A GLN 34  ? ? 127.41 113.40 14.01 2.20 N 
6  1 NE  A ARG 43  ? ? CZ  A ARG 43  ? ? NH2 A ARG 43  ? ? 117.24 120.30 -3.06 0.50 N 
7  1 CB  A TYR 52  ? ? CG  A TYR 52  ? ? CD2 A TYR 52  ? ? 116.48 121.00 -4.52 0.60 N 
8  1 CB  A TYR 73  ? ? CG  A TYR 73  ? ? CD2 A TYR 73  ? ? 116.53 121.00 -4.47 0.60 N 
9  1 NE  A ARG 100 ? ? CZ  A ARG 100 ? ? NH1 A ARG 100 ? ? 123.51 120.30 3.21  0.50 N 
10 1 CB  A TYR 113 ? ? CG  A TYR 113 ? ? CD1 A TYR 113 ? ? 116.97 121.00 -4.03 0.60 N 
11 1 CD1 A TRP 119 ? ? CG  A TRP 119 ? ? CD2 A TRP 119 ? ? 112.41 106.30 6.11  0.80 N 
12 1 CE2 A TRP 119 ? ? CD2 A TRP 119 ? ? CG  A TRP 119 ? ? 101.57 107.30 -5.73 0.80 N 
# 
loop_
_pdbx_validate_torsion.id 
_pdbx_validate_torsion.PDB_model_num 
_pdbx_validate_torsion.auth_comp_id 
_pdbx_validate_torsion.auth_asym_id 
_pdbx_validate_torsion.auth_seq_id 
_pdbx_validate_torsion.PDB_ins_code 
_pdbx_validate_torsion.label_alt_id 
_pdbx_validate_torsion.phi 
_pdbx_validate_torsion.psi 
1 1 ASN A 24  ? ? -155.71 54.07 
2 1 ASN A 79  ? ? 47.23   29.70 
3 1 ASN A 114 ? ? -154.03 82.29 
# 
_pdbx_distant_solvent_atoms.id                                1 
_pdbx_distant_solvent_atoms.PDB_model_num                     1 
_pdbx_distant_solvent_atoms.auth_atom_id                      O 
_pdbx_distant_solvent_atoms.label_alt_id                      ? 
_pdbx_distant_solvent_atoms.auth_asym_id                      A 
_pdbx_distant_solvent_atoms.auth_comp_id                      HOH 
_pdbx_distant_solvent_atoms.auth_seq_id                       224 
_pdbx_distant_solvent_atoms.PDB_ins_code                      ? 
_pdbx_distant_solvent_atoms.neighbor_macromolecule_distance   5.97 
_pdbx_distant_solvent_atoms.neighbor_ligand_distance          . 
# 
loop_
_chem_comp_atom.comp_id 
_chem_comp_atom.atom_id 
_chem_comp_atom.type_symbol 
_chem_comp_atom.pdbx_aromatic_flag 
_chem_comp_atom.pdbx_stereo_config 
_chem_comp_atom.pdbx_ordinal 
ALA N    N  N N 1   
ALA CA   C  N S 2   
ALA C    C  N N 3   
ALA O    O  N N 4   
ALA CB   C  N N 5   
ALA OXT  O  N N 6   
ALA H    H  N N 7   
ALA H2   H  N N 8   
ALA HA   H  N N 9   
ALA HB1  H  N N 10  
ALA HB2  H  N N 11  
ALA HB3  H  N N 12  
ALA HXT  H  N N 13  
ARG N    N  N N 14  
ARG CA   C  N S 15  
ARG C    C  N N 16  
ARG O    O  N N 17  
ARG CB   C  N N 18  
ARG CG   C  N N 19  
ARG CD   C  N N 20  
ARG NE   N  N N 21  
ARG CZ   C  N N 22  
ARG NH1  N  N N 23  
ARG NH2  N  N N 24  
ARG OXT  O  N N 25  
ARG H    H  N N 26  
ARG H2   H  N N 27  
ARG HA   H  N N 28  
ARG HB2  H  N N 29  
ARG HB3  H  N N 30  
ARG HG2  H  N N 31  
ARG HG3  H  N N 32  
ARG HD2  H  N N 33  
ARG HD3  H  N N 34  
ARG HE   H  N N 35  
ARG HH11 H  N N 36  
ARG HH12 H  N N 37  
ARG HH21 H  N N 38  
ARG HH22 H  N N 39  
ARG HXT  H  N N 40  
ASN N    N  N N 41  
ASN CA   C  N S 42  
ASN C    C  N N 43  
ASN O    O  N N 44  
ASN CB   C  N N 45  
ASN CG   C  N N 46  
ASN OD1  O  N N 47  
ASN ND2  N  N N 48  
ASN OXT  O  N N 49  
ASN H    H  N N 50  
ASN H2   H  N N 51  
ASN HA   H  N N 52  
ASN HB2  H  N N 53  
ASN HB3  H  N N 54  
ASN HD21 H  N N 55  
ASN HD22 H  N N 56  
ASN HXT  H  N N 57  
ASP N    N  N N 58  
ASP CA   C  N S 59  
ASP C    C  N N 60  
ASP O    O  N N 61  
ASP CB   C  N N 62  
ASP CG   C  N N 63  
ASP OD1  O  N N 64  
ASP OD2  O  N N 65  
ASP OXT  O  N N 66  
ASP H    H  N N 67  
ASP H2   H  N N 68  
ASP HA   H  N N 69  
ASP HB2  H  N N 70  
ASP HB3  H  N N 71  
ASP HD2  H  N N 72  
ASP HXT  H  N N 73  
BU1 C1   C  N N 74  
BU1 C2   C  N N 75  
BU1 C3   C  N N 76  
BU1 C4   C  N N 77  
BU1 O5   O  N N 78  
BU1 O6   O  N N 79  
BU1 H11  H  N N 80  
BU1 H12  H  N N 81  
BU1 H21  H  N N 82  
BU1 H22  H  N N 83  
BU1 H31  H  N N 84  
BU1 H32  H  N N 85  
BU1 H41  H  N N 86  
BU1 H42  H  N N 87  
BU1 HO5  H  N N 88  
BU1 HO6  H  N N 89  
CA  CA   CA N N 90  
CYS N    N  N N 91  
CYS CA   C  N R 92  
CYS C    C  N N 93  
CYS O    O  N N 94  
CYS CB   C  N N 95  
CYS SG   S  N N 96  
CYS OXT  O  N N 97  
CYS H    H  N N 98  
CYS H2   H  N N 99  
CYS HA   H  N N 100 
CYS HB2  H  N N 101 
CYS HB3  H  N N 102 
CYS HG   H  N N 103 
CYS HXT  H  N N 104 
GLN N    N  N N 105 
GLN CA   C  N S 106 
GLN C    C  N N 107 
GLN O    O  N N 108 
GLN CB   C  N N 109 
GLN CG   C  N N 110 
GLN CD   C  N N 111 
GLN OE1  O  N N 112 
GLN NE2  N  N N 113 
GLN OXT  O  N N 114 
GLN H    H  N N 115 
GLN H2   H  N N 116 
GLN HA   H  N N 117 
GLN HB2  H  N N 118 
GLN HB3  H  N N 119 
GLN HG2  H  N N 120 
GLN HG3  H  N N 121 
GLN HE21 H  N N 122 
GLN HE22 H  N N 123 
GLN HXT  H  N N 124 
GLU N    N  N N 125 
GLU CA   C  N S 126 
GLU C    C  N N 127 
GLU O    O  N N 128 
GLU CB   C  N N 129 
GLU CG   C  N N 130 
GLU CD   C  N N 131 
GLU OE1  O  N N 132 
GLU OE2  O  N N 133 
GLU OXT  O  N N 134 
GLU H    H  N N 135 
GLU H2   H  N N 136 
GLU HA   H  N N 137 
GLU HB2  H  N N 138 
GLU HB3  H  N N 139 
GLU HG2  H  N N 140 
GLU HG3  H  N N 141 
GLU HE2  H  N N 142 
GLU HXT  H  N N 143 
GLY N    N  N N 144 
GLY CA   C  N N 145 
GLY C    C  N N 146 
GLY O    O  N N 147 
GLY OXT  O  N N 148 
GLY H    H  N N 149 
GLY H2   H  N N 150 
GLY HA2  H  N N 151 
GLY HA3  H  N N 152 
GLY HXT  H  N N 153 
HIS N    N  N N 154 
HIS CA   C  N S 155 
HIS C    C  N N 156 
HIS O    O  N N 157 
HIS CB   C  N N 158 
HIS CG   C  Y N 159 
HIS ND1  N  Y N 160 
HIS CD2  C  Y N 161 
HIS CE1  C  Y N 162 
HIS NE2  N  Y N 163 
HIS OXT  O  N N 164 
HIS H    H  N N 165 
HIS H2   H  N N 166 
HIS HA   H  N N 167 
HIS HB2  H  N N 168 
HIS HB3  H  N N 169 
HIS HD1  H  N N 170 
HIS HD2  H  N N 171 
HIS HE1  H  N N 172 
HIS HE2  H  N N 173 
HIS HXT  H  N N 174 
HOH O    O  N N 175 
HOH H1   H  N N 176 
HOH H2   H  N N 177 
ILE N    N  N N 178 
ILE CA   C  N S 179 
ILE C    C  N N 180 
ILE O    O  N N 181 
ILE CB   C  N S 182 
ILE CG1  C  N N 183 
ILE CG2  C  N N 184 
ILE CD1  C  N N 185 
ILE OXT  O  N N 186 
ILE H    H  N N 187 
ILE H2   H  N N 188 
ILE HA   H  N N 189 
ILE HB   H  N N 190 
ILE HG12 H  N N 191 
ILE HG13 H  N N 192 
ILE HG21 H  N N 193 
ILE HG22 H  N N 194 
ILE HG23 H  N N 195 
ILE HD11 H  N N 196 
ILE HD12 H  N N 197 
ILE HD13 H  N N 198 
ILE HXT  H  N N 199 
LEU N    N  N N 200 
LEU CA   C  N S 201 
LEU C    C  N N 202 
LEU O    O  N N 203 
LEU CB   C  N N 204 
LEU CG   C  N N 205 
LEU CD1  C  N N 206 
LEU CD2  C  N N 207 
LEU OXT  O  N N 208 
LEU H    H  N N 209 
LEU H2   H  N N 210 
LEU HA   H  N N 211 
LEU HB2  H  N N 212 
LEU HB3  H  N N 213 
LEU HG   H  N N 214 
LEU HD11 H  N N 215 
LEU HD12 H  N N 216 
LEU HD13 H  N N 217 
LEU HD21 H  N N 218 
LEU HD22 H  N N 219 
LEU HD23 H  N N 220 
LEU HXT  H  N N 221 
LYS N    N  N N 222 
LYS CA   C  N S 223 
LYS C    C  N N 224 
LYS O    O  N N 225 
LYS CB   C  N N 226 
LYS CG   C  N N 227 
LYS CD   C  N N 228 
LYS CE   C  N N 229 
LYS NZ   N  N N 230 
LYS OXT  O  N N 231 
LYS H    H  N N 232 
LYS H2   H  N N 233 
LYS HA   H  N N 234 
LYS HB2  H  N N 235 
LYS HB3  H  N N 236 
LYS HG2  H  N N 237 
LYS HG3  H  N N 238 
LYS HD2  H  N N 239 
LYS HD3  H  N N 240 
LYS HE2  H  N N 241 
LYS HE3  H  N N 242 
LYS HZ1  H  N N 243 
LYS HZ2  H  N N 244 
LYS HZ3  H  N N 245 
LYS HXT  H  N N 246 
MET N    N  N N 247 
MET CA   C  N S 248 
MET C    C  N N 249 
MET O    O  N N 250 
MET CB   C  N N 251 
MET CG   C  N N 252 
MET SD   S  N N 253 
MET CE   C  N N 254 
MET OXT  O  N N 255 
MET H    H  N N 256 
MET H2   H  N N 257 
MET HA   H  N N 258 
MET HB2  H  N N 259 
MET HB3  H  N N 260 
MET HG2  H  N N 261 
MET HG3  H  N N 262 
MET HE1  H  N N 263 
MET HE2  H  N N 264 
MET HE3  H  N N 265 
MET HXT  H  N N 266 
PBP CH   C  N N 267 
PBP CG   C  Y N 268 
PBP CD1  C  Y N 269 
PBP CE1  C  Y N 270 
PBP CD2  C  Y N 271 
PBP CE2  C  Y N 272 
PBP CZ   C  Y N 273 
PBP BR   BR N N 274 
PBP CR   C  N N 275 
PBP O    O  N N 276 
PBP HH1  H  N N 277 
PBP HH2  H  N N 278 
PBP HD1  H  N N 279 
PBP HE1  H  N N 280 
PBP HD2  H  N N 281 
PBP HE2  H  N N 282 
PBP BR2  BR N N 283 
PHE N    N  N N 284 
PHE CA   C  N S 285 
PHE C    C  N N 286 
PHE O    O  N N 287 
PHE CB   C  N N 288 
PHE CG   C  Y N 289 
PHE CD1  C  Y N 290 
PHE CD2  C  Y N 291 
PHE CE1  C  Y N 292 
PHE CE2  C  Y N 293 
PHE CZ   C  Y N 294 
PHE OXT  O  N N 295 
PHE H    H  N N 296 
PHE H2   H  N N 297 
PHE HA   H  N N 298 
PHE HB2  H  N N 299 
PHE HB3  H  N N 300 
PHE HD1  H  N N 301 
PHE HD2  H  N N 302 
PHE HE1  H  N N 303 
PHE HE2  H  N N 304 
PHE HZ   H  N N 305 
PHE HXT  H  N N 306 
PRO N    N  N N 307 
PRO CA   C  N S 308 
PRO C    C  N N 309 
PRO O    O  N N 310 
PRO CB   C  N N 311 
PRO CG   C  N N 312 
PRO CD   C  N N 313 
PRO OXT  O  N N 314 
PRO H    H  N N 315 
PRO HA   H  N N 316 
PRO HB2  H  N N 317 
PRO HB3  H  N N 318 
PRO HG2  H  N N 319 
PRO HG3  H  N N 320 
PRO HD2  H  N N 321 
PRO HD3  H  N N 322 
PRO HXT  H  N N 323 
SER N    N  N N 324 
SER CA   C  N S 325 
SER C    C  N N 326 
SER O    O  N N 327 
SER CB   C  N N 328 
SER OG   O  N N 329 
SER OXT  O  N N 330 
SER H    H  N N 331 
SER H2   H  N N 332 
SER HA   H  N N 333 
SER HB2  H  N N 334 
SER HB3  H  N N 335 
SER HG   H  N N 336 
SER HXT  H  N N 337 
THR N    N  N N 338 
THR CA   C  N S 339 
THR C    C  N N 340 
THR O    O  N N 341 
THR CB   C  N R 342 
THR OG1  O  N N 343 
THR CG2  C  N N 344 
THR OXT  O  N N 345 
THR H    H  N N 346 
THR H2   H  N N 347 
THR HA   H  N N 348 
THR HB   H  N N 349 
THR HG1  H  N N 350 
THR HG21 H  N N 351 
THR HG22 H  N N 352 
THR HG23 H  N N 353 
THR HXT  H  N N 354 
TRP N    N  N N 355 
TRP CA   C  N S 356 
TRP C    C  N N 357 
TRP O    O  N N 358 
TRP CB   C  N N 359 
TRP CG   C  Y N 360 
TRP CD1  C  Y N 361 
TRP CD2  C  Y N 362 
TRP NE1  N  Y N 363 
TRP CE2  C  Y N 364 
TRP CE3  C  Y N 365 
TRP CZ2  C  Y N 366 
TRP CZ3  C  Y N 367 
TRP CH2  C  Y N 368 
TRP OXT  O  N N 369 
TRP H    H  N N 370 
TRP H2   H  N N 371 
TRP HA   H  N N 372 
TRP HB2  H  N N 373 
TRP HB3  H  N N 374 
TRP HD1  H  N N 375 
TRP HE1  H  N N 376 
TRP HE3  H  N N 377 
TRP HZ2  H  N N 378 
TRP HZ3  H  N N 379 
TRP HH2  H  N N 380 
TRP HXT  H  N N 381 
TYR N    N  N N 382 
TYR CA   C  N S 383 
TYR C    C  N N 384 
TYR O    O  N N 385 
TYR CB   C  N N 386 
TYR CG   C  Y N 387 
TYR CD1  C  Y N 388 
TYR CD2  C  Y N 389 
TYR CE1  C  Y N 390 
TYR CE2  C  Y N 391 
TYR CZ   C  Y N 392 
TYR OH   O  N N 393 
TYR OXT  O  N N 394 
TYR H    H  N N 395 
TYR H2   H  N N 396 
TYR HA   H  N N 397 
TYR HB2  H  N N 398 
TYR HB3  H  N N 399 
TYR HD1  H  N N 400 
TYR HD2  H  N N 401 
TYR HE1  H  N N 402 
TYR HE2  H  N N 403 
TYR HH   H  N N 404 
TYR HXT  H  N N 405 
VAL N    N  N N 406 
VAL CA   C  N S 407 
VAL C    C  N N 408 
VAL O    O  N N 409 
VAL CB   C  N N 410 
VAL CG1  C  N N 411 
VAL CG2  C  N N 412 
VAL OXT  O  N N 413 
VAL H    H  N N 414 
VAL H2   H  N N 415 
VAL HA   H  N N 416 
VAL HB   H  N N 417 
VAL HG11 H  N N 418 
VAL HG12 H  N N 419 
VAL HG13 H  N N 420 
VAL HG21 H  N N 421 
VAL HG22 H  N N 422 
VAL HG23 H  N N 423 
VAL HXT  H  N N 424 
# 
loop_
_chem_comp_bond.comp_id 
_chem_comp_bond.atom_id_1 
_chem_comp_bond.atom_id_2 
_chem_comp_bond.value_order 
_chem_comp_bond.pdbx_aromatic_flag 
_chem_comp_bond.pdbx_stereo_config 
_chem_comp_bond.pdbx_ordinal 
ALA N   CA   sing N N 1   
ALA N   H    sing N N 2   
ALA N   H2   sing N N 3   
ALA CA  C    sing N N 4   
ALA CA  CB   sing N N 5   
ALA CA  HA   sing N N 6   
ALA C   O    doub N N 7   
ALA C   OXT  sing N N 8   
ALA CB  HB1  sing N N 9   
ALA CB  HB2  sing N N 10  
ALA CB  HB3  sing N N 11  
ALA OXT HXT  sing N N 12  
ARG N   CA   sing N N 13  
ARG N   H    sing N N 14  
ARG N   H2   sing N N 15  
ARG CA  C    sing N N 16  
ARG CA  CB   sing N N 17  
ARG CA  HA   sing N N 18  
ARG C   O    doub N N 19  
ARG C   OXT  sing N N 20  
ARG CB  CG   sing N N 21  
ARG CB  HB2  sing N N 22  
ARG CB  HB3  sing N N 23  
ARG CG  CD   sing N N 24  
ARG CG  HG2  sing N N 25  
ARG CG  HG3  sing N N 26  
ARG CD  NE   sing N N 27  
ARG CD  HD2  sing N N 28  
ARG CD  HD3  sing N N 29  
ARG NE  CZ   sing N N 30  
ARG NE  HE   sing N N 31  
ARG CZ  NH1  sing N N 32  
ARG CZ  NH2  doub N N 33  
ARG NH1 HH11 sing N N 34  
ARG NH1 HH12 sing N N 35  
ARG NH2 HH21 sing N N 36  
ARG NH2 HH22 sing N N 37  
ARG OXT HXT  sing N N 38  
ASN N   CA   sing N N 39  
ASN N   H    sing N N 40  
ASN N   H2   sing N N 41  
ASN CA  C    sing N N 42  
ASN CA  CB   sing N N 43  
ASN CA  HA   sing N N 44  
ASN C   O    doub N N 45  
ASN C   OXT  sing N N 46  
ASN CB  CG   sing N N 47  
ASN CB  HB2  sing N N 48  
ASN CB  HB3  sing N N 49  
ASN CG  OD1  doub N N 50  
ASN CG  ND2  sing N N 51  
ASN ND2 HD21 sing N N 52  
ASN ND2 HD22 sing N N 53  
ASN OXT HXT  sing N N 54  
ASP N   CA   sing N N 55  
ASP N   H    sing N N 56  
ASP N   H2   sing N N 57  
ASP CA  C    sing N N 58  
ASP CA  CB   sing N N 59  
ASP CA  HA   sing N N 60  
ASP C   O    doub N N 61  
ASP C   OXT  sing N N 62  
ASP CB  CG   sing N N 63  
ASP CB  HB2  sing N N 64  
ASP CB  HB3  sing N N 65  
ASP CG  OD1  doub N N 66  
ASP CG  OD2  sing N N 67  
ASP OD2 HD2  sing N N 68  
ASP OXT HXT  sing N N 69  
BU1 C1  C2   sing N N 70  
BU1 C1  O5   sing N N 71  
BU1 C1  H11  sing N N 72  
BU1 C1  H12  sing N N 73  
BU1 C2  C3   sing N N 74  
BU1 C2  H21  sing N N 75  
BU1 C2  H22  sing N N 76  
BU1 C3  C4   sing N N 77  
BU1 C3  H31  sing N N 78  
BU1 C3  H32  sing N N 79  
BU1 C4  O6   sing N N 80  
BU1 C4  H41  sing N N 81  
BU1 C4  H42  sing N N 82  
BU1 O5  HO5  sing N N 83  
BU1 O6  HO6  sing N N 84  
CYS N   CA   sing N N 85  
CYS N   H    sing N N 86  
CYS N   H2   sing N N 87  
CYS CA  C    sing N N 88  
CYS CA  CB   sing N N 89  
CYS CA  HA   sing N N 90  
CYS C   O    doub N N 91  
CYS C   OXT  sing N N 92  
CYS CB  SG   sing N N 93  
CYS CB  HB2  sing N N 94  
CYS CB  HB3  sing N N 95  
CYS SG  HG   sing N N 96  
CYS OXT HXT  sing N N 97  
GLN N   CA   sing N N 98  
GLN N   H    sing N N 99  
GLN N   H2   sing N N 100 
GLN CA  C    sing N N 101 
GLN CA  CB   sing N N 102 
GLN CA  HA   sing N N 103 
GLN C   O    doub N N 104 
GLN C   OXT  sing N N 105 
GLN CB  CG   sing N N 106 
GLN CB  HB2  sing N N 107 
GLN CB  HB3  sing N N 108 
GLN CG  CD   sing N N 109 
GLN CG  HG2  sing N N 110 
GLN CG  HG3  sing N N 111 
GLN CD  OE1  doub N N 112 
GLN CD  NE2  sing N N 113 
GLN NE2 HE21 sing N N 114 
GLN NE2 HE22 sing N N 115 
GLN OXT HXT  sing N N 116 
GLU N   CA   sing N N 117 
GLU N   H    sing N N 118 
GLU N   H2   sing N N 119 
GLU CA  C    sing N N 120 
GLU CA  CB   sing N N 121 
GLU CA  HA   sing N N 122 
GLU C   O    doub N N 123 
GLU C   OXT  sing N N 124 
GLU CB  CG   sing N N 125 
GLU CB  HB2  sing N N 126 
GLU CB  HB3  sing N N 127 
GLU CG  CD   sing N N 128 
GLU CG  HG2  sing N N 129 
GLU CG  HG3  sing N N 130 
GLU CD  OE1  doub N N 131 
GLU CD  OE2  sing N N 132 
GLU OE2 HE2  sing N N 133 
GLU OXT HXT  sing N N 134 
GLY N   CA   sing N N 135 
GLY N   H    sing N N 136 
GLY N   H2   sing N N 137 
GLY CA  C    sing N N 138 
GLY CA  HA2  sing N N 139 
GLY CA  HA3  sing N N 140 
GLY C   O    doub N N 141 
GLY C   OXT  sing N N 142 
GLY OXT HXT  sing N N 143 
HIS N   CA   sing N N 144 
HIS N   H    sing N N 145 
HIS N   H2   sing N N 146 
HIS CA  C    sing N N 147 
HIS CA  CB   sing N N 148 
HIS CA  HA   sing N N 149 
HIS C   O    doub N N 150 
HIS C   OXT  sing N N 151 
HIS CB  CG   sing N N 152 
HIS CB  HB2  sing N N 153 
HIS CB  HB3  sing N N 154 
HIS CG  ND1  sing Y N 155 
HIS CG  CD2  doub Y N 156 
HIS ND1 CE1  doub Y N 157 
HIS ND1 HD1  sing N N 158 
HIS CD2 NE2  sing Y N 159 
HIS CD2 HD2  sing N N 160 
HIS CE1 NE2  sing Y N 161 
HIS CE1 HE1  sing N N 162 
HIS NE2 HE2  sing N N 163 
HIS OXT HXT  sing N N 164 
HOH O   H1   sing N N 165 
HOH O   H2   sing N N 166 
ILE N   CA   sing N N 167 
ILE N   H    sing N N 168 
ILE N   H2   sing N N 169 
ILE CA  C    sing N N 170 
ILE CA  CB   sing N N 171 
ILE CA  HA   sing N N 172 
ILE C   O    doub N N 173 
ILE C   OXT  sing N N 174 
ILE CB  CG1  sing N N 175 
ILE CB  CG2  sing N N 176 
ILE CB  HB   sing N N 177 
ILE CG1 CD1  sing N N 178 
ILE CG1 HG12 sing N N 179 
ILE CG1 HG13 sing N N 180 
ILE CG2 HG21 sing N N 181 
ILE CG2 HG22 sing N N 182 
ILE CG2 HG23 sing N N 183 
ILE CD1 HD11 sing N N 184 
ILE CD1 HD12 sing N N 185 
ILE CD1 HD13 sing N N 186 
ILE OXT HXT  sing N N 187 
LEU N   CA   sing N N 188 
LEU N   H    sing N N 189 
LEU N   H2   sing N N 190 
LEU CA  C    sing N N 191 
LEU CA  CB   sing N N 192 
LEU CA  HA   sing N N 193 
LEU C   O    doub N N 194 
LEU C   OXT  sing N N 195 
LEU CB  CG   sing N N 196 
LEU CB  HB2  sing N N 197 
LEU CB  HB3  sing N N 198 
LEU CG  CD1  sing N N 199 
LEU CG  CD2  sing N N 200 
LEU CG  HG   sing N N 201 
LEU CD1 HD11 sing N N 202 
LEU CD1 HD12 sing N N 203 
LEU CD1 HD13 sing N N 204 
LEU CD2 HD21 sing N N 205 
LEU CD2 HD22 sing N N 206 
LEU CD2 HD23 sing N N 207 
LEU OXT HXT  sing N N 208 
LYS N   CA   sing N N 209 
LYS N   H    sing N N 210 
LYS N   H2   sing N N 211 
LYS CA  C    sing N N 212 
LYS CA  CB   sing N N 213 
LYS CA  HA   sing N N 214 
LYS C   O    doub N N 215 
LYS C   OXT  sing N N 216 
LYS CB  CG   sing N N 217 
LYS CB  HB2  sing N N 218 
LYS CB  HB3  sing N N 219 
LYS CG  CD   sing N N 220 
LYS CG  HG2  sing N N 221 
LYS CG  HG3  sing N N 222 
LYS CD  CE   sing N N 223 
LYS CD  HD2  sing N N 224 
LYS CD  HD3  sing N N 225 
LYS CE  NZ   sing N N 226 
LYS CE  HE2  sing N N 227 
LYS CE  HE3  sing N N 228 
LYS NZ  HZ1  sing N N 229 
LYS NZ  HZ2  sing N N 230 
LYS NZ  HZ3  sing N N 231 
LYS OXT HXT  sing N N 232 
MET N   CA   sing N N 233 
MET N   H    sing N N 234 
MET N   H2   sing N N 235 
MET CA  C    sing N N 236 
MET CA  CB   sing N N 237 
MET CA  HA   sing N N 238 
MET C   O    doub N N 239 
MET C   OXT  sing N N 240 
MET CB  CG   sing N N 241 
MET CB  HB2  sing N N 242 
MET CB  HB3  sing N N 243 
MET CG  SD   sing N N 244 
MET CG  HG2  sing N N 245 
MET CG  HG3  sing N N 246 
MET SD  CE   sing N N 247 
MET CE  HE1  sing N N 248 
MET CE  HE2  sing N N 249 
MET CE  HE3  sing N N 250 
MET OXT HXT  sing N N 251 
PBP CH  CR   sing N N 252 
PBP CH  HH1  sing N N 253 
PBP CH  HH2  sing N N 254 
PBP CG  CD1  doub Y N 255 
PBP CG  CD2  sing Y N 256 
PBP CG  CR   sing N N 257 
PBP CD1 CE1  sing Y N 258 
PBP CD1 HD1  sing N N 259 
PBP CE1 CZ   doub Y N 260 
PBP CE1 HE1  sing N N 261 
PBP CD2 CE2  doub Y N 262 
PBP CD2 HD2  sing N N 263 
PBP CE2 CZ   sing Y N 264 
PBP CE2 HE2  sing N N 265 
PBP CZ  BR   sing N N 266 
PBP CR  O    doub N N 267 
PBP CH  BR2  sing N N 268 
PHE N   CA   sing N N 269 
PHE N   H    sing N N 270 
PHE N   H2   sing N N 271 
PHE CA  C    sing N N 272 
PHE CA  CB   sing N N 273 
PHE CA  HA   sing N N 274 
PHE C   O    doub N N 275 
PHE C   OXT  sing N N 276 
PHE CB  CG   sing N N 277 
PHE CB  HB2  sing N N 278 
PHE CB  HB3  sing N N 279 
PHE CG  CD1  doub Y N 280 
PHE CG  CD2  sing Y N 281 
PHE CD1 CE1  sing Y N 282 
PHE CD1 HD1  sing N N 283 
PHE CD2 CE2  doub Y N 284 
PHE CD2 HD2  sing N N 285 
PHE CE1 CZ   doub Y N 286 
PHE CE1 HE1  sing N N 287 
PHE CE2 CZ   sing Y N 288 
PHE CE2 HE2  sing N N 289 
PHE CZ  HZ   sing N N 290 
PHE OXT HXT  sing N N 291 
PRO N   CA   sing N N 292 
PRO N   CD   sing N N 293 
PRO N   H    sing N N 294 
PRO CA  C    sing N N 295 
PRO CA  CB   sing N N 296 
PRO CA  HA   sing N N 297 
PRO C   O    doub N N 298 
PRO C   OXT  sing N N 299 
PRO CB  CG   sing N N 300 
PRO CB  HB2  sing N N 301 
PRO CB  HB3  sing N N 302 
PRO CG  CD   sing N N 303 
PRO CG  HG2  sing N N 304 
PRO CG  HG3  sing N N 305 
PRO CD  HD2  sing N N 306 
PRO CD  HD3  sing N N 307 
PRO OXT HXT  sing N N 308 
SER N   CA   sing N N 309 
SER N   H    sing N N 310 
SER N   H2   sing N N 311 
SER CA  C    sing N N 312 
SER CA  CB   sing N N 313 
SER CA  HA   sing N N 314 
SER C   O    doub N N 315 
SER C   OXT  sing N N 316 
SER CB  OG   sing N N 317 
SER CB  HB2  sing N N 318 
SER CB  HB3  sing N N 319 
SER OG  HG   sing N N 320 
SER OXT HXT  sing N N 321 
THR N   CA   sing N N 322 
THR N   H    sing N N 323 
THR N   H2   sing N N 324 
THR CA  C    sing N N 325 
THR CA  CB   sing N N 326 
THR CA  HA   sing N N 327 
THR C   O    doub N N 328 
THR C   OXT  sing N N 329 
THR CB  OG1  sing N N 330 
THR CB  CG2  sing N N 331 
THR CB  HB   sing N N 332 
THR OG1 HG1  sing N N 333 
THR CG2 HG21 sing N N 334 
THR CG2 HG22 sing N N 335 
THR CG2 HG23 sing N N 336 
THR OXT HXT  sing N N 337 
TRP N   CA   sing N N 338 
TRP N   H    sing N N 339 
TRP N   H2   sing N N 340 
TRP CA  C    sing N N 341 
TRP CA  CB   sing N N 342 
TRP CA  HA   sing N N 343 
TRP C   O    doub N N 344 
TRP C   OXT  sing N N 345 
TRP CB  CG   sing N N 346 
TRP CB  HB2  sing N N 347 
TRP CB  HB3  sing N N 348 
TRP CG  CD1  doub Y N 349 
TRP CG  CD2  sing Y N 350 
TRP CD1 NE1  sing Y N 351 
TRP CD1 HD1  sing N N 352 
TRP CD2 CE2  doub Y N 353 
TRP CD2 CE3  sing Y N 354 
TRP NE1 CE2  sing Y N 355 
TRP NE1 HE1  sing N N 356 
TRP CE2 CZ2  sing Y N 357 
TRP CE3 CZ3  doub Y N 358 
TRP CE3 HE3  sing N N 359 
TRP CZ2 CH2  doub Y N 360 
TRP CZ2 HZ2  sing N N 361 
TRP CZ3 CH2  sing Y N 362 
TRP CZ3 HZ3  sing N N 363 
TRP CH2 HH2  sing N N 364 
TRP OXT HXT  sing N N 365 
TYR N   CA   sing N N 366 
TYR N   H    sing N N 367 
TYR N   H2   sing N N 368 
TYR CA  C    sing N N 369 
TYR CA  CB   sing N N 370 
TYR CA  HA   sing N N 371 
TYR C   O    doub N N 372 
TYR C   OXT  sing N N 373 
TYR CB  CG   sing N N 374 
TYR CB  HB2  sing N N 375 
TYR CB  HB3  sing N N 376 
TYR CG  CD1  doub Y N 377 
TYR CG  CD2  sing Y N 378 
TYR CD1 CE1  sing Y N 379 
TYR CD1 HD1  sing N N 380 
TYR CD2 CE2  doub Y N 381 
TYR CD2 HD2  sing N N 382 
TYR CE1 CZ   doub Y N 383 
TYR CE1 HE1  sing N N 384 
TYR CE2 CZ   sing Y N 385 
TYR CE2 HE2  sing N N 386 
TYR CZ  OH   sing N N 387 
TYR OH  HH   sing N N 388 
TYR OXT HXT  sing N N 389 
VAL N   CA   sing N N 390 
VAL N   H    sing N N 391 
VAL N   H2   sing N N 392 
VAL CA  C    sing N N 393 
VAL CA  CB   sing N N 394 
VAL CA  HA   sing N N 395 
VAL C   O    doub N N 396 
VAL C   OXT  sing N N 397 
VAL CB  CG1  sing N N 398 
VAL CB  CG2  sing N N 399 
VAL CB  HB   sing N N 400 
VAL CG1 HG11 sing N N 401 
VAL CG1 HG12 sing N N 402 
VAL CG1 HG13 sing N N 403 
VAL CG2 HG21 sing N N 404 
VAL CG2 HG22 sing N N 405 
VAL CG2 HG23 sing N N 406 
VAL OXT HXT  sing N N 407 
# 
_pdbx_initial_refinement_model.id               1 
_pdbx_initial_refinement_model.entity_id_list   ? 
_pdbx_initial_refinement_model.type             'experimental model' 
_pdbx_initial_refinement_model.source_name      PDB 
_pdbx_initial_refinement_model.accession_code   1PSJ 
_pdbx_initial_refinement_model.details          'ACIDIC PLA2 (PDB ENTRY 1PSJ)' 
# 
_atom_sites.entry_id                    1BK9 
_atom_sites.fract_transf_matrix[1][1]   0.00914687 
_atom_sites.fract_transf_matrix[1][2]   -0.00832188 
_atom_sites.fract_transf_matrix[1][3]   -0.00643874 
_atom_sites.fract_transf_matrix[2][1]   0.01352575 
_atom_sites.fract_transf_matrix[2][2]   0.00061530 
_atom_sites.fract_transf_matrix[2][3]   0.00332489 
_atom_sites.fract_transf_matrix[3][1]   -0.00429377 
_atom_sites.fract_transf_matrix[3][2]   -0.02128114 
_atom_sites.fract_transf_matrix[3][3]   0.02140549 
_atom_sites.fract_transf_vector[1]      0.625162 
_atom_sites.fract_transf_vector[2]      0.771860 
_atom_sites.fract_transf_vector[3]      -0.010620 
# 
loop_
_atom_type.symbol 
BR 
C  
CA 
H  
N  
O  
S  
# 
loop_
_atom_site.group_PDB 
_atom_site.id 
_atom_site.type_symbol 
_atom_site.label_atom_id 
_atom_site.label_alt_id 
_atom_site.label_comp_id 
_atom_site.label_asym_id 
_atom_site.label_entity_id 
_atom_site.label_seq_id 
_atom_site.pdbx_PDB_ins_code 
_atom_site.Cartn_x 
_atom_site.Cartn_y 
_atom_site.Cartn_z 
_atom_site.occupancy 
_atom_site.B_iso_or_equiv 
_atom_site.pdbx_formal_charge 
_atom_site.auth_seq_id 
_atom_site.auth_comp_id 
_atom_site.auth_asym_id 
_atom_site.auth_atom_id 
_atom_site.pdbx_PDB_model_num 
ATOM   1    N  N    . SER A 1 1   ? 0.042   11.911  1.282   1.00 14.20 ? 1   SER A N    1 
ATOM   2    C  CA   . SER A 1 1   ? 1.478   11.897  1.104   1.00 17.73 ? 1   SER A CA   1 
ATOM   3    C  C    . SER A 1 1   ? 1.963   10.595  1.715   1.00 18.17 ? 1   SER A C    1 
ATOM   4    O  O    . SER A 1 1   ? 1.242   9.975   2.527   1.00 18.87 ? 1   SER A O    1 
ATOM   5    C  CB   . SER A 1 1   ? 2.138   13.030  1.850   1.00 17.28 ? 1   SER A CB   1 
ATOM   6    O  OG   . SER A 1 1   ? 1.865   12.910  3.248   1.00 18.97 ? 1   SER A OG   1 
ATOM   7    H  H1   . SER A 1 1   ? -0.287  10.987  0.925   1.00 0.00  ? 1   SER A H1   1 
ATOM   8    H  H2   . SER A 1 1   ? -0.140  11.982  2.299   1.00 0.00  ? 1   SER A H2   1 
ATOM   9    H  H3   . SER A 1 1   ? -0.384  12.695  0.770   1.00 0.00  ? 1   SER A H3   1 
ATOM   10   H  HG   . SER A 1 1   ? 2.207   13.746  3.616   1.00 0.00  ? 1   SER A HG   1 
ATOM   11   N  N    . LEU A 1 2   ? 3.214   10.222  1.433   1.00 18.72 ? 2   LEU A N    1 
ATOM   12   C  CA   . LEU A 1 2   ? 3.753   9.007   1.992   1.00 17.85 ? 2   LEU A CA   1 
ATOM   13   C  C    . LEU A 1 2   ? 3.852   8.959   3.492   1.00 17.23 ? 2   LEU A C    1 
ATOM   14   O  O    . LEU A 1 2   ? 3.636   7.915   4.108   1.00 16.37 ? 2   LEU A O    1 
ATOM   15   C  CB   . LEU A 1 2   ? 5.082   8.789   1.353   1.00 22.85 ? 2   LEU A CB   1 
ATOM   16   C  CG   . LEU A 1 2   ? 4.941   8.328   -0.107  1.00 25.78 ? 2   LEU A CG   1 
ATOM   17   C  CD1  . LEU A 1 2   ? 6.355   8.174   -0.685  1.00 30.34 ? 2   LEU A CD1  1 
ATOM   18   C  CD2  . LEU A 1 2   ? 4.176   7.003   -0.203  1.00 26.80 ? 2   LEU A CD2  1 
ATOM   19   H  H    . LEU A 1 2   ? 3.749   10.767  0.810   1.00 0.00  ? 2   LEU A H    1 
ATOM   20   N  N    . ILE A 1 3   ? 4.073   10.109  4.114   1.00 16.21 ? 3   ILE A N    1 
ATOM   21   C  CA   . ILE A 1 3   ? 4.104   10.222  5.558   1.00 17.66 ? 3   ILE A CA   1 
ATOM   22   C  C    . ILE A 1 3   ? 2.712   9.855   6.064   1.00 16.39 ? 3   ILE A C    1 
ATOM   23   O  O    . ILE A 1 3   ? 2.570   9.212   7.104   1.00 18.94 ? 3   ILE A O    1 
ATOM   24   C  CB   . ILE A 1 3   ? 4.414   11.678  6.035   1.00 20.45 ? 3   ILE A CB   1 
ATOM   25   C  CG1  . ILE A 1 3   ? 5.749   12.179  5.534   1.00 24.41 ? 3   ILE A CG1  1 
ATOM   26   C  CG2  . ILE A 1 3   ? 4.425   11.682  7.548   1.00 21.02 ? 3   ILE A CG2  1 
ATOM   27   C  CD1  . ILE A 1 3   ? 5.745   12.902  4.172   1.00 27.50 ? 3   ILE A CD1  1 
ATOM   28   H  H    . ILE A 1 3   ? 4.233   10.904  3.570   1.00 0.00  ? 3   ILE A H    1 
ATOM   29   N  N    . GLN A 1 4   ? 1.645   10.264  5.358   1.00 16.86 ? 4   GLN A N    1 
ATOM   30   C  CA   . GLN A 1 4   ? 0.274   9.967   5.789   1.00 15.46 ? 4   GLN A CA   1 
ATOM   31   C  C    . GLN A 1 4   ? -0.006  8.487   5.591   1.00 14.97 ? 4   GLN A C    1 
ATOM   32   O  O    . GLN A 1 4   ? -0.626  7.899   6.484   1.00 14.26 ? 4   GLN A O    1 
ATOM   33   C  CB   . GLN A 1 4   ? -0.723  10.788  5.002   1.00 13.52 ? 4   GLN A CB   1 
ATOM   34   C  CG   . GLN A 1 4   ? -0.602  12.260  5.293   1.00 13.49 ? 4   GLN A CG   1 
ATOM   35   C  CD   . GLN A 1 4   ? -1.660  13.060  4.569   1.00 14.24 ? 4   GLN A CD   1 
ATOM   36   O  OE1  . GLN A 1 4   ? -1.610  13.119  3.334   1.00 15.75 ? 4   GLN A OE1  1 
ATOM   37   N  NE2  . GLN A 1 4   ? -2.623  13.681  5.271   1.00 11.72 ? 4   GLN A NE2  1 
ATOM   38   H  H    . GLN A 1 4   ? 1.782   10.738  4.513   1.00 0.00  ? 4   GLN A H    1 
ATOM   39   H  HE21 . GLN A 1 4   ? -3.300  14.210  4.802   1.00 0.00  ? 4   GLN A HE21 1 
ATOM   40   H  HE22 . GLN A 1 4   ? -2.611  13.587  6.245   1.00 0.00  ? 4   GLN A HE22 1 
ATOM   41   N  N    . PHE A 1 5   ? 0.523   7.852   4.525   1.00 14.45 ? 5   PHE A N    1 
ATOM   42   C  CA   . PHE A 1 5   ? 0.345   6.413   4.326   1.00 16.35 ? 5   PHE A CA   1 
ATOM   43   C  C    . PHE A 1 5   ? 1.009   5.673   5.499   1.00 16.55 ? 5   PHE A C    1 
ATOM   44   O  O    . PHE A 1 5   ? 0.387   4.776   6.084   1.00 17.00 ? 5   PHE A O    1 
ATOM   45   C  CB   . PHE A 1 5   ? 0.969   5.972   2.961   1.00 13.96 ? 5   PHE A CB   1 
ATOM   46   C  CG   . PHE A 1 5   ? 0.824   4.485   2.593   1.00 15.42 ? 5   PHE A CG   1 
ATOM   47   C  CD1  . PHE A 1 5   ? -0.309  3.730   2.940   1.00 13.52 ? 5   PHE A CD1  1 
ATOM   48   C  CD2  . PHE A 1 5   ? 1.861   3.865   1.923   1.00 15.46 ? 5   PHE A CD2  1 
ATOM   49   C  CE1  . PHE A 1 5   ? -0.369  2.379   2.606   1.00 15.01 ? 5   PHE A CE1  1 
ATOM   50   C  CE2  . PHE A 1 5   ? 1.780   2.512   1.600   1.00 16.10 ? 5   PHE A CE2  1 
ATOM   51   C  CZ   . PHE A 1 5   ? 0.668   1.768   1.939   1.00 11.86 ? 5   PHE A CZ   1 
ATOM   52   H  H    . PHE A 1 5   ? 0.991   8.373   3.843   1.00 0.00  ? 5   PHE A H    1 
ATOM   53   N  N    . GLU A 1 6   ? 2.214   6.032   5.927   1.00 16.23 ? 6   GLU A N    1 
ATOM   54   C  CA   . GLU A 1 6   ? 2.810   5.430   7.103   1.00 18.42 ? 6   GLU A CA   1 
ATOM   55   C  C    . GLU A 1 6   ? 1.902   5.563   8.332   1.00 18.90 ? 6   GLU A C    1 
ATOM   56   O  O    . GLU A 1 6   ? 1.723   4.601   9.098   1.00 17.95 ? 6   GLU A O    1 
ATOM   57   C  CB   . GLU A 1 6   ? 4.131   6.112   7.342   1.00 22.08 ? 6   GLU A CB   1 
ATOM   58   C  CG   . GLU A 1 6   ? 4.858   5.789   8.658   1.00 28.49 ? 6   GLU A CG   1 
ATOM   59   C  CD   . GLU A 1 6   ? 5.310   4.342   8.854   1.00 31.74 ? 6   GLU A CD   1 
ATOM   60   O  OE1  . GLU A 1 6   ? 6.238   3.926   8.177   1.00 32.43 ? 6   GLU A OE1  1 
ATOM   61   O  OE2  . GLU A 1 6   ? 4.741   3.636   9.692   1.00 35.08 ? 6   GLU A OE2  1 
ATOM   62   H  H    . GLU A 1 6   ? 2.724   6.685   5.401   1.00 0.00  ? 6   GLU A H    1 
ATOM   63   N  N    . THR A 1 7   ? 1.276   6.748   8.477   1.00 18.27 ? 7   THR A N    1 
ATOM   64   C  CA   . THR A 1 7   ? 0.399   7.071   9.607   1.00 19.28 ? 7   THR A CA   1 
ATOM   65   C  C    . THR A 1 7   ? -0.819  6.163   9.604   1.00 17.18 ? 7   THR A C    1 
ATOM   66   O  O    . THR A 1 7   ? -1.161  5.585   10.633  1.00 17.46 ? 7   THR A O    1 
ATOM   67   C  CB   . THR A 1 7   ? -0.018  8.566   9.494   1.00 21.60 ? 7   THR A CB   1 
ATOM   68   O  OG1  . THR A 1 7   ? 1.174   9.314   9.758   1.00 24.32 ? 7   THR A OG1  1 
ATOM   69   C  CG2  . THR A 1 7   ? -1.205  8.942   10.380  1.00 22.74 ? 7   THR A CG2  1 
ATOM   70   H  H    . THR A 1 7   ? 1.409   7.429   7.786   1.00 0.00  ? 7   THR A H    1 
ATOM   71   H  HG1  . THR A 1 7   ? 1.798   9.166   9.031   1.00 0.00  ? 7   THR A HG1  1 
ATOM   72   N  N    . LEU A 1 8   ? -1.469  5.996   8.450   1.00 16.33 ? 8   LEU A N    1 
ATOM   73   C  CA   . LEU A 1 8   ? -2.615  5.099   8.334   1.00 17.12 ? 8   LEU A CA   1 
ATOM   74   C  C    . LEU A 1 8   ? -2.235  3.653   8.620   1.00 16.55 ? 8   LEU A C    1 
ATOM   75   O  O    . LEU A 1 8   ? -3.022  2.954   9.264   1.00 15.42 ? 8   LEU A O    1 
ATOM   76   C  CB   . LEU A 1 8   ? -3.219  5.225   6.936   1.00 17.13 ? 8   LEU A CB   1 
ATOM   77   C  CG   . LEU A 1 8   ? -4.385  6.233   6.749   1.00 21.31 ? 8   LEU A CG   1 
ATOM   78   C  CD1  . LEU A 1 8   ? -4.010  7.600   7.218   1.00 20.62 ? 8   LEU A CD1  1 
ATOM   79   C  CD2  . LEU A 1 8   ? -4.725  6.333   5.278   1.00 20.54 ? 8   LEU A CD2  1 
ATOM   80   H  H    . LEU A 1 8   ? -1.143  6.459   7.651   1.00 0.00  ? 8   LEU A H    1 
ATOM   81   N  N    . ILE A 1 9   ? -1.027  3.188   8.251   1.00 17.56 ? 9   ILE A N    1 
ATOM   82   C  CA   . ILE A 1 9   ? -0.623  1.798   8.519   1.00 18.47 ? 9   ILE A CA   1 
ATOM   83   C  C    . ILE A 1 9   ? -0.498  1.631   10.038  1.00 18.69 ? 9   ILE A C    1 
ATOM   84   O  O    . ILE A 1 9   ? -0.997  0.655   10.605  1.00 17.50 ? 9   ILE A O    1 
ATOM   85   C  CB   . ILE A 1 9   ? 0.748   1.456   7.794   1.00 18.35 ? 9   ILE A CB   1 
ATOM   86   C  CG1  . ILE A 1 9   ? 0.533   1.460   6.280   1.00 17.03 ? 9   ILE A CG1  1 
ATOM   87   C  CG2  . ILE A 1 9   ? 1.273   0.057   8.204   1.00 17.70 ? 9   ILE A CG2  1 
ATOM   88   C  CD1  . ILE A 1 9   ? 1.848   1.671   5.533   1.00 18.96 ? 9   ILE A CD1  1 
ATOM   89   H  H    . ILE A 1 9   ? -0.412  3.781   7.768   1.00 0.00  ? 9   ILE A H    1 
ATOM   90   N  N    . MET A 1 10  ? 0.092   2.611   10.717  1.00 20.47 ? 10  MET A N    1 
ATOM   91   C  CA   . MET A 1 10  ? 0.242   2.590   12.165  1.00 23.52 ? 10  MET A CA   1 
ATOM   92   C  C    . MET A 1 10  ? -1.116  2.611   12.852  1.00 22.01 ? 10  MET A C    1 
ATOM   93   O  O    . MET A 1 10  ? -1.360  1.852   13.792  1.00 21.19 ? 10  MET A O    1 
ATOM   94   C  CB   . MET A 1 10  ? 1.043   3.796   12.599  1.00 28.04 ? 10  MET A CB   1 
ATOM   95   C  CG   . MET A 1 10  ? 2.043   3.577   13.711  1.00 34.12 ? 10  MET A CG   1 
ATOM   96   S  SD   . MET A 1 10  ? 3.669   4.071   13.084  1.00 43.43 ? 10  MET A SD   1 
ATOM   97   C  CE   . MET A 1 10  ? 3.385   5.775   12.674  1.00 38.09 ? 10  MET A CE   1 
ATOM   98   H  H    . MET A 1 10  ? 0.475   3.365   10.216  1.00 0.00  ? 10  MET A H    1 
ATOM   99   N  N    . LYS A 1 11  ? -2.042  3.435   12.378  1.00 22.34 ? 11  LYS A N    1 
ATOM   100  C  CA   . LYS A 1 11  ? -3.356  3.478   12.979  1.00 22.59 ? 11  LYS A CA   1 
ATOM   101  C  C    . LYS A 1 11  ? -4.150  2.210   12.783  1.00 21.83 ? 11  LYS A C    1 
ATOM   102  O  O    . LYS A 1 11  ? -4.743  1.722   13.744  1.00 24.28 ? 11  LYS A O    1 
ATOM   103  C  CB   . LYS A 1 11  ? -4.202  4.593   12.423  1.00 24.02 ? 11  LYS A CB   1 
ATOM   104  C  CG   . LYS A 1 11  ? -3.646  5.967   12.691  1.00 29.76 ? 11  LYS A CG   1 
ATOM   105  C  CD   . LYS A 1 11  ? -4.632  7.010   12.231  1.00 32.07 ? 11  LYS A CD   1 
ATOM   106  C  CE   . LYS A 1 11  ? -3.996  8.340   12.577  1.00 39.04 ? 11  LYS A CE   1 
ATOM   107  N  NZ   . LYS A 1 11  ? -4.995  9.324   12.963  1.00 43.52 ? 11  LYS A NZ   1 
ATOM   108  H  H    . LYS A 1 11  ? -1.807  4.042   11.645  1.00 0.00  ? 11  LYS A H    1 
ATOM   109  H  HZ1  . LYS A 1 11  ? -5.533  8.972   13.780  1.00 0.00  ? 11  LYS A HZ1  1 
ATOM   110  H  HZ2  . LYS A 1 11  ? -4.521  10.211  13.221  1.00 0.00  ? 11  LYS A HZ2  1 
ATOM   111  H  HZ3  . LYS A 1 11  ? -5.646  9.494   12.168  1.00 0.00  ? 11  LYS A HZ3  1 
ATOM   112  N  N    . VAL A 1 12  ? -4.155  1.653   11.575  1.00 19.94 ? 12  VAL A N    1 
ATOM   113  C  CA   . VAL A 1 12  ? -5.001  0.528   11.248  1.00 18.65 ? 12  VAL A CA   1 
ATOM   114  C  C    . VAL A 1 12  ? -4.381  -0.816  11.525  1.00 20.51 ? 12  VAL A C    1 
ATOM   115  O  O    . VAL A 1 12  ? -5.005  -1.670  12.151  1.00 20.82 ? 12  VAL A O    1 
ATOM   116  C  CB   . VAL A 1 12  ? -5.406  0.595   9.749   1.00 19.15 ? 12  VAL A CB   1 
ATOM   117  C  CG1  . VAL A 1 12  ? -6.374  -0.528  9.377   1.00 16.52 ? 12  VAL A CG1  1 
ATOM   118  C  CG2  . VAL A 1 12  ? -6.091  1.940   9.484   1.00 18.62 ? 12  VAL A CG2  1 
ATOM   119  H  H    . VAL A 1 12  ? -3.574  2.031   10.882  1.00 0.00  ? 12  VAL A H    1 
ATOM   120  N  N    . ALA A 1 13  ? -3.172  -1.047  11.027  1.00 22.21 ? 13  ALA A N    1 
ATOM   121  C  CA   . ALA A 1 13  ? -2.528  -2.334  11.154  1.00 25.18 ? 13  ALA A CA   1 
ATOM   122  C  C    . ALA A 1 13  ? -1.659  -2.474  12.392  1.00 28.51 ? 13  ALA A C    1 
ATOM   123  O  O    . ALA A 1 13  ? -1.112  -3.559  12.655  1.00 31.35 ? 13  ALA A O    1 
ATOM   124  C  CB   . ALA A 1 13  ? -1.670  -2.585  9.916   1.00 22.06 ? 13  ALA A CB   1 
ATOM   125  H  H    . ALA A 1 13  ? -2.685  -0.324  10.583  1.00 0.00  ? 13  ALA A H    1 
ATOM   126  N  N    . LYS A 1 14  ? -1.499  -1.354  13.128  1.00 29.55 ? 14  LYS A N    1 
ATOM   127  C  CA   . LYS A 1 14  ? -0.644  -1.249  14.317  1.00 30.73 ? 14  LYS A CA   1 
ATOM   128  C  C    . LYS A 1 14  ? 0.784   -1.738  14.083  1.00 29.90 ? 14  LYS A C    1 
ATOM   129  O  O    . LYS A 1 14  ? 1.417   -2.396  14.906  1.00 28.48 ? 14  LYS A O    1 
ATOM   130  C  CB   . LYS A 1 14  ? -1.329  -1.998  15.468  1.00 31.88 ? 14  LYS A CB   1 
ATOM   131  C  CG   . LYS A 1 14  ? -2.454  -1.071  15.955  1.00 37.32 ? 14  LYS A CG   1 
ATOM   132  C  CD   . LYS A 1 14  ? -3.840  -1.692  15.981  1.00 43.00 ? 14  LYS A CD   1 
ATOM   133  C  CE   . LYS A 1 14  ? -4.075  -2.472  17.275  1.00 45.59 ? 14  LYS A CE   1 
ATOM   134  N  NZ   . LYS A 1 14  ? -5.412  -3.052  17.287  1.00 47.78 ? 14  LYS A NZ   1 
ATOM   135  H  H    . LYS A 1 14  ? -1.948  -0.541  12.825  1.00 0.00  ? 14  LYS A H    1 
ATOM   136  H  HZ1  . LYS A 1 14  ? -6.119  -2.296  17.195  1.00 0.00  ? 14  LYS A HZ1  1 
ATOM   137  H  HZ2  . LYS A 1 14  ? -5.506  -3.712  16.488  1.00 0.00  ? 14  LYS A HZ2  1 
ATOM   138  H  HZ3  . LYS A 1 14  ? -5.563  -3.565  18.179  1.00 0.00  ? 14  LYS A HZ3  1 
ATOM   139  N  N    . LYS A 1 15  ? 1.304   -1.305  12.933  1.00 28.65 ? 16  LYS A N    1 
ATOM   140  C  CA   . LYS A 1 15  ? 2.611   -1.692  12.470  1.00 29.97 ? 16  LYS A CA   1 
ATOM   141  C  C    . LYS A 1 15  ? 3.234   -0.522  11.724  1.00 29.07 ? 16  LYS A C    1 
ATOM   142  O  O    . LYS A 1 15  ? 2.521   0.317   11.182  1.00 28.16 ? 16  LYS A O    1 
ATOM   143  C  CB   . LYS A 1 15  ? 2.512   -2.895  11.503  1.00 32.30 ? 16  LYS A CB   1 
ATOM   144  C  CG   . LYS A 1 15  ? 2.076   -4.280  11.996  1.00 34.79 ? 16  LYS A CG   1 
ATOM   145  C  CD   . LYS A 1 15  ? 3.071   -4.894  12.978  1.00 39.57 ? 16  LYS A CD   1 
ATOM   146  C  CE   . LYS A 1 15  ? 2.648   -6.247  13.576  1.00 42.23 ? 16  LYS A CE   1 
ATOM   147  N  NZ   . LYS A 1 15  ? 1.414   -6.191  14.350  1.00 44.60 ? 16  LYS A NZ   1 
ATOM   148  H  H    . LYS A 1 15  ? 0.807   -0.663  12.383  1.00 0.00  ? 16  LYS A H    1 
ATOM   149  H  HZ1  . LYS A 1 15  ? 1.518   -5.504  15.124  1.00 0.00  ? 16  LYS A HZ1  1 
ATOM   150  H  HZ2  . LYS A 1 15  ? 0.631   -5.900  13.732  1.00 0.00  ? 16  LYS A HZ2  1 
ATOM   151  H  HZ3  . LYS A 1 15  ? 1.210   -7.130  14.747  1.00 0.00  ? 16  LYS A HZ3  1 
ATOM   152  N  N    . SER A 1 16  ? 4.562   -0.396  11.681  1.00 29.30 ? 17  SER A N    1 
ATOM   153  C  CA   . SER A 1 16  ? 5.193   0.602   10.831  1.00 28.78 ? 17  SER A CA   1 
ATOM   154  C  C    . SER A 1 16  ? 5.364   0.040   9.413   1.00 28.93 ? 17  SER A C    1 
ATOM   155  O  O    . SER A 1 16  ? 5.831   -1.096  9.195   1.00 27.14 ? 17  SER A O    1 
ATOM   156  C  CB   . SER A 1 16  ? 6.587   1.007   11.364  1.00 30.58 ? 17  SER A CB   1 
ATOM   157  O  OG   . SER A 1 16  ? 7.370   1.771   10.432  1.00 30.43 ? 17  SER A OG   1 
ATOM   158  H  H    . SER A 1 16  ? 5.115   -1.034  12.173  1.00 0.00  ? 17  SER A H    1 
ATOM   159  H  HG   . SER A 1 16  ? 7.918   2.369   10.962  1.00 0.00  ? 17  SER A HG   1 
ATOM   160  N  N    . GLY A 1 17  ? 5.049   0.917   8.463   1.00 27.71 ? 18  GLY A N    1 
ATOM   161  C  CA   . GLY A 1 17  ? 5.153   0.647   7.055   1.00 27.29 ? 18  GLY A CA   1 
ATOM   162  C  C    . GLY A 1 17  ? 6.598   0.525   6.663   1.00 29.53 ? 18  GLY A C    1 
ATOM   163  O  O    . GLY A 1 17  ? 7.003   -0.397  5.957   1.00 28.36 ? 18  GLY A O    1 
ATOM   164  H  H    . GLY A 1 17  ? 4.643   1.762   8.737   1.00 0.00  ? 18  GLY A H    1 
ATOM   165  N  N    . MET A 1 18  ? 7.432   1.393   7.199   1.00 32.20 ? 19  MET A N    1 
ATOM   166  C  CA   . MET A 1 18  ? 8.828   1.395   6.818   1.00 35.71 ? 19  MET A CA   1 
ATOM   167  C  C    . MET A 1 18  ? 9.502   0.173   7.403   1.00 35.42 ? 19  MET A C    1 
ATOM   168  O  O    . MET A 1 18  ? 10.366  -0.383  6.751   1.00 35.62 ? 19  MET A O    1 
ATOM   169  C  CB   . MET A 1 18  ? 9.533   2.660   7.328   1.00 40.15 ? 19  MET A CB   1 
ATOM   170  C  CG   . MET A 1 18  ? 10.900  2.882   6.692   1.00 44.38 ? 19  MET A CG   1 
ATOM   171  S  SD   . MET A 1 18  ? 10.885  4.078   5.334   1.00 54.84 ? 19  MET A SD   1 
ATOM   172  C  CE   . MET A 1 18  ? 9.869   3.366   4.071   1.00 52.07 ? 19  MET A CE   1 
ATOM   173  H  H    . MET A 1 18  ? 7.116   1.987   7.908   1.00 0.00  ? 19  MET A H    1 
ATOM   174  N  N    . PHE A 1 19  ? 9.119   -0.295  8.581   1.00 36.13 ? 20  PHE A N    1 
ATOM   175  C  CA   . PHE A 1 19  ? 9.780   -1.437  9.145   1.00 37.23 ? 20  PHE A CA   1 
ATOM   176  C  C    . PHE A 1 19  ? 9.214   -2.738  8.614   1.00 36.94 ? 20  PHE A C    1 
ATOM   177  O  O    . PHE A 1 19  ? 9.956   -3.710  8.483   1.00 37.51 ? 20  PHE A O    1 
ATOM   178  C  CB   . PHE A 1 19  ? 9.659   -1.387  10.655  1.00 42.05 ? 20  PHE A CB   1 
ATOM   179  C  CG   . PHE A 1 19  ? 10.522  -0.295  11.299  1.00 49.68 ? 20  PHE A CG   1 
ATOM   180  C  CD1  . PHE A 1 19  ? 10.456  1.030   10.892  1.00 52.08 ? 20  PHE A CD1  1 
ATOM   181  C  CD2  . PHE A 1 19  ? 11.401  -0.634  12.320  1.00 54.00 ? 20  PHE A CD2  1 
ATOM   182  C  CE1  . PHE A 1 19  ? 11.249  1.991   11.491  1.00 55.30 ? 20  PHE A CE1  1 
ATOM   183  C  CE2  . PHE A 1 19  ? 12.196  0.332   12.920  1.00 55.74 ? 20  PHE A CE2  1 
ATOM   184  C  CZ   . PHE A 1 19  ? 12.121  1.646   12.505  1.00 56.81 ? 20  PHE A CZ   1 
ATOM   185  H  H    . PHE A 1 19  ? 8.387   0.136   9.064   1.00 0.00  ? 20  PHE A H    1 
ATOM   186  N  N    . TRP A 1 20  ? 7.928   -2.823  8.282   1.00 33.99 ? 21  TRP A N    1 
ATOM   187  C  CA   . TRP A 1 20  ? 7.380   -4.098  7.848   1.00 31.87 ? 21  TRP A CA   1 
ATOM   188  C  C    . TRP A 1 20  ? 6.995   -4.260  6.387   1.00 27.46 ? 21  TRP A C    1 
ATOM   189  O  O    . TRP A 1 20  ? 6.876   -5.387  5.918   1.00 26.28 ? 21  TRP A O    1 
ATOM   190  C  CB   . TRP A 1 20  ? 6.157   -4.431  8.703   1.00 36.56 ? 21  TRP A CB   1 
ATOM   191  C  CG   . TRP A 1 20  ? 6.502   -4.673  10.165  1.00 42.90 ? 21  TRP A CG   1 
ATOM   192  C  CD1  . TRP A 1 20  ? 6.027   -3.854  11.156  1.00 46.09 ? 21  TRP A CD1  1 
ATOM   193  C  CD2  . TRP A 1 20  ? 7.273   -5.697  10.653  1.00 47.22 ? 21  TRP A CD2  1 
ATOM   194  N  NE1  . TRP A 1 20  ? 6.479   -4.360  12.274  1.00 47.01 ? 21  TRP A NE1  1 
ATOM   195  C  CE2  . TRP A 1 20  ? 7.225   -5.451  12.014  1.00 48.15 ? 21  TRP A CE2  1 
ATOM   196  C  CE3  . TRP A 1 20  ? 7.987   -6.764  10.149  1.00 49.10 ? 21  TRP A CE3  1 
ATOM   197  C  CZ2  . TRP A 1 20  ? 7.897   -6.279  12.883  1.00 49.97 ? 21  TRP A CZ2  1 
ATOM   198  C  CZ3  . TRP A 1 20  ? 8.658   -7.590  11.017  1.00 49.59 ? 21  TRP A CZ3  1 
ATOM   199  C  CH2  . TRP A 1 20  ? 8.611   -7.345  12.370  1.00 50.56 ? 21  TRP A CH2  1 
ATOM   200  H  H    . TRP A 1 20  ? 7.341   -2.048  8.359   1.00 0.00  ? 21  TRP A H    1 
ATOM   201  H  HE1  . TRP A 1 20  ? 6.209   -4.066  13.173  1.00 0.00  ? 21  TRP A HE1  1 
ATOM   202  N  N    . TYR A 1 21  ? 6.854   -3.200  5.595   1.00 23.41 ? 22  TYR A N    1 
ATOM   203  C  CA   . TYR A 1 21  ? 6.285   -3.274  4.259   1.00 18.72 ? 22  TYR A CA   1 
ATOM   204  C  C    . TYR A 1 21  ? 7.123   -2.539  3.231   1.00 18.44 ? 22  TYR A C    1 
ATOM   205  O  O    . TYR A 1 21  ? 6.606   -2.216  2.148   1.00 18.41 ? 22  TYR A O    1 
ATOM   206  C  CB   . TYR A 1 21  ? 4.864   -2.669  4.301   1.00 17.87 ? 22  TYR A CB   1 
ATOM   207  C  CG   . TYR A 1 21  ? 3.939   -3.396  5.240   1.00 15.86 ? 22  TYR A CG   1 
ATOM   208  C  CD1  . TYR A 1 21  ? 3.489   -4.651  4.889   1.00 18.75 ? 22  TYR A CD1  1 
ATOM   209  C  CD2  . TYR A 1 21  ? 3.606   -2.844  6.452   1.00 18.55 ? 22  TYR A CD2  1 
ATOM   210  C  CE1  . TYR A 1 21  ? 2.705   -5.383  5.751   1.00 14.96 ? 22  TYR A CE1  1 
ATOM   211  C  CE2  . TYR A 1 21  ? 2.827   -3.571  7.315   1.00 17.13 ? 22  TYR A CE2  1 
ATOM   212  C  CZ   . TYR A 1 21  ? 2.387   -4.827  6.955   1.00 18.64 ? 22  TYR A CZ   1 
ATOM   213  O  OH   . TYR A 1 21  ? 1.590   -5.564  7.813   1.00 18.91 ? 22  TYR A OH   1 
ATOM   214  H  H    . TYR A 1 21  ? 7.152   -2.325  5.922   1.00 0.00  ? 22  TYR A H    1 
ATOM   215  H  HH   . TYR A 1 21  ? 1.552   -5.118  8.668   1.00 0.00  ? 22  TYR A HH   1 
ATOM   216  N  N    . SER A 1 22  ? 8.406   -2.232  3.491   1.00 15.82 ? 23  SER A N    1 
ATOM   217  C  CA   . SER A 1 22  ? 9.148   -1.454  2.509   1.00 17.18 ? 23  SER A CA   1 
ATOM   218  C  C    . SER A 1 22  ? 9.999   -2.303  1.559   1.00 16.78 ? 23  SER A C    1 
ATOM   219  O  O    . SER A 1 22  ? 10.503  -1.796  0.545   1.00 16.06 ? 23  SER A O    1 
ATOM   220  C  CB   . SER A 1 22  ? 10.034  -0.424  3.268   1.00 18.46 ? 23  SER A CB   1 
ATOM   221  O  OG   . SER A 1 22  ? 10.790  -1.111  4.268   1.00 17.27 ? 23  SER A OG   1 
ATOM   222  H  H    . SER A 1 22  ? 8.843   -2.446  4.340   1.00 0.00  ? 23  SER A H    1 
ATOM   223  H  HG   . SER A 1 22  ? 10.986  -0.537  5.023   1.00 0.00  ? 23  SER A HG   1 
ATOM   224  N  N    . ASN A 1 23  ? 10.190  -3.598  1.863   1.00 15.53 ? 24  ASN A N    1 
ATOM   225  C  CA   . ASN A 1 23  ? 10.969  -4.474  0.987   1.00 16.09 ? 24  ASN A CA   1 
ATOM   226  C  C    . ASN A 1 23  ? 10.521  -5.912  1.232   1.00 16.64 ? 24  ASN A C    1 
ATOM   227  O  O    . ASN A 1 23  ? 11.296  -6.810  1.567   1.00 17.43 ? 24  ASN A O    1 
ATOM   228  C  CB   . ASN A 1 23  ? 12.472  -4.321  1.292   1.00 17.43 ? 24  ASN A CB   1 
ATOM   229  C  CG   . ASN A 1 23  ? 13.351  -5.040  0.291   1.00 20.38 ? 24  ASN A CG   1 
ATOM   230  O  OD1  . ASN A 1 23  ? 13.009  -5.125  -0.892  1.00 21.67 ? 24  ASN A OD1  1 
ATOM   231  N  ND2  . ASN A 1 23  ? 14.500  -5.568  0.692   1.00 14.97 ? 24  ASN A ND2  1 
ATOM   232  H  H    . ASN A 1 23  ? 9.812   -3.956  2.689   1.00 0.00  ? 24  ASN A H    1 
ATOM   233  H  HD21 . ASN A 1 23  ? 15.089  -5.995  0.034   1.00 0.00  ? 24  ASN A HD21 1 
ATOM   234  H  HD22 . ASN A 1 23  ? 14.738  -5.494  1.644   1.00 0.00  ? 24  ASN A HD22 1 
ATOM   235  N  N    . TYR A 1 24  ? 9.215   -6.144  1.114   1.00 16.06 ? 25  TYR A N    1 
ATOM   236  C  CA   . TYR A 1 24  ? 8.631   -7.452  1.303   1.00 14.91 ? 25  TYR A CA   1 
ATOM   237  C  C    . TYR A 1 24  ? 8.075   -7.936  -0.053  1.00 15.57 ? 25  TYR A C    1 
ATOM   238  O  O    . TYR A 1 24  ? 7.274   -7.251  -0.718  1.00 15.54 ? 25  TYR A O    1 
ATOM   239  C  CB   . TYR A 1 24  ? 7.542   -7.317  2.377   1.00 15.00 ? 25  TYR A CB   1 
ATOM   240  C  CG   . TYR A 1 24  ? 6.763   -8.584  2.782   1.00 14.90 ? 25  TYR A CG   1 
ATOM   241  C  CD1  . TYR A 1 24  ? 5.765   -9.127  1.974   1.00 14.79 ? 25  TYR A CD1  1 
ATOM   242  C  CD2  . TYR A 1 24  ? 7.043   -9.162  3.995   1.00 14.00 ? 25  TYR A CD2  1 
ATOM   243  C  CE1  . TYR A 1 24  ? 5.049   -10.238 2.373   1.00 12.21 ? 25  TYR A CE1  1 
ATOM   244  C  CE2  . TYR A 1 24  ? 6.324   -10.258 4.398   1.00 11.89 ? 25  TYR A CE2  1 
ATOM   245  C  CZ   . TYR A 1 24  ? 5.348   -10.779 3.589   1.00 12.67 ? 25  TYR A CZ   1 
ATOM   246  O  OH   . TYR A 1 24  ? 4.686   -11.891 4.038   1.00 15.91 ? 25  TYR A OH   1 
ATOM   247  H  H    . TYR A 1 24  ? 8.657   -5.435  0.736   1.00 0.00  ? 25  TYR A H    1 
ATOM   248  H  HH   . TYR A 1 24  ? 4.515   -12.470 3.289   1.00 0.00  ? 25  TYR A HH   1 
ATOM   249  N  N    . GLY A 1 25  ? 8.510   -9.121  -0.496  1.00 13.75 ? 26  GLY A N    1 
ATOM   250  C  CA   . GLY A 1 25  ? 8.013   -9.736  -1.719  1.00 13.40 ? 26  GLY A CA   1 
ATOM   251  C  C    . GLY A 1 25  ? 8.373   -8.894  -2.941  1.00 13.19 ? 26  GLY A C    1 
ATOM   252  O  O    . GLY A 1 25  ? 9.317   -8.108  -2.959  1.00 15.67 ? 26  GLY A O    1 
ATOM   253  H  H    . GLY A 1 25  ? 9.287   -9.517  -0.050  1.00 0.00  ? 26  GLY A H    1 
ATOM   254  N  N    . CYS A 1 26  ? 7.601   -9.027  -4.011  1.00 13.06 ? 27  CYS A N    1 
ATOM   255  C  CA   . CYS A 1 26  ? 7.809   -8.329  -5.278  1.00 10.94 ? 27  CYS A CA   1 
ATOM   256  C  C    . CYS A 1 26  ? 7.321   -6.903  -5.320  1.00 10.43 ? 27  CYS A C    1 
ATOM   257  O  O    . CYS A 1 26  ? 7.811   -6.059  -6.066  1.00 8.70  ? 27  CYS A O    1 
ATOM   258  C  CB   . CYS A 1 26  ? 7.124   -9.125  -6.408  1.00 13.81 ? 27  CYS A CB   1 
ATOM   259  S  SG   . CYS A 1 26  ? 7.838   -10.782 -6.644  1.00 16.56 ? 27  CYS A SG   1 
ATOM   260  H  H    . CYS A 1 26  ? 6.936   -9.737  -4.003  1.00 0.00  ? 27  CYS A H    1 
ATOM   261  N  N    . TYR A 1 27  ? 6.324   -6.609  -4.497  1.00 10.45 ? 28  TYR A N    1 
ATOM   262  C  CA   . TYR A 1 27  ? 5.640   -5.333  -4.577  1.00 11.22 ? 28  TYR A CA   1 
ATOM   263  C  C    . TYR A 1 27  ? 5.660   -4.482  -3.313  1.00 9.54  ? 28  TYR A C    1 
ATOM   264  O  O    . TYR A 1 27  ? 5.367   -3.294  -3.468  1.00 7.95  ? 28  TYR A O    1 
ATOM   265  C  CB   . TYR A 1 27  ? 4.140   -5.560  -5.004  1.00 10.90 ? 28  TYR A CB   1 
ATOM   266  C  CG   . TYR A 1 27  ? 4.052   -5.952  -6.470  1.00 11.50 ? 28  TYR A CG   1 
ATOM   267  C  CD1  . TYR A 1 27  ? 4.071   -4.955  -7.437  1.00 12.23 ? 28  TYR A CD1  1 
ATOM   268  C  CD2  . TYR A 1 27  ? 4.028   -7.290  -6.825  1.00 9.59  ? 28  TYR A CD2  1 
ATOM   269  C  CE1  . TYR A 1 27  ? 4.077   -5.276  -8.785  1.00 13.50 ? 28  TYR A CE1  1 
ATOM   270  C  CE2  . TYR A 1 27  ? 4.043   -7.611  -8.172  1.00 12.37 ? 28  TYR A CE2  1 
ATOM   271  C  CZ   . TYR A 1 27  ? 4.070   -6.618  -9.138  1.00 13.62 ? 28  TYR A CZ   1 
ATOM   272  O  OH   . TYR A 1 27  ? 4.123   -6.982  -10.470 1.00 12.69 ? 28  TYR A OH   1 
ATOM   273  H  H    . TYR A 1 27  ? 6.176   -7.205  -3.749  1.00 0.00  ? 28  TYR A H    1 
ATOM   274  H  HH   . TYR A 1 27  ? 3.917   -6.235  -11.055 1.00 0.00  ? 28  TYR A HH   1 
ATOM   275  N  N    . CYS A 1 28  ? 5.877   -4.963  -2.087  1.00 10.39 ? 29  CYS A N    1 
ATOM   276  C  CA   . CYS A 1 28  ? 5.873   -4.088  -0.928  1.00 10.30 ? 29  CYS A CA   1 
ATOM   277  C  C    . CYS A 1 28  ? 7.230   -3.403  -0.856  1.00 11.97 ? 29  CYS A C    1 
ATOM   278  O  O    . CYS A 1 28  ? 8.223   -3.885  -0.315  1.00 10.47 ? 29  CYS A O    1 
ATOM   279  C  CB   . CYS A 1 28  ? 5.612   -4.901  0.327   1.00 10.19 ? 29  CYS A CB   1 
ATOM   280  S  SG   . CYS A 1 28  ? 3.931   -5.569  0.349   1.00 11.56 ? 29  CYS A SG   1 
ATOM   281  H  H    . CYS A 1 28  ? 6.132   -5.897  -1.924  1.00 0.00  ? 29  CYS A H    1 
ATOM   282  N  N    . GLY A 1 29  ? 7.258   -2.284  -1.557  1.00 11.99 ? 30  GLY A N    1 
ATOM   283  C  CA   . GLY A 1 29  ? 8.423   -1.452  -1.707  1.00 15.49 ? 30  GLY A CA   1 
ATOM   284  C  C    . GLY A 1 29  ? 8.179   -0.560  -2.912  1.00 16.37 ? 30  GLY A C    1 
ATOM   285  O  O    . GLY A 1 29  ? 7.071   -0.582  -3.457  1.00 16.18 ? 30  GLY A O    1 
ATOM   286  H  H    . GLY A 1 29  ? 6.451   -2.023  -2.038  1.00 0.00  ? 30  GLY A H    1 
ATOM   287  N  N    . TRP A 1 30  ? 9.124   0.240   -3.362  1.00 16.48 ? 31  TRP A N    1 
ATOM   288  C  CA   . TRP A 1 30  ? 8.894   1.127   -4.479  1.00 16.58 ? 31  TRP A CA   1 
ATOM   289  C  C    . TRP A 1 30  ? 8.866   0.299   -5.738  1.00 16.35 ? 31  TRP A C    1 
ATOM   290  O  O    . TRP A 1 30  ? 9.697   -0.591  -5.882  1.00 18.48 ? 31  TRP A O    1 
ATOM   291  C  CB   . TRP A 1 30  ? 10.022  2.173   -4.573  1.00 18.09 ? 31  TRP A CB   1 
ATOM   292  C  CG   . TRP A 1 30  ? 9.571   3.375   -5.394  1.00 19.42 ? 31  TRP A CG   1 
ATOM   293  C  CD1  . TRP A 1 30  ? 9.873   3.504   -6.733  1.00 20.48 ? 31  TRP A CD1  1 
ATOM   294  C  CD2  . TRP A 1 30  ? 8.796   4.409   -4.913  1.00 20.52 ? 31  TRP A CD2  1 
ATOM   295  N  NE1  . TRP A 1 30  ? 9.276   4.627   -7.092  1.00 22.35 ? 31  TRP A NE1  1 
ATOM   296  C  CE2  . TRP A 1 30  ? 8.630   5.192   -6.051  1.00 20.20 ? 31  TRP A CE2  1 
ATOM   297  C  CE3  . TRP A 1 30  ? 8.244   4.768   -3.697  1.00 19.33 ? 31  TRP A CE3  1 
ATOM   298  C  CZ2  . TRP A 1 30  ? 7.900   6.362   -5.986  1.00 20.97 ? 31  TRP A CZ2  1 
ATOM   299  C  CZ3  . TRP A 1 30  ? 7.522   5.933   -3.631  1.00 20.09 ? 31  TRP A CZ3  1 
ATOM   300  C  CH2  . TRP A 1 30  ? 7.352   6.719   -4.758  1.00 20.82 ? 31  TRP A CH2  1 
ATOM   301  H  H    . TRP A 1 30  ? 10.018  0.219   -2.943  1.00 0.00  ? 31  TRP A H    1 
ATOM   302  H  HE1  . TRP A 1 30  ? 9.297   4.978   -8.009  1.00 0.00  ? 31  TRP A HE1  1 
ATOM   303  N  N    . GLY A 1 31  ? 7.905   0.560   -6.628  1.00 14.44 ? 32  GLY A N    1 
ATOM   304  C  CA   . GLY A 1 31  ? 7.782   -0.129  -7.901  1.00 14.10 ? 32  GLY A CA   1 
ATOM   305  C  C    . GLY A 1 31  ? 7.526   -1.617  -7.717  1.00 14.29 ? 32  GLY A C    1 
ATOM   306  O  O    . GLY A 1 31  ? 6.996   -2.030  -6.676  1.00 13.51 ? 32  GLY A O    1 
ATOM   307  H  H    . GLY A 1 31  ? 7.252   1.258   -6.424  1.00 0.00  ? 32  GLY A H    1 
ATOM   308  N  N    . GLY A 1 32  ? 7.863   -2.461  -8.686  1.00 15.55 ? 33  GLY A N    1 
ATOM   309  C  CA   . GLY A 1 32  ? 7.728   -3.888  -8.490  1.00 17.02 ? 33  GLY A CA   1 
ATOM   310  C  C    . GLY A 1 32  ? 7.542   -4.572  -9.815  1.00 19.01 ? 33  GLY A C    1 
ATOM   311  O  O    . GLY A 1 32  ? 7.202   -3.895  -10.782 1.00 20.73 ? 33  GLY A O    1 
ATOM   312  H  H    . GLY A 1 32  ? 8.193   -2.146  -9.553  1.00 0.00  ? 33  GLY A H    1 
ATOM   313  N  N    . GLN A 1 33  ? 7.770   -5.880  -9.870  1.00 19.90 ? 34  GLN A N    1 
ATOM   314  C  CA   . GLN A 1 33  ? 7.592   -6.681  -11.077 1.00 21.04 ? 34  GLN A CA   1 
ATOM   315  C  C    . GLN A 1 33  ? 7.249   -8.066  -10.555 1.00 18.77 ? 34  GLN A C    1 
ATOM   316  O  O    . GLN A 1 33  ? 7.386   -8.335  -9.356  1.00 15.33 ? 34  GLN A O    1 
ATOM   317  C  CB   . GLN A 1 33  ? 8.836   -6.961  -11.929 1.00 27.16 ? 34  GLN A CB   1 
ATOM   318  C  CG   . GLN A 1 33  ? 9.927   -5.988  -12.305 1.00 35.57 ? 34  GLN A CG   1 
ATOM   319  C  CD   . GLN A 1 33  ? 11.217  -6.091  -11.485 1.00 38.80 ? 34  GLN A CD   1 
ATOM   320  O  OE1  . GLN A 1 33  ? 11.888  -5.066  -11.309 1.00 40.10 ? 34  GLN A OE1  1 
ATOM   321  N  NE2  . GLN A 1 33  ? 11.670  -7.232  -10.966 1.00 39.21 ? 34  GLN A NE2  1 
ATOM   322  H  H    . GLN A 1 33  ? 8.029   -6.363  -9.052  1.00 0.00  ? 34  GLN A H    1 
ATOM   323  H  HE21 . GLN A 1 33  ? 12.500  -7.191  -10.452 1.00 0.00  ? 34  GLN A HE21 1 
ATOM   324  H  HE22 . GLN A 1 33  ? 11.162  -8.059  -11.102 1.00 0.00  ? 34  GLN A HE22 1 
ATOM   325  N  N    . GLY A 1 34  ? 6.868   -8.968  -11.462 1.00 18.65 ? 35  GLY A N    1 
ATOM   326  C  CA   . GLY A 1 34  ? 6.592   -10.341 -11.086 1.00 17.53 ? 35  GLY A CA   1 
ATOM   327  C  C    . GLY A 1 34  ? 5.186   -10.503 -10.518 1.00 16.51 ? 35  GLY A C    1 
ATOM   328  O  O    . GLY A 1 34  ? 4.269   -9.685  -10.683 1.00 14.51 ? 35  GLY A O    1 
ATOM   329  H  H    . GLY A 1 34  ? 6.639   -8.666  -12.367 1.00 0.00  ? 35  GLY A H    1 
ATOM   330  N  N    . ARG A 1 35  ? 5.035   -11.643 -9.847  1.00 16.58 ? 36  ARG A N    1 
ATOM   331  C  CA   . ARG A 1 35  ? 3.751   -12.047 -9.262  1.00 16.80 ? 36  ARG A CA   1 
ATOM   332  C  C    . ARG A 1 35  ? 3.684   -11.497 -7.849  1.00 15.06 ? 36  ARG A C    1 
ATOM   333  O  O    . ARG A 1 35  ? 4.704   -11.559 -7.139  1.00 14.14 ? 36  ARG A O    1 
ATOM   334  C  CB   . ARG A 1 35  ? 3.600   -13.591 -9.160  1.00 16.13 ? 36  ARG A CB   1 
ATOM   335  C  CG   . ARG A 1 35  ? 3.559   -14.296 -10.498 1.00 17.23 ? 36  ARG A CG   1 
ATOM   336  C  CD   . ARG A 1 35  ? 3.512   -15.794 -10.262 1.00 17.46 ? 36  ARG A CD   1 
ATOM   337  N  NE   . ARG A 1 35  ? 3.603   -16.432 -11.566 1.00 17.53 ? 36  ARG A NE   1 
ATOM   338  C  CZ   . ARG A 1 35  ? 3.963   -17.717 -11.732 1.00 18.78 ? 36  ARG A CZ   1 
ATOM   339  N  NH1  . ARG A 1 35  ? 4.283   -18.526 -10.705 1.00 16.25 ? 36  ARG A NH1  1 
ATOM   340  N  NH2  . ARG A 1 35  ? 3.913   -18.217 -12.976 1.00 18.80 ? 36  ARG A NH2  1 
ATOM   341  H  H    . ARG A 1 35  ? 5.821   -12.209 -9.708  1.00 0.00  ? 36  ARG A H    1 
ATOM   342  H  HE   . ARG A 1 35  ? 3.392   -15.897 -12.352 1.00 0.00  ? 36  ARG A HE   1 
ATOM   343  H  HH11 . ARG A 1 35  ? 4.261   -18.185 -9.765  1.00 0.00  ? 36  ARG A HH11 1 
ATOM   344  H  HH12 . ARG A 1 35  ? 4.535   -19.478 -10.883 1.00 0.00  ? 36  ARG A HH12 1 
ATOM   345  H  HH21 . ARG A 1 35  ? 3.623   -17.636 -13.737 1.00 0.00  ? 36  ARG A HH21 1 
ATOM   346  H  HH22 . ARG A 1 35  ? 4.160   -19.171 -13.141 1.00 0.00  ? 36  ARG A HH22 1 
ATOM   347  N  N    . PRO A 1 36  ? 2.521   -11.019 -7.349  1.00 13.78 ? 37  PRO A N    1 
ATOM   348  C  CA   . PRO A 1 36  ? 2.296   -10.843 -5.920  1.00 12.94 ? 37  PRO A CA   1 
ATOM   349  C  C    . PRO A 1 36  ? 2.530   -12.228 -5.341  1.00 14.35 ? 37  PRO A C    1 
ATOM   350  O  O    . PRO A 1 36  ? 1.937   -13.207 -5.809  1.00 13.68 ? 37  PRO A O    1 
ATOM   351  C  CB   . PRO A 1 36  ? 0.881   -10.358 -5.820  1.00 11.58 ? 37  PRO A CB   1 
ATOM   352  C  CG   . PRO A 1 36  ? 0.673   -9.652  -7.145  1.00 11.67 ? 37  PRO A CG   1 
ATOM   353  C  CD   . PRO A 1 36  ? 1.396   -10.533 -8.144  1.00 11.83 ? 37  PRO A CD   1 
ATOM   354  N  N    . GLN A 1 37  ? 3.429   -12.314 -4.359  1.00 11.14 ? 38  GLN A N    1 
ATOM   355  C  CA   . GLN A 1 37  ? 3.815   -13.591 -3.768  1.00 14.16 ? 38  GLN A CA   1 
ATOM   356  C  C    . GLN A 1 37  ? 2.863   -14.153 -2.719  1.00 15.11 ? 38  GLN A C    1 
ATOM   357  O  O    . GLN A 1 37  ? 2.788   -15.373 -2.534  1.00 14.87 ? 38  GLN A O    1 
ATOM   358  C  CB   . GLN A 1 37  ? 5.223   -13.452 -3.162  1.00 13.57 ? 38  GLN A CB   1 
ATOM   359  C  CG   . GLN A 1 37  ? 6.256   -13.082 -4.237  1.00 14.54 ? 38  GLN A CG   1 
ATOM   360  C  CD   . GLN A 1 37  ? 6.377   -14.169 -5.302  1.00 15.54 ? 38  GLN A CD   1 
ATOM   361  O  OE1  . GLN A 1 37  ? 6.542   -15.342 -4.937  1.00 13.77 ? 38  GLN A OE1  1 
ATOM   362  N  NE2  . GLN A 1 37  ? 6.304   -13.907 -6.606  1.00 13.29 ? 38  GLN A NE2  1 
ATOM   363  H  H    . GLN A 1 37  ? 3.835   -11.500 -4.046  1.00 0.00  ? 38  GLN A H    1 
ATOM   364  H  HE21 . GLN A 1 37  ? 6.365   -14.649 -7.236  1.00 0.00  ? 38  GLN A HE21 1 
ATOM   365  H  HE22 . GLN A 1 37  ? 6.176   -12.970 -6.884  1.00 0.00  ? 38  GLN A HE22 1 
ATOM   366  N  N    . ASP A 1 38  ? 2.125   -13.298 -2.012  1.00 12.37 ? 39  ASP A N    1 
ATOM   367  C  CA   . ASP A 1 38  ? 1.222   -13.770 -0.984  1.00 14.11 ? 39  ASP A CA   1 
ATOM   368  C  C    . ASP A 1 38  ? 0.179   -12.665 -0.788  1.00 12.99 ? 39  ASP A C    1 
ATOM   369  O  O    . ASP A 1 38  ? 0.174   -11.674 -1.543  1.00 10.36 ? 39  ASP A O    1 
ATOM   370  C  CB   . ASP A 1 38  ? 2.051   -14.075 0.280   1.00 13.71 ? 39  ASP A CB   1 
ATOM   371  C  CG   . ASP A 1 38  ? 2.581   -12.914 1.113   1.00 17.32 ? 39  ASP A CG   1 
ATOM   372  O  OD1  . ASP A 1 38  ? 2.744   -11.792 0.629   1.00 17.43 ? 39  ASP A OD1  1 
ATOM   373  O  OD2  . ASP A 1 38  ? 2.787   -13.134 2.294   1.00 14.67 ? 39  ASP A OD2  1 
ATOM   374  H  H    . ASP A 1 38  ? 2.037   -12.366 -2.295  1.00 0.00  ? 39  ASP A H    1 
ATOM   375  N  N    . ALA A 1 39  ? -0.658  -12.754 0.242   1.00 13.13 ? 40  ALA A N    1 
ATOM   376  C  CA   . ALA A 1 39  ? -1.744  -11.797 0.460   1.00 13.63 ? 40  ALA A CA   1 
ATOM   377  C  C    . ALA A 1 39  ? -1.227  -10.395 0.794   1.00 13.86 ? 40  ALA A C    1 
ATOM   378  O  O    . ALA A 1 39  ? -1.661  -9.457  0.121   1.00 13.35 ? 40  ALA A O    1 
ATOM   379  C  CB   . ALA A 1 39  ? -2.649  -12.304 1.595   1.00 13.88 ? 40  ALA A CB   1 
ATOM   380  H  H    . ALA A 1 39  ? -0.560  -13.501 0.875   1.00 0.00  ? 40  ALA A H    1 
ATOM   381  N  N    . THR A 1 40  ? -0.254  -10.218 1.715   1.00 12.43 ? 41  THR A N    1 
ATOM   382  C  CA   . THR A 1 40  ? 0.336   -8.901  1.976   1.00 11.78 ? 41  THR A CA   1 
ATOM   383  C  C    . THR A 1 40  ? 0.914   -8.325  0.692   1.00 12.02 ? 41  THR A C    1 
ATOM   384  O  O    . THR A 1 40  ? 0.598   -7.180  0.382   1.00 14.78 ? 41  THR A O    1 
ATOM   385  C  CB   . THR A 1 40  ? 1.447   -9.001  3.057   1.00 11.44 ? 41  THR A CB   1 
ATOM   386  O  OG1  . THR A 1 40  ? 0.773   -9.455  4.239   1.00 15.37 ? 41  THR A OG1  1 
ATOM   387  C  CG2  . THR A 1 40  ? 2.209   -7.700  3.314   1.00 10.46 ? 41  THR A CG2  1 
ATOM   388  H  H    . THR A 1 40  ? 0.044   -10.978 2.262   1.00 0.00  ? 41  THR A H    1 
ATOM   389  H  HG1  . THR A 1 40  ? 0.546   -8.716  4.838   1.00 0.00  ? 41  THR A HG1  1 
ATOM   390  N  N    . ASP A 1 41  ? 1.692   -9.082  -0.099  1.00 9.83  ? 42  ASP A N    1 
ATOM   391  C  CA   . ASP A 1 41  ? 2.272   -8.594  -1.333  1.00 10.39 ? 42  ASP A CA   1 
ATOM   392  C  C    . ASP A 1 41  ? 1.195   -8.169  -2.352  1.00 10.31 ? 42  ASP A C    1 
ATOM   393  O  O    . ASP A 1 41  ? 1.361   -7.190  -3.093  1.00 8.91  ? 42  ASP A O    1 
ATOM   394  C  CB   . ASP A 1 41  ? 3.167   -9.678  -1.957  1.00 11.38 ? 42  ASP A CB   1 
ATOM   395  C  CG   . ASP A 1 41  ? 4.279   -9.098  -2.838  1.00 14.45 ? 42  ASP A CG   1 
ATOM   396  O  OD1  . ASP A 1 41  ? 4.616   -7.916  -2.765  1.00 13.69 ? 42  ASP A OD1  1 
ATOM   397  O  OD2  . ASP A 1 41  ? 4.835   -9.850  -3.627  1.00 14.89 ? 42  ASP A OD2  1 
ATOM   398  H  H    . ASP A 1 41  ? 1.827   -10.006 0.161   1.00 0.00  ? 42  ASP A H    1 
ATOM   399  N  N    . ARG A 1 42  ? 0.072   -8.888  -2.422  1.00 10.06 ? 43  ARG A N    1 
ATOM   400  C  CA   . ARG A 1 42  ? -1.002  -8.494  -3.306  1.00 9.16  ? 43  ARG A CA   1 
ATOM   401  C  C    . ARG A 1 42  ? -1.608  -7.171  -2.797  1.00 8.55  ? 43  ARG A C    1 
ATOM   402  O  O    . ARG A 1 42  ? -1.961  -6.344  -3.637  1.00 9.31  ? 43  ARG A O    1 
ATOM   403  C  CB   . ARG A 1 42  ? -2.055  -9.613  -3.348  1.00 10.09 ? 43  ARG A CB   1 
ATOM   404  C  CG   . ARG A 1 42  ? -3.081  -9.289  -4.447  1.00 12.91 ? 43  ARG A CG   1 
ATOM   405  C  CD   . ARG A 1 42  ? -3.860  -10.502 -4.876  1.00 13.94 ? 43  ARG A CD   1 
ATOM   406  N  NE   . ARG A 1 42  ? -3.025  -11.408 -5.628  1.00 13.11 ? 43  ARG A NE   1 
ATOM   407  C  CZ   . ARG A 1 42  ? -2.842  -11.284 -6.928  1.00 14.43 ? 43  ARG A CZ   1 
ATOM   408  N  NH1  . ARG A 1 42  ? -3.372  -10.284 -7.644  1.00 13.72 ? 43  ARG A NH1  1 
ATOM   409  N  NH2  . ARG A 1 42  ? -2.068  -12.186 -7.522  1.00 12.98 ? 43  ARG A NH2  1 
ATOM   410  H  H    . ARG A 1 42  ? -0.046  -9.690  -1.873  1.00 0.00  ? 43  ARG A H    1 
ATOM   411  H  HE   . ARG A 1 42  ? -2.584  -12.138 -5.155  1.00 0.00  ? 43  ARG A HE   1 
ATOM   412  H  HH11 . ARG A 1 42  ? -3.934  -9.587  -7.202  1.00 0.00  ? 43  ARG A HH11 1 
ATOM   413  H  HH12 . ARG A 1 42  ? -3.196  -10.233 -8.620  1.00 0.00  ? 43  ARG A HH12 1 
ATOM   414  H  HH21 . ARG A 1 42  ? -1.656  -12.919 -6.982  1.00 0.00  ? 43  ARG A HH21 1 
ATOM   415  H  HH22 . ARG A 1 42  ? -1.908  -12.140 -8.503  1.00 0.00  ? 43  ARG A HH22 1 
ATOM   416  N  N    . CYS A 1 43  ? -1.715  -6.905  -1.480  1.00 8.01  ? 44  CYS A N    1 
ATOM   417  C  CA   . CYS A 1 43  ? -2.193  -5.620  -0.975  1.00 11.60 ? 44  CYS A CA   1 
ATOM   418  C  C    . CYS A 1 43  ? -1.290  -4.524  -1.510  1.00 11.91 ? 44  CYS A C    1 
ATOM   419  O  O    . CYS A 1 43  ? -1.821  -3.459  -1.870  1.00 12.60 ? 44  CYS A O    1 
ATOM   420  C  CB   . CYS A 1 43  ? -2.119  -5.435  0.535   1.00 10.29 ? 44  CYS A CB   1 
ATOM   421  S  SG   . CYS A 1 43  ? -2.964  -6.692  1.524   1.00 13.35 ? 44  CYS A SG   1 
ATOM   422  H  H    . CYS A 1 43  ? -1.468  -7.605  -0.836  1.00 0.00  ? 44  CYS A H    1 
ATOM   423  N  N    . CYS A 1 44  ? 0.047   -4.728  -1.579  1.00 9.92  ? 45  CYS A N    1 
ATOM   424  C  CA   . CYS A 1 44  ? 0.932   -3.699  -2.115  1.00 9.31  ? 45  CYS A CA   1 
ATOM   425  C  C    . CYS A 1 44  ? 0.788   -3.517  -3.607  1.00 9.09  ? 45  CYS A C    1 
ATOM   426  O  O    . CYS A 1 44  ? 0.866   -2.395  -4.117  1.00 9.53  ? 45  CYS A O    1 
ATOM   427  C  CB   . CYS A 1 44  ? 2.386   -4.020  -1.834  1.00 9.15  ? 45  CYS A CB   1 
ATOM   428  S  SG   . CYS A 1 44  ? 2.748   -3.981  -0.073  1.00 13.03 ? 45  CYS A SG   1 
ATOM   429  H  H    . CYS A 1 44  ? 0.447   -5.538  -1.194  1.00 0.00  ? 45  CYS A H    1 
ATOM   430  N  N    . PHE A 1 45  ? 0.578   -4.612  -4.331  1.00 8.67  ? 46  PHE A N    1 
ATOM   431  C  CA   . PHE A 1 45  ? 0.363   -4.582  -5.765  1.00 9.25  ? 46  PHE A CA   1 
ATOM   432  C  C    . PHE A 1 45  ? -0.874  -3.745  -6.082  1.00 10.54 ? 46  PHE A C    1 
ATOM   433  O  O    . PHE A 1 45  ? -0.828  -2.898  -6.983  1.00 10.02 ? 46  PHE A O    1 
ATOM   434  C  CB   . PHE A 1 45  ? 0.162   -6.036  -6.310  1.00 10.03 ? 46  PHE A CB   1 
ATOM   435  C  CG   . PHE A 1 45  ? -0.345  -6.181  -7.763  1.00 13.13 ? 46  PHE A CG   1 
ATOM   436  C  CD1  . PHE A 1 45  ? 0.457   -5.850  -8.847  1.00 14.30 ? 46  PHE A CD1  1 
ATOM   437  C  CD2  . PHE A 1 45  ? -1.625  -6.682  -8.004  1.00 14.46 ? 46  PHE A CD2  1 
ATOM   438  C  CE1  . PHE A 1 45  ? -0.005  -6.014  -10.143 1.00 15.23 ? 46  PHE A CE1  1 
ATOM   439  C  CE2  . PHE A 1 45  ? -2.081  -6.847  -9.316  1.00 18.06 ? 46  PHE A CE2  1 
ATOM   440  C  CZ   . PHE A 1 45  ? -1.273  -6.513  -10.392 1.00 14.29 ? 46  PHE A CZ   1 
ATOM   441  H  H    . PHE A 1 45  ? 0.612   -5.485  -3.883  1.00 0.00  ? 46  PHE A H    1 
ATOM   442  N  N    . VAL A 1 46  ? -1.978  -3.962  -5.346  1.00 8.99  ? 47  VAL A N    1 
ATOM   443  C  CA   . VAL A 1 46  ? -3.210  -3.227  -5.627  1.00 11.35 ? 47  VAL A CA   1 
ATOM   444  C  C    . VAL A 1 46  ? -2.961  -1.764  -5.300  1.00 11.66 ? 47  VAL A C    1 
ATOM   445  O  O    . VAL A 1 46  ? -3.378  -0.906  -6.083  1.00 11.53 ? 47  VAL A O    1 
ATOM   446  C  CB   . VAL A 1 46  ? -4.420  -3.807  -4.783  1.00 13.71 ? 47  VAL A CB   1 
ATOM   447  C  CG1  . VAL A 1 46  ? -5.690  -2.919  -4.895  1.00 9.98  ? 47  VAL A CG1  1 
ATOM   448  C  CG2  . VAL A 1 46  ? -4.790  -5.204  -5.350  1.00 11.27 ? 47  VAL A CG2  1 
ATOM   449  H  H    . VAL A 1 46  ? -1.971  -4.659  -4.658  1.00 0.00  ? 47  VAL A H    1 
ATOM   450  N  N    . HIS A 1 47  ? -2.208  -1.469  -4.223  1.00 9.83  ? 48  HIS A N    1 
ATOM   451  C  CA   . HIS A 1 47  ? -1.896  -0.097  -3.843  1.00 11.09 ? 48  HIS A CA   1 
ATOM   452  C  C    . HIS A 1 47  ? -1.103  0.605   -4.944  1.00 11.92 ? 48  HIS A C    1 
ATOM   453  O  O    . HIS A 1 47  ? -1.347  1.793   -5.209  1.00 12.46 ? 48  HIS A O    1 
ATOM   454  C  CB   . HIS A 1 47  ? -1.104  -0.110  -2.502  1.00 9.44  ? 48  HIS A CB   1 
ATOM   455  C  CG   . HIS A 1 47  ? -0.779  1.275   -1.956  1.00 10.93 ? 48  HIS A CG   1 
ATOM   456  N  ND1  . HIS A 1 47  ? 0.399   1.881   -2.116  1.00 12.86 ? 48  HIS A ND1  1 
ATOM   457  C  CD2  . HIS A 1 47  ? -1.681  2.080   -1.314  1.00 10.04 ? 48  HIS A CD2  1 
ATOM   458  C  CE1  . HIS A 1 47  ? 0.227   3.062   -1.572  1.00 9.82  ? 48  HIS A CE1  1 
ATOM   459  N  NE2  . HIS A 1 47  ? -0.988  3.171   -1.106  1.00 10.99 ? 48  HIS A NE2  1 
ATOM   460  H  H    . HIS A 1 47  ? -1.907  -2.205  -3.651  1.00 0.00  ? 48  HIS A H    1 
ATOM   461  H  HE2  . HIS A 1 47  ? -1.305  3.914   -0.566  1.00 4.93  ? 48  HIS A HE2  1 
ATOM   462  N  N    . ASP A 1 48  ? -0.126  -0.089  -5.569  1.00 12.68 ? 49  ASP A N    1 
ATOM   463  C  CA   . ASP A 1 48  ? 0.625   0.418   -6.735  1.00 13.41 ? 49  ASP A CA   1 
ATOM   464  C  C    . ASP A 1 48  ? -0.255  0.719   -7.923  1.00 13.21 ? 49  ASP A C    1 
ATOM   465  O  O    . ASP A 1 48  ? -0.118  1.776   -8.546  1.00 13.87 ? 49  ASP A O    1 
ATOM   466  C  CB   . ASP A 1 48  ? 1.661   -0.580  -7.226  1.00 13.88 ? 49  ASP A CB   1 
ATOM   467  C  CG   . ASP A 1 48  ? 2.920   -0.622  -6.363  1.00 19.14 ? 49  ASP A CG   1 
ATOM   468  O  OD1  . ASP A 1 48  ? 3.163   0.320   -5.585  1.00 17.62 ? 49  ASP A OD1  1 
ATOM   469  O  OD2  . ASP A 1 48  ? 3.650   -1.621  -6.485  1.00 21.15 ? 49  ASP A OD2  1 
ATOM   470  H  H    . ASP A 1 48  ? 0.029   -1.018  -5.293  1.00 0.00  ? 49  ASP A H    1 
ATOM   471  N  N    . CYS A 1 49  ? -1.184  -0.189  -8.223  1.00 11.80 ? 50  CYS A N    1 
ATOM   472  C  CA   . CYS A 1 49  ? -2.109  0.006   -9.306  1.00 13.51 ? 50  CYS A CA   1 
ATOM   473  C  C    . CYS A 1 49  ? -3.020  1.198   -8.993  1.00 15.06 ? 50  CYS A C    1 
ATOM   474  O  O    . CYS A 1 49  ? -3.255  2.032   -9.863  1.00 14.59 ? 50  CYS A O    1 
ATOM   475  C  CB   . CYS A 1 49  ? -2.978  -1.229  -9.493  1.00 14.90 ? 50  CYS A CB   1 
ATOM   476  S  SG   . CYS A 1 49  ? -2.062  -2.720  -9.952  1.00 18.55 ? 50  CYS A SG   1 
ATOM   477  H  H    . CYS A 1 49  ? -1.218  -1.034  -7.724  1.00 0.00  ? 50  CYS A H    1 
ATOM   478  N  N    . CYS A 1 50  ? -3.536  1.345   -7.764  1.00 14.80 ? 51  CYS A N    1 
ATOM   479  C  CA   . CYS A 1 50  ? -4.418  2.443   -7.369  1.00 14.50 ? 51  CYS A CA   1 
ATOM   480  C  C    . CYS A 1 50  ? -3.731  3.799   -7.558  1.00 14.56 ? 51  CYS A C    1 
ATOM   481  O  O    . CYS A 1 50  ? -4.256  4.712   -8.207  1.00 13.76 ? 51  CYS A O    1 
ATOM   482  C  CB   . CYS A 1 50  ? -4.807  2.167   -5.925  1.00 12.09 ? 51  CYS A CB   1 
ATOM   483  S  SG   . CYS A 1 50  ? -6.152  3.218   -5.359  1.00 15.19 ? 51  CYS A SG   1 
ATOM   484  H  H    . CYS A 1 50  ? -3.347  0.658   -7.097  1.00 0.00  ? 51  CYS A H    1 
ATOM   485  N  N    . TYR A 1 51  ? -2.480  3.889   -7.092  1.00 15.33 ? 52  TYR A N    1 
ATOM   486  C  CA   . TYR A 1 51  ? -1.659  5.077   -7.286  1.00 18.08 ? 52  TYR A CA   1 
ATOM   487  C  C    . TYR A 1 51  ? -1.435  5.344   -8.756  1.00 21.00 ? 52  TYR A C    1 
ATOM   488  O  O    . TYR A 1 51  ? -1.546  6.497   -9.175  1.00 22.16 ? 52  TYR A O    1 
ATOM   489  C  CB   . TYR A 1 51  ? -0.292  4.946   -6.668  1.00 15.57 ? 52  TYR A CB   1 
ATOM   490  C  CG   . TYR A 1 51  ? -0.164  5.376   -5.226  1.00 14.88 ? 52  TYR A CG   1 
ATOM   491  C  CD1  . TYR A 1 51  ? -1.243  5.548   -4.383  1.00 16.47 ? 52  TYR A CD1  1 
ATOM   492  C  CD2  . TYR A 1 51  ? 1.113   5.584   -4.758  1.00 15.88 ? 52  TYR A CD2  1 
ATOM   493  C  CE1  . TYR A 1 51  ? -1.017  5.919   -3.065  1.00 17.02 ? 52  TYR A CE1  1 
ATOM   494  C  CE2  . TYR A 1 51  ? 1.351   5.950   -3.462  1.00 15.13 ? 52  TYR A CE2  1 
ATOM   495  C  CZ   . TYR A 1 51  ? 0.283   6.109   -2.614  1.00 17.48 ? 52  TYR A CZ   1 
ATOM   496  O  OH   . TYR A 1 51  ? 0.550   6.387   -1.270  1.00 18.47 ? 52  TYR A OH   1 
ATOM   497  H  H    . TYR A 1 51  ? -2.102  3.134   -6.593  1.00 0.00  ? 52  TYR A H    1 
ATOM   498  H  HH   . TYR A 1 51  ? 1.428   6.782   -1.187  1.00 0.00  ? 52  TYR A HH   1 
ATOM   499  N  N    . GLY A 1 52  ? -1.199  4.297   -9.560  1.00 22.78 ? 53  GLY A N    1 
ATOM   500  C  CA   . GLY A 1 52  ? -0.962  4.464   -10.978 1.00 24.59 ? 53  GLY A CA   1 
ATOM   501  C  C    . GLY A 1 52  ? -2.153  5.074   -11.704 1.00 26.94 ? 53  GLY A C    1 
ATOM   502  O  O    . GLY A 1 52  ? -1.962  5.676   -12.761 1.00 27.05 ? 53  GLY A O    1 
ATOM   503  H  H    . GLY A 1 52  ? -1.136  3.401   -9.174  1.00 0.00  ? 53  GLY A H    1 
ATOM   504  N  N    . LYS A 1 53  ? -3.375  4.895   -11.178 1.00 26.65 ? 54  LYS A N    1 
ATOM   505  C  CA   . LYS A 1 53  ? -4.609  5.398   -11.760 1.00 29.04 ? 54  LYS A CA   1 
ATOM   506  C  C    . LYS A 1 53  ? -4.919  6.814   -11.277 1.00 29.18 ? 54  LYS A C    1 
ATOM   507  O  O    . LYS A 1 53  ? -5.898  7.407   -11.752 1.00 29.65 ? 54  LYS A O    1 
ATOM   508  C  CB   . LYS A 1 53  ? -5.778  4.494   -11.374 1.00 32.45 ? 54  LYS A CB   1 
ATOM   509  C  CG   . LYS A 1 53  ? -6.233  3.476   -12.381 1.00 39.42 ? 54  LYS A CG   1 
ATOM   510  C  CD   . LYS A 1 53  ? -7.627  3.947   -12.849 1.00 46.21 ? 54  LYS A CD   1 
ATOM   511  C  CE   . LYS A 1 53  ? -8.155  3.236   -14.126 1.00 49.90 ? 54  LYS A CE   1 
ATOM   512  N  NZ   . LYS A 1 53  ? -9.482  3.707   -14.527 1.00 51.18 ? 54  LYS A NZ   1 
ATOM   513  H  H    . LYS A 1 53  ? -3.444  4.375   -10.350 1.00 0.00  ? 54  LYS A H    1 
ATOM   514  H  HZ1  . LYS A 1 53  ? -10.156 3.539   -13.752 1.00 0.00  ? 54  LYS A HZ1  1 
ATOM   515  H  HZ2  . LYS A 1 53  ? -9.439  4.726   -14.729 1.00 0.00  ? 54  LYS A HZ2  1 
ATOM   516  H  HZ3  . LYS A 1 53  ? -9.796  3.196   -15.376 1.00 0.00  ? 54  LYS A HZ3  1 
ATOM   517  N  N    . VAL A 1 54  ? -4.178  7.401   -10.332 1.00 26.42 ? 55  VAL A N    1 
ATOM   518  C  CA   . VAL A 1 54  ? -4.484  8.758   -9.906  1.00 27.33 ? 55  VAL A CA   1 
ATOM   519  C  C    . VAL A 1 54  ? -3.965  9.758   -10.937 1.00 26.95 ? 55  VAL A C    1 
ATOM   520  O  O    . VAL A 1 54  ? -2.777  9.794   -11.234 1.00 28.80 ? 55  VAL A O    1 
ATOM   521  C  CB   . VAL A 1 54  ? -3.857  9.050   -8.524  1.00 24.63 ? 55  VAL A CB   1 
ATOM   522  C  CG1  . VAL A 1 54  ? -4.216  10.480  -8.117  1.00 27.51 ? 55  VAL A CG1  1 
ATOM   523  C  CG2  . VAL A 1 54  ? -4.407  8.109   -7.476  1.00 21.26 ? 55  VAL A CG2  1 
ATOM   524  H  H    . VAL A 1 54  ? -3.369  6.960   -9.993  1.00 0.00  ? 55  VAL A H    1 
ATOM   525  N  N    . THR A 1 55  ? -4.862  10.559  -11.493 1.00 26.68 ? 56  THR A N    1 
ATOM   526  C  CA   . THR A 1 55  ? -4.584  11.533  -12.541 1.00 29.50 ? 56  THR A CA   1 
ATOM   527  C  C    . THR A 1 55  ? -4.873  12.903  -11.937 1.00 27.58 ? 56  THR A C    1 
ATOM   528  O  O    . THR A 1 55  ? -5.993  13.087  -11.467 1.00 28.46 ? 56  THR A O    1 
ATOM   529  C  CB   . THR A 1 55  ? -5.551  11.281  -13.766 1.00 30.83 ? 56  THR A CB   1 
ATOM   530  O  OG1  . THR A 1 55  ? -5.137  10.062  -14.352 1.00 35.59 ? 56  THR A OG1  1 
ATOM   531  C  CG2  . THR A 1 55  ? -5.556  12.390  -14.822 1.00 35.05 ? 56  THR A CG2  1 
ATOM   532  H  H    . THR A 1 55  ? -5.776  10.554  -11.142 1.00 0.00  ? 56  THR A H    1 
ATOM   533  H  HG1  . THR A 1 55  ? -5.054  9.390   -13.668 1.00 0.00  ? 56  THR A HG1  1 
ATOM   534  N  N    . GLY A 1 56  ? -3.999  13.894  -11.917 1.00 26.89 ? 59  GLY A N    1 
ATOM   535  C  CA   . GLY A 1 56  ? -4.396  15.201  -11.434 1.00 25.19 ? 59  GLY A CA   1 
ATOM   536  C  C    . GLY A 1 56  ? -3.694  15.639  -10.171 1.00 25.10 ? 59  GLY A C    1 
ATOM   537  O  O    . GLY A 1 56  ? -3.791  16.808  -9.800  1.00 25.09 ? 59  GLY A O    1 
ATOM   538  H  H    . GLY A 1 56  ? -3.089  13.741  -12.228 1.00 0.00  ? 59  GLY A H    1 
ATOM   539  N  N    . CYS A 1 57  ? -2.958  14.777  -9.495  1.00 22.80 ? 61  CYS A N    1 
ATOM   540  C  CA   . CYS A 1 57  ? -2.331  15.124  -8.241  1.00 22.12 ? 61  CYS A CA   1 
ATOM   541  C  C    . CYS A 1 57  ? -1.294  14.043  -7.973  1.00 21.69 ? 61  CYS A C    1 
ATOM   542  O  O    . CYS A 1 57  ? -1.211  13.069  -8.719  1.00 23.02 ? 61  CYS A O    1 
ATOM   543  C  CB   . CYS A 1 57  ? -3.395  15.208  -7.122  1.00 19.78 ? 61  CYS A CB   1 
ATOM   544  S  SG   . CYS A 1 57  ? -4.387  13.736  -6.776  1.00 20.16 ? 61  CYS A SG   1 
ATOM   545  H  H    . CYS A 1 57  ? -2.794  13.880  -9.859  1.00 0.00  ? 61  CYS A H    1 
ATOM   546  N  N    . ASP A 1 58  ? -0.531  14.144  -6.898  1.00 22.38 ? 67  ASP A N    1 
ATOM   547  C  CA   . ASP A 1 58  ? 0.654   13.365  -6.711  1.00 24.37 ? 67  ASP A CA   1 
ATOM   548  C  C    . ASP A 1 58  ? 0.490   12.578  -5.432  1.00 24.77 ? 67  ASP A C    1 
ATOM   549  O  O    . ASP A 1 58  ? 0.432   13.200  -4.367  1.00 26.13 ? 67  ASP A O    1 
ATOM   550  C  CB   . ASP A 1 58  ? 1.852   14.341  -6.646  1.00 26.10 ? 67  ASP A CB   1 
ATOM   551  C  CG   . ASP A 1 58  ? 3.260   13.810  -6.405  1.00 26.85 ? 67  ASP A CG   1 
ATOM   552  O  OD1  . ASP A 1 58  ? 3.471   12.656  -6.073  1.00 28.51 ? 67  ASP A OD1  1 
ATOM   553  O  OD2  . ASP A 1 58  ? 4.184   14.586  -6.543  1.00 32.59 ? 67  ASP A OD2  1 
ATOM   554  H  H    . ASP A 1 58  ? -0.858  14.640  -6.129  1.00 0.00  ? 67  ASP A H    1 
ATOM   555  N  N    . PRO A 1 59  ? 0.458   11.242  -5.490  1.00 23.68 ? 68  PRO A N    1 
ATOM   556  C  CA   . PRO A 1 59  ? 0.331   10.397  -4.322  1.00 23.20 ? 68  PRO A CA   1 
ATOM   557  C  C    . PRO A 1 59  ? 1.505   10.492  -3.356  1.00 26.04 ? 68  PRO A C    1 
ATOM   558  O  O    . PRO A 1 59  ? 1.325   10.192  -2.173  1.00 26.71 ? 68  PRO A O    1 
ATOM   559  C  CB   . PRO A 1 59  ? 0.136   9.029   -4.924  1.00 22.22 ? 68  PRO A CB   1 
ATOM   560  C  CG   . PRO A 1 59  ? -0.451  9.294   -6.271  1.00 21.17 ? 68  PRO A CG   1 
ATOM   561  C  CD   . PRO A 1 59  ? 0.384   10.459  -6.720  1.00 21.66 ? 68  PRO A CD   1 
ATOM   562  N  N    . LYS A 1 60  ? 2.727   10.856  -3.783  1.00 27.57 ? 69  LYS A N    1 
ATOM   563  C  CA   . LYS A 1 60  ? 3.880   10.964  -2.879  1.00 30.19 ? 69  LYS A CA   1 
ATOM   564  C  C    . LYS A 1 60  ? 3.841   12.192  -1.980  1.00 29.59 ? 69  LYS A C    1 
ATOM   565  O  O    . LYS A 1 60  ? 4.014   12.157  -0.756  1.00 29.82 ? 69  LYS A O    1 
ATOM   566  C  CB   . LYS A 1 60  ? 5.219   11.087  -3.608  1.00 33.06 ? 69  LYS A CB   1 
ATOM   567  C  CG   . LYS A 1 60  ? 5.546   10.203  -4.781  1.00 38.76 ? 69  LYS A CG   1 
ATOM   568  C  CD   . LYS A 1 60  ? 6.612   11.030  -5.481  1.00 44.60 ? 69  LYS A CD   1 
ATOM   569  C  CE   . LYS A 1 60  ? 6.963   10.621  -6.911  1.00 46.94 ? 69  LYS A CE   1 
ATOM   570  N  NZ   . LYS A 1 60  ? 7.846   11.643  -7.467  1.00 48.63 ? 69  LYS A NZ   1 
ATOM   571  H  H    . LYS A 1 60  ? 2.862   10.961  -4.744  1.00 0.00  ? 69  LYS A H    1 
ATOM   572  H  HZ1  . LYS A 1 60  ? 8.705   11.712  -6.885  1.00 0.00  ? 69  LYS A HZ1  1 
ATOM   573  H  HZ2  . LYS A 1 60  ? 8.106   11.387  -8.440  1.00 0.00  ? 69  LYS A HZ2  1 
ATOM   574  H  HZ3  . LYS A 1 60  ? 7.355   12.560  -7.468  1.00 0.00  ? 69  LYS A HZ3  1 
ATOM   575  N  N    . MET A 1 61  ? 3.649   13.296  -2.687  1.00 30.79 ? 70  MET A N    1 
ATOM   576  C  CA   . MET A 1 61  ? 3.703   14.617  -2.107  1.00 32.27 ? 70  MET A CA   1 
ATOM   577  C  C    . MET A 1 61  ? 2.425   15.229  -1.598  1.00 29.61 ? 70  MET A C    1 
ATOM   578  O  O    . MET A 1 61  ? 2.468   15.847  -0.538  1.00 31.51 ? 70  MET A O    1 
ATOM   579  C  CB   . MET A 1 61  ? 4.299   15.620  -3.102  1.00 37.40 ? 70  MET A CB   1 
ATOM   580  C  CG   . MET A 1 61  ? 5.804   15.473  -3.368  1.00 42.77 ? 70  MET A CG   1 
ATOM   581  S  SD   . MET A 1 61  ? 6.712   14.984  -1.874  1.00 51.57 ? 70  MET A SD   1 
ATOM   582  C  CE   . MET A 1 61  ? 6.646   16.390  -0.790  1.00 46.99 ? 70  MET A CE   1 
ATOM   583  H  H    . MET A 1 61  ? 3.446   13.214  -3.639  1.00 0.00  ? 70  MET A H    1 
ATOM   584  N  N    . ASP A 1 62  ? 1.302   15.100  -2.299  1.00 26.96 ? 71  ASP A N    1 
ATOM   585  C  CA   . ASP A 1 62  ? 0.099   15.758  -1.858  1.00 24.65 ? 71  ASP A CA   1 
ATOM   586  C  C    . ASP A 1 62  ? -0.472  15.207  -0.573  1.00 23.36 ? 71  ASP A C    1 
ATOM   587  O  O    . ASP A 1 62  ? -0.385  14.007  -0.260  1.00 22.90 ? 71  ASP A O    1 
ATOM   588  C  CB   . ASP A 1 62  ? -0.929  15.703  -2.972  1.00 24.00 ? 71  ASP A CB   1 
ATOM   589  C  CG   . ASP A 1 62  ? -0.575  16.656  -4.111  1.00 26.73 ? 71  ASP A CG   1 
ATOM   590  O  OD1  . ASP A 1 62  ? 0.097   17.662  -3.910  1.00 29.31 ? 71  ASP A OD1  1 
ATOM   591  O  OD2  . ASP A 1 62  ? -0.983  16.415  -5.228  1.00 27.62 ? 71  ASP A OD2  1 
ATOM   592  H  H    . ASP A 1 62  ? 1.252   14.499  -3.067  1.00 0.00  ? 71  ASP A H    1 
ATOM   593  N  N    . VAL A 1 63  ? -1.042  16.154  0.170   1.00 21.83 ? 72  VAL A N    1 
ATOM   594  C  CA   . VAL A 1 63  ? -1.556  15.917  1.494   1.00 20.46 ? 72  VAL A CA   1 
ATOM   595  C  C    . VAL A 1 63  ? -3.057  15.789  1.403   1.00 19.81 ? 72  VAL A C    1 
ATOM   596  O  O    . VAL A 1 63  ? -3.710  16.657  0.813   1.00 22.29 ? 72  VAL A O    1 
ATOM   597  C  CB   . VAL A 1 63  ? -1.124  17.097  2.382   1.00 20.05 ? 72  VAL A CB   1 
ATOM   598  C  CG1  . VAL A 1 63  ? -1.483  16.838  3.825   1.00 19.39 ? 72  VAL A CG1  1 
ATOM   599  C  CG2  . VAL A 1 63  ? 0.391   17.255  2.297   1.00 20.66 ? 72  VAL A CG2  1 
ATOM   600  H  H    . VAL A 1 63  ? -1.151  17.053  -0.216  1.00 0.00  ? 72  VAL A H    1 
ATOM   601  N  N    . TYR A 1 64  ? -3.641  14.709  1.923   1.00 17.83 ? 73  TYR A N    1 
ATOM   602  C  CA   . TYR A 1 64  ? -5.083  14.560  1.908   1.00 16.23 ? 73  TYR A CA   1 
ATOM   603  C  C    . TYR A 1 64  ? -5.703  14.762  3.295   1.00 17.21 ? 73  TYR A C    1 
ATOM   604  O  O    . TYR A 1 64  ? -4.986  14.865  4.296   1.00 16.79 ? 73  TYR A O    1 
ATOM   605  C  CB   . TYR A 1 64  ? -5.466  13.187  1.396   1.00 14.73 ? 73  TYR A CB   1 
ATOM   606  C  CG   . TYR A 1 64  ? -4.757  11.994  2.013   1.00 12.32 ? 73  TYR A CG   1 
ATOM   607  C  CD1  . TYR A 1 64  ? -5.071  11.522  3.284   1.00 10.24 ? 73  TYR A CD1  1 
ATOM   608  C  CD2  . TYR A 1 64  ? -3.821  11.354  1.221   1.00 9.78  ? 73  TYR A CD2  1 
ATOM   609  C  CE1  . TYR A 1 64  ? -4.450  10.391  3.763   1.00 9.72  ? 73  TYR A CE1  1 
ATOM   610  C  CE2  . TYR A 1 64  ? -3.196  10.212  1.697   1.00 8.75  ? 73  TYR A CE2  1 
ATOM   611  C  CZ   . TYR A 1 64  ? -3.516  9.749   2.951   1.00 10.39 ? 73  TYR A CZ   1 
ATOM   612  O  OH   . TYR A 1 64  ? -2.849  8.624   3.399   1.00 10.87 ? 73  TYR A OH   1 
ATOM   613  H  H    . TYR A 1 64  ? -3.095  14.042  2.386   1.00 0.00  ? 73  TYR A H    1 
ATOM   614  H  HH   . TYR A 1 64  ? -3.243  8.317   4.222   1.00 0.00  ? 73  TYR A HH   1 
ATOM   615  N  N    . SER A 1 65  ? -7.015  14.804  3.442   1.00 17.27 ? 74  SER A N    1 
ATOM   616  C  CA   . SER A 1 65  ? -7.623  15.016  4.746   1.00 19.13 ? 74  SER A CA   1 
ATOM   617  C  C    . SER A 1 65  ? -8.397  13.759  5.089   1.00 17.03 ? 74  SER A C    1 
ATOM   618  O  O    . SER A 1 65  ? -8.899  13.085  4.175   1.00 18.24 ? 74  SER A O    1 
ATOM   619  C  CB   . SER A 1 65  ? -8.520  16.276  4.636   1.00 17.31 ? 74  SER A CB   1 
ATOM   620  O  OG   . SER A 1 65  ? -9.576  16.420  5.573   1.00 25.11 ? 74  SER A OG   1 
ATOM   621  H  H    . SER A 1 65  ? -7.592  14.615  2.673   1.00 0.00  ? 74  SER A H    1 
ATOM   622  H  HG   . SER A 1 65  ? -9.812  17.365  5.512   1.00 0.00  ? 74  SER A HG   1 
ATOM   623  N  N    . PHE A 1 66  ? -8.515  13.455  6.377   1.00 16.28 ? 75  PHE A N    1 
ATOM   624  C  CA   . PHE A 1 66  ? -9.284  12.309  6.841   1.00 16.89 ? 75  PHE A CA   1 
ATOM   625  C  C    . PHE A 1 66  ? -9.724  12.531  8.282   1.00 17.01 ? 75  PHE A C    1 
ATOM   626  O  O    . PHE A 1 66  ? -9.160  13.369  8.992   1.00 15.13 ? 75  PHE A O    1 
ATOM   627  C  CB   . PHE A 1 66  ? -8.459  10.981  6.746   1.00 14.31 ? 75  PHE A CB   1 
ATOM   628  C  CG   . PHE A 1 66  ? -7.234  10.801  7.635   1.00 14.12 ? 75  PHE A CG   1 
ATOM   629  C  CD1  . PHE A 1 66  ? -6.002  11.232  7.181   1.00 14.39 ? 75  PHE A CD1  1 
ATOM   630  C  CD2  . PHE A 1 66  ? -7.352  10.222  8.889   1.00 13.31 ? 75  PHE A CD2  1 
ATOM   631  C  CE1  . PHE A 1 66  ? -4.870  11.095  7.971   1.00 15.47 ? 75  PHE A CE1  1 
ATOM   632  C  CE2  . PHE A 1 66  ? -6.216  10.088  9.665   1.00 16.18 ? 75  PHE A CE2  1 
ATOM   633  C  CZ   . PHE A 1 66  ? -4.975  10.518  9.218   1.00 13.96 ? 75  PHE A CZ   1 
ATOM   634  H  H    . PHE A 1 66  ? -8.157  14.048  7.073   1.00 0.00  ? 75  PHE A H    1 
ATOM   635  N  N    . SER A 1 67  ? -10.721 11.800  8.746   1.00 19.19 ? 76  SER A N    1 
ATOM   636  C  CA   . SER A 1 67  ? -11.147 11.893  10.131  1.00 24.60 ? 76  SER A CA   1 
ATOM   637  C  C    . SER A 1 67  ? -11.413 10.482  10.583  1.00 26.71 ? 76  SER A C    1 
ATOM   638  O  O    . SER A 1 67  ? -11.560 9.600   9.730   1.00 26.24 ? 76  SER A O    1 
ATOM   639  C  CB   . SER A 1 67  ? -12.425 12.696  10.264  1.00 23.85 ? 76  SER A CB   1 
ATOM   640  O  OG   . SER A 1 67  ? -13.411 12.209  9.363   1.00 29.57 ? 76  SER A OG   1 
ATOM   641  H  H    . SER A 1 67  ? -11.159 11.130  8.174   1.00 0.00  ? 76  SER A H    1 
ATOM   642  H  HG   . SER A 1 67  ? -13.094 12.364  8.467   1.00 0.00  ? 76  SER A HG   1 
ATOM   643  N  N    . GLU A 1 68  ? -11.446 10.234  11.883  1.00 30.27 ? 77  GLU A N    1 
ATOM   644  C  CA   . GLU A 1 68  ? -11.781 8.919   12.397  1.00 35.70 ? 77  GLU A CA   1 
ATOM   645  C  C    . GLU A 1 68  ? -13.230 9.025   12.851  1.00 38.17 ? 77  GLU A C    1 
ATOM   646  O  O    . GLU A 1 68  ? -13.565 9.961   13.597  1.00 38.77 ? 77  GLU A O    1 
ATOM   647  C  CB   . GLU A 1 68  ? -10.852 8.575   13.557  1.00 37.20 ? 77  GLU A CB   1 
ATOM   648  C  CG   . GLU A 1 68  ? -9.554  8.056   12.954  1.00 40.78 ? 77  GLU A CG   1 
ATOM   649  C  CD   . GLU A 1 68  ? -8.272  8.770   13.335  1.00 41.44 ? 77  GLU A CD   1 
ATOM   650  O  OE1  . GLU A 1 68  ? -8.071  9.885   12.883  1.00 43.79 ? 77  GLU A OE1  1 
ATOM   651  O  OE2  . GLU A 1 68  ? -7.452  8.199   14.037  1.00 42.53 ? 77  GLU A OE2  1 
ATOM   652  H  H    . GLU A 1 68  ? -11.339 10.964  12.528  1.00 0.00  ? 77  GLU A H    1 
ATOM   653  N  N    . GLU A 1 69  ? -14.095 8.108   12.415  1.00 40.29 ? 78  GLU A N    1 
ATOM   654  C  CA   . GLU A 1 69  ? -15.508 8.212   12.706  1.00 41.92 ? 78  GLU A CA   1 
ATOM   655  C  C    . GLU A 1 69  ? -16.110 6.848   12.590  1.00 41.73 ? 78  GLU A C    1 
ATOM   656  O  O    . GLU A 1 69  ? -15.675 6.091   11.732  1.00 43.24 ? 78  GLU A O    1 
ATOM   657  C  CB   . GLU A 1 69  ? -16.158 9.099   11.701  1.00 45.66 ? 78  GLU A CB   1 
ATOM   658  C  CG   . GLU A 1 69  ? -17.570 9.469   12.078  1.00 52.07 ? 78  GLU A CG   1 
ATOM   659  C  CD   . GLU A 1 69  ? -18.348 10.154  10.970  1.00 55.75 ? 78  GLU A CD   1 
ATOM   660  O  OE1  . GLU A 1 69  ? -17.746 10.750  10.068  1.00 57.21 ? 78  GLU A OE1  1 
ATOM   661  O  OE2  . GLU A 1 69  ? -19.574 10.084  11.029  1.00 57.65 ? 78  GLU A OE2  1 
ATOM   662  H  H    . GLU A 1 69  ? -13.785 7.364   11.849  1.00 0.00  ? 78  GLU A H    1 
ATOM   663  N  N    . ASN A 1 70  ? -17.110 6.504   13.393  1.00 41.58 ? 79  ASN A N    1 
ATOM   664  C  CA   . ASN A 1 70  ? -17.821 5.218   13.358  1.00 41.88 ? 79  ASN A CA   1 
ATOM   665  C  C    . ASN A 1 70  ? -16.939 3.970   13.294  1.00 41.49 ? 79  ASN A C    1 
ATOM   666  O  O    . ASN A 1 70  ? -17.322 2.920   12.775  1.00 40.80 ? 79  ASN A O    1 
ATOM   667  C  CB   . ASN A 1 70  ? -18.822 5.201   12.165  1.00 41.85 ? 79  ASN A CB   1 
ATOM   668  C  CG   . ASN A 1 70  ? -20.057 6.072   12.403  1.00 42.78 ? 79  ASN A CG   1 
ATOM   669  O  OD1  . ASN A 1 70  ? -21.025 5.691   13.057  1.00 42.56 ? 79  ASN A OD1  1 
ATOM   670  N  ND2  . ASN A 1 70  ? -20.113 7.293   11.901  1.00 43.32 ? 79  ASN A ND2  1 
ATOM   671  H  H    . ASN A 1 70  ? -17.354 7.146   14.096  1.00 0.00  ? 79  ASN A H    1 
ATOM   672  H  HD21 . ASN A 1 70  ? -20.912 7.817   12.111  1.00 0.00  ? 79  ASN A HD21 1 
ATOM   673  H  HD22 . ASN A 1 70  ? -19.368 7.606   11.351  1.00 0.00  ? 79  ASN A HD22 1 
ATOM   674  N  N    . GLY A 1 71  ? -15.731 4.062   13.870  1.00 41.72 ? 80  GLY A N    1 
ATOM   675  C  CA   . GLY A 1 71  ? -14.759 2.979   13.874  1.00 39.94 ? 80  GLY A CA   1 
ATOM   676  C  C    . GLY A 1 71  ? -14.038 2.821   12.536  1.00 39.10 ? 80  GLY A C    1 
ATOM   677  O  O    . GLY A 1 71  ? -13.490 1.747   12.266  1.00 39.89 ? 80  GLY A O    1 
ATOM   678  H  H    . GLY A 1 71  ? -15.464 4.920   14.266  1.00 0.00  ? 80  GLY A H    1 
ATOM   679  N  N    . ASP A 1 72  ? -13.940 3.863   11.715  1.00 37.93 ? 81  ASP A N    1 
ATOM   680  C  CA   . ASP A 1 72  ? -13.322 3.767   10.407  1.00 37.43 ? 81  ASP A CA   1 
ATOM   681  C  C    . ASP A 1 72  ? -12.543 5.050   10.069  1.00 35.12 ? 81  ASP A C    1 
ATOM   682  O  O    . ASP A 1 72  ? -12.660 6.076   10.761  1.00 35.00 ? 81  ASP A O    1 
ATOM   683  C  CB   . ASP A 1 72  ? -14.463 3.488   9.412   1.00 39.87 ? 81  ASP A CB   1 
ATOM   684  C  CG   . ASP A 1 72  ? -14.077 3.139   7.964   1.00 45.21 ? 81  ASP A CG   1 
ATOM   685  O  OD1  . ASP A 1 72  ? -12.944 2.694   7.695   1.00 43.01 ? 81  ASP A OD1  1 
ATOM   686  O  OD2  . ASP A 1 72  ? -14.953 3.319   7.102   1.00 47.60 ? 81  ASP A OD2  1 
ATOM   687  H  H    . ASP A 1 72  ? -14.266 4.746   11.987  1.00 0.00  ? 81  ASP A H    1 
ATOM   688  N  N    . ILE A 1 73  ? -11.662 4.963   9.062   1.00 31.49 ? 82  ILE A N    1 
ATOM   689  C  CA   . ILE A 1 73  ? -10.934 6.117   8.531   1.00 27.67 ? 82  ILE A CA   1 
ATOM   690  C  C    . ILE A 1 73  ? -11.849 6.665   7.439   1.00 24.15 ? 82  ILE A C    1 
ATOM   691  O  O    . ILE A 1 73  ? -12.262 5.921   6.543   1.00 23.37 ? 82  ILE A O    1 
ATOM   692  C  CB   . ILE A 1 73  ? -9.574  5.666   7.927   1.00 26.71 ? 82  ILE A CB   1 
ATOM   693  C  CG1  . ILE A 1 73  ? -8.665  5.096   9.026   1.00 29.22 ? 82  ILE A CG1  1 
ATOM   694  C  CG2  . ILE A 1 73  ? -8.935  6.828   7.186   1.00 25.46 ? 82  ILE A CG2  1 
ATOM   695  C  CD1  . ILE A 1 73  ? -7.937  6.050   10.038  1.00 28.33 ? 82  ILE A CD1  1 
ATOM   696  H  H    . ILE A 1 73  ? -11.478 4.076   8.683   1.00 0.00  ? 82  ILE A H    1 
ATOM   697  N  N    . VAL A 1 74  ? -12.225 7.934   7.475   1.00 22.30 ? 83  VAL A N    1 
ATOM   698  C  CA   . VAL A 1 74  ? -13.083 8.507   6.452   1.00 21.54 ? 83  VAL A CA   1 
ATOM   699  C  C    . VAL A 1 74  ? -12.245 9.526   5.676   1.00 20.11 ? 83  VAL A C    1 
ATOM   700  O  O    . VAL A 1 74  ? -11.810 10.523  6.245   1.00 19.43 ? 83  VAL A O    1 
ATOM   701  C  CB   . VAL A 1 74  ? -14.322 9.193   7.104   1.00 21.05 ? 83  VAL A CB   1 
ATOM   702  C  CG1  . VAL A 1 74  ? -15.226 9.752   6.010   1.00 20.42 ? 83  VAL A CG1  1 
ATOM   703  C  CG2  . VAL A 1 74  ? -15.169 8.170   7.861   1.00 21.43 ? 83  VAL A CG2  1 
ATOM   704  H  H    . VAL A 1 74  ? -11.932 8.501   8.218   1.00 0.00  ? 83  VAL A H    1 
ATOM   705  N  N    . CYS A 1 75  ? -11.977 9.294   4.390   1.00 18.29 ? 84  CYS A N    1 
ATOM   706  C  CA   . CYS A 1 75  ? -11.223 10.223  3.568   1.00 16.11 ? 84  CYS A CA   1 
ATOM   707  C  C    . CYS A 1 75  ? -12.113 11.412  3.221   1.00 16.99 ? 84  CYS A C    1 
ATOM   708  O  O    . CYS A 1 75  ? -13.284 11.226  2.870   1.00 16.38 ? 84  CYS A O    1 
ATOM   709  C  CB   . CYS A 1 75  ? -10.784 9.532   2.299   1.00 14.62 ? 84  CYS A CB   1 
ATOM   710  S  SG   . CYS A 1 75  ? -9.581  8.240   2.703   1.00 14.83 ? 84  CYS A SG   1 
ATOM   711  H  H    . CYS A 1 75  ? -12.375 8.508   3.960   1.00 0.00  ? 84  CYS A H    1 
ATOM   712  N  N    . GLY A 1 76  ? -11.615 12.643  3.303   1.00 16.35 ? 85  GLY A N    1 
ATOM   713  C  CA   . GLY A 1 76  ? -12.450 13.800  3.034   1.00 17.54 ? 85  GLY A CA   1 
ATOM   714  C  C    . GLY A 1 76  ? -11.747 14.889  2.262   1.00 17.53 ? 85  GLY A C    1 
ATOM   715  O  O    . GLY A 1 76  ? -10.869 14.616  1.439   1.00 18.80 ? 85  GLY A O    1 
ATOM   716  H  H    . GLY A 1 76  ? -10.672 12.764  3.532   1.00 0.00  ? 85  GLY A H    1 
ATOM   717  N  N    . GLY A 1 77  ? -12.159 16.123  2.510   1.00 16.97 ? 86  GLY A N    1 
ATOM   718  C  CA   . GLY A 1 77  ? -11.558 17.269  1.862   1.00 18.12 ? 86  GLY A CA   1 
ATOM   719  C  C    . GLY A 1 77  ? -12.409 17.706  0.688   1.00 19.15 ? 86  GLY A C    1 
ATOM   720  O  O    . GLY A 1 77  ? -13.403 17.046  0.368   1.00 18.50 ? 86  GLY A O    1 
ATOM   721  H  H    . GLY A 1 77  ? -13.007 16.240  2.977   1.00 0.00  ? 86  GLY A H    1 
ATOM   722  N  N    . ASP A 1 78  ? -12.041 18.819  0.055   1.00 19.12 ? 88  ASP A N    1 
ATOM   723  C  CA   . ASP A 1 78  ? -12.798 19.301  -1.097  1.00 21.16 ? 88  ASP A CA   1 
ATOM   724  C  C    . ASP A 1 78  ? -12.216 18.950  -2.475  1.00 22.34 ? 88  ASP A C    1 
ATOM   725  O  O    . ASP A 1 78  ? -12.637 19.436  -3.542  1.00 23.76 ? 88  ASP A O    1 
ATOM   726  C  CB   . ASP A 1 78  ? -12.942 20.813  -0.989  1.00 21.87 ? 88  ASP A CB   1 
ATOM   727  C  CG   . ASP A 1 78  ? -11.661 21.618  -1.130  1.00 24.85 ? 88  ASP A CG   1 
ATOM   728  O  OD1  . ASP A 1 78  ? -10.564 21.051  -1.080  1.00 23.04 ? 88  ASP A OD1  1 
ATOM   729  O  OD2  . ASP A 1 78  ? -11.784 22.832  -1.278  1.00 26.42 ? 88  ASP A OD2  1 
ATOM   730  H  H    . ASP A 1 78  ? -11.276 19.329  0.399   1.00 0.00  ? 88  ASP A H    1 
ATOM   731  N  N    . ASP A 1 79  ? -11.188 18.115  -2.457  1.00 21.68 ? 89  ASP A N    1 
ATOM   732  C  CA   . ASP A 1 79  ? -10.511 17.776  -3.673  1.00 21.84 ? 89  ASP A CA   1 
ATOM   733  C  C    . ASP A 1 79  ? -10.711 16.325  -3.995  1.00 19.40 ? 89  ASP A C    1 
ATOM   734  O  O    . ASP A 1 79  ? -10.146 15.461  -3.312  1.00 18.25 ? 89  ASP A O    1 
ATOM   735  C  CB   . ASP A 1 79  ? -9.043  18.075  -3.502  1.00 24.91 ? 89  ASP A CB   1 
ATOM   736  C  CG   . ASP A 1 79  ? -8.210  17.977  -4.763  1.00 27.64 ? 89  ASP A CG   1 
ATOM   737  O  OD1  . ASP A 1 79  ? -8.470  17.135  -5.626  1.00 29.39 ? 89  ASP A OD1  1 
ATOM   738  O  OD2  . ASP A 1 79  ? -7.279  18.769  -4.863  1.00 31.99 ? 89  ASP A OD2  1 
ATOM   739  H  H    . ASP A 1 79  ? -10.943 17.648  -1.630  1.00 0.00  ? 89  ASP A H    1 
ATOM   740  N  N    . PRO A 1 80  ? -11.361 16.012  -5.107  1.00 21.66 ? 90  PRO A N    1 
ATOM   741  C  CA   . PRO A 1 80  ? -11.648 14.635  -5.517  1.00 19.98 ? 90  PRO A CA   1 
ATOM   742  C  C    . PRO A 1 80  ? -10.340 13.875  -5.708  1.00 19.78 ? 90  PRO A C    1 
ATOM   743  O  O    . PRO A 1 80  ? -10.217 12.745  -5.239  1.00 20.44 ? 90  PRO A O    1 
ATOM   744  C  CB   . PRO A 1 80  ? -12.416 14.739  -6.801  1.00 20.84 ? 90  PRO A CB   1 
ATOM   745  C  CG   . PRO A 1 80  ? -12.853 16.187  -6.867  1.00 21.87 ? 90  PRO A CG   1 
ATOM   746  C  CD   . PRO A 1 80  ? -11.741 16.949  -6.161  1.00 22.98 ? 90  PRO A CD   1 
ATOM   747  N  N    . CYS A 1 81  ? -9.320  14.477  -6.335  1.00 17.30 ? 91  CYS A N    1 
ATOM   748  C  CA   . CYS A 1 81  ? -8.087  13.759  -6.623  1.00 16.75 ? 91  CYS A CA   1 
ATOM   749  C  C    . CYS A 1 81  ? -7.347  13.360  -5.342  1.00 16.42 ? 91  CYS A C    1 
ATOM   750  O  O    . CYS A 1 81  ? -6.986  12.189  -5.161  1.00 15.81 ? 91  CYS A O    1 
ATOM   751  C  CB   . CYS A 1 81  ? -7.214  14.638  -7.536  1.00 17.23 ? 91  CYS A CB   1 
ATOM   752  S  SG   . CYS A 1 81  ? -5.801  13.721  -8.217  1.00 20.52 ? 91  CYS A SG   1 
ATOM   753  H  H    . CYS A 1 81  ? -9.424  15.383  -6.691  1.00 0.00  ? 91  CYS A H    1 
ATOM   754  N  N    . LYS A 1 82  ? -7.233  14.282  -4.373  1.00 15.14 ? 92  LYS A N    1 
ATOM   755  C  CA   . LYS A 1 82  ? -6.593  13.990  -3.089  1.00 14.01 ? 92  LYS A CA   1 
ATOM   756  C  C    . LYS A 1 82  ? -7.379  12.963  -2.313  1.00 12.74 ? 92  LYS A C    1 
ATOM   757  O  O    . LYS A 1 82  ? -6.779  12.121  -1.656  1.00 12.44 ? 92  LYS A O    1 
ATOM   758  C  CB   . LYS A 1 82  ? -6.473  15.241  -2.224  1.00 15.10 ? 92  LYS A CB   1 
ATOM   759  C  CG   . LYS A 1 82  ? -5.411  16.108  -2.820  1.00 17.39 ? 92  LYS A CG   1 
ATOM   760  C  CD   . LYS A 1 82  ? -5.312  17.466  -2.201  1.00 21.00 ? 92  LYS A CD   1 
ATOM   761  C  CE   . LYS A 1 82  ? -4.432  18.164  -3.214  1.00 22.47 ? 92  LYS A CE   1 
ATOM   762  N  NZ   . LYS A 1 82  ? -4.029  19.453  -2.727  1.00 28.91 ? 92  LYS A NZ   1 
ATOM   763  H  H    . LYS A 1 82  ? -7.600  15.171  -4.531  1.00 0.00  ? 92  LYS A H    1 
ATOM   764  H  HZ1  . LYS A 1 82  ? -3.529  19.339  -1.821  1.00 0.00  ? 92  LYS A HZ1  1 
ATOM   765  H  HZ2  . LYS A 1 82  ? -3.391  19.902  -3.416  1.00 0.00  ? 92  LYS A HZ2  1 
ATOM   766  H  HZ3  . LYS A 1 82  ? -4.867  20.053  -2.586  1.00 0.00  ? 92  LYS A HZ3  1 
ATOM   767  N  N    . LYS A 1 83  ? -8.712  12.999  -2.358  1.00 14.65 ? 93  LYS A N    1 
ATOM   768  C  CA   . LYS A 1 83  ? -9.509  11.956  -1.729  1.00 15.66 ? 93  LYS A CA   1 
ATOM   769  C  C    . LYS A 1 83  ? -9.213  10.601  -2.388  1.00 14.72 ? 93  LYS A C    1 
ATOM   770  O  O    . LYS A 1 83  ? -9.156  9.615   -1.637  1.00 14.12 ? 93  LYS A O    1 
ATOM   771  C  CB   . LYS A 1 83  ? -10.999 12.272  -1.858  1.00 18.15 ? 93  LYS A CB   1 
ATOM   772  C  CG   . LYS A 1 83  ? -11.819 11.165  -1.210  1.00 22.19 ? 93  LYS A CG   1 
ATOM   773  C  CD   . LYS A 1 83  ? -13.299 11.426  -1.254  1.00 25.34 ? 93  LYS A CD   1 
ATOM   774  C  CE   . LYS A 1 83  ? -13.998 10.346  -0.438  1.00 24.01 ? 93  LYS A CE   1 
ATOM   775  N  NZ   . LYS A 1 83  ? -13.949 9.090   -1.143  1.00 27.39 ? 93  LYS A NZ   1 
ATOM   776  H  H    . LYS A 1 83  ? -9.170  13.722  -2.830  1.00 0.00  ? 93  LYS A H    1 
ATOM   777  H  HZ1  . LYS A 1 83  ? -12.959 8.820   -1.312  1.00 0.00  ? 93  LYS A HZ1  1 
ATOM   778  H  HZ2  . LYS A 1 83  ? -14.414 8.353   -0.576  1.00 0.00  ? 93  LYS A HZ2  1 
ATOM   779  H  HZ3  . LYS A 1 83  ? -14.443 9.190   -2.052  1.00 0.00  ? 93  LYS A HZ3  1 
ATOM   780  N  N    . GLU A 1 84  ? -9.024  10.485  -3.723  1.00 14.45 ? 94  GLU A N    1 
ATOM   781  C  CA   . GLU A 1 84  ? -8.616  9.229   -4.389  1.00 16.81 ? 94  GLU A CA   1 
ATOM   782  C  C    . GLU A 1 84  ? -7.327  8.692   -3.765  1.00 14.80 ? 94  GLU A C    1 
ATOM   783  O  O    . GLU A 1 84  ? -7.235  7.505   -3.441  1.00 12.90 ? 94  GLU A O    1 
ATOM   784  C  CB   . GLU A 1 84  ? -8.248  9.338   -5.869  1.00 23.35 ? 94  GLU A CB   1 
ATOM   785  C  CG   . GLU A 1 84  ? -9.217  9.718   -6.984  1.00 35.35 ? 94  GLU A CG   1 
ATOM   786  C  CD   . GLU A 1 84  ? -8.636  9.532   -8.409  1.00 41.72 ? 94  GLU A CD   1 
ATOM   787  O  OE1  . GLU A 1 84  ? -7.962  10.428  -8.945  1.00 44.88 ? 94  GLU A OE1  1 
ATOM   788  O  OE2  . GLU A 1 84  ? -8.862  8.466   -8.995  1.00 44.61 ? 94  GLU A OE2  1 
ATOM   789  H  H    . GLU A 1 84  ? -9.147  11.283  -4.278  1.00 0.00  ? 94  GLU A H    1 
ATOM   790  N  N    . ILE A 1 85  ? -6.319  9.534   -3.510  1.00 12.45 ? 95  ILE A N    1 
ATOM   791  C  CA   . ILE A 1 85  ? -5.071  9.062   -2.911  1.00 13.07 ? 95  ILE A CA   1 
ATOM   792  C  C    . ILE A 1 85  ? -5.340  8.470   -1.536  1.00 12.44 ? 95  ILE A C    1 
ATOM   793  O  O    . ILE A 1 85  ? -4.828  7.414   -1.159  1.00 13.04 ? 95  ILE A O    1 
ATOM   794  C  CB   . ILE A 1 85  ? -4.068  10.224  -2.783  1.00 12.50 ? 95  ILE A CB   1 
ATOM   795  C  CG1  . ILE A 1 85  ? -3.761  10.782  -4.149  1.00 13.76 ? 95  ILE A CG1  1 
ATOM   796  C  CG2  . ILE A 1 85  ? -2.797  9.750   -2.088  1.00 10.63 ? 95  ILE A CG2  1 
ATOM   797  C  CD1  . ILE A 1 85  ? -3.131  12.191  -4.048  1.00 15.05 ? 95  ILE A CD1  1 
ATOM   798  H  H    . ILE A 1 85  ? -6.430  10.481  -3.752  1.00 0.00  ? 95  ILE A H    1 
ATOM   799  N  N    . CYS A 1 86  ? -6.168  9.154   -0.761  1.00 11.84 ? 96  CYS A N    1 
ATOM   800  C  CA   . CYS A 1 86  ? -6.488  8.714   0.578   1.00 11.95 ? 96  CYS A CA   1 
ATOM   801  C  C    . CYS A 1 86  ? -7.169  7.363   0.490   1.00 10.11 ? 96  CYS A C    1 
ATOM   802  O  O    . CYS A 1 86  ? -6.820  6.435   1.234   1.00 10.18 ? 96  CYS A O    1 
ATOM   803  C  CB   . CYS A 1 86  ? -7.418  9.745   1.253   1.00 9.99  ? 96  CYS A CB   1 
ATOM   804  S  SG   . CYS A 1 86  ? -7.906  9.301   2.942   1.00 13.95 ? 96  CYS A SG   1 
ATOM   805  H  H    . CYS A 1 86  ? -6.562  9.989   -1.099  1.00 0.00  ? 96  CYS A H    1 
ATOM   806  N  N    . GLU A 1 87  ? -8.104  7.201   -0.431  1.00 9.90  ? 97  GLU A N    1 
ATOM   807  C  CA   . GLU A 1 87  ? -8.760  5.915   -0.574  1.00 11.54 ? 97  GLU A CA   1 
ATOM   808  C  C    . GLU A 1 87  ? -7.775  4.786   -0.886  1.00 10.47 ? 97  GLU A C    1 
ATOM   809  O  O    . GLU A 1 87  ? -7.865  3.733   -0.246  1.00 10.51 ? 97  GLU A O    1 
ATOM   810  C  CB   . GLU A 1 87  ? -9.800  6.016   -1.656  1.00 12.14 ? 97  GLU A CB   1 
ATOM   811  C  CG   . GLU A 1 87  ? -10.929 6.964   -1.254  1.00 16.46 ? 97  GLU A CG   1 
ATOM   812  C  CD   . GLU A 1 87  ? -11.824 6.560   -0.086  1.00 20.40 ? 97  GLU A CD   1 
ATOM   813  O  OE1  . GLU A 1 87  ? -11.800 5.412   0.349   1.00 21.64 ? 97  GLU A OE1  1 
ATOM   814  O  OE2  . GLU A 1 87  ? -12.585 7.402   0.387   1.00 21.83 ? 97  GLU A OE2  1 
ATOM   815  H  H    . GLU A 1 87  ? -8.339  7.950   -1.018  1.00 0.00  ? 97  GLU A H    1 
ATOM   816  N  N    . CYS A 1 88  ? -6.767  5.024   -1.733  1.00 9.81  ? 98  CYS A N    1 
ATOM   817  C  CA   . CYS A 1 88  ? -5.743  4.020   -2.037  1.00 10.96 ? 98  CYS A CA   1 
ATOM   818  C  C    . CYS A 1 88  ? -4.987  3.648   -0.757  1.00 11.02 ? 98  CYS A C    1 
ATOM   819  O  O    . CYS A 1 88  ? -4.845  2.463   -0.422  1.00 11.12 ? 98  CYS A O    1 
ATOM   820  C  CB   . CYS A 1 88  ? -4.738  4.544   -3.050  1.00 10.41 ? 98  CYS A CB   1 
ATOM   821  S  SG   . CYS A 1 88  ? -5.289  4.930   -4.743  1.00 15.05 ? 98  CYS A SG   1 
ATOM   822  H  H    . CYS A 1 88  ? -6.743  5.889   -2.200  1.00 0.00  ? 98  CYS A H    1 
ATOM   823  N  N    . ASP A 1 89  ? -4.550  4.629   0.035   1.00 10.37 ? 99  ASP A N    1 
ATOM   824  C  CA   . ASP A 1 89  ? -3.816  4.375   1.276   1.00 12.21 ? 99  ASP A CA   1 
ATOM   825  C  C    . ASP A 1 89  ? -4.646  3.684   2.335   1.00 11.24 ? 99  ASP A C    1 
ATOM   826  O  O    . ASP A 1 89  ? -4.165  2.773   2.994   1.00 11.30 ? 99  ASP A O    1 
ATOM   827  C  CB   . ASP A 1 89  ? -3.269  5.724   1.823   1.00 14.17 ? 99  ASP A CB   1 
ATOM   828  C  CG   . ASP A 1 89  ? -2.104  6.323   0.994   1.00 17.10 ? 99  ASP A CG   1 
ATOM   829  O  OD1  . ASP A 1 89  ? -1.664  5.728   0.012   1.00 12.41 ? 99  ASP A OD1  1 
ATOM   830  O  OD2  . ASP A 1 89  ? -1.608  7.389   1.336   1.00 14.47 ? 99  ASP A OD2  1 
ATOM   831  H  H    . ASP A 1 89  ? -4.764  5.560   -0.203  1.00 0.00  ? 99  ASP A H    1 
ATOM   832  N  N    . ARG A 1 90  ? -5.905  4.068   2.507   1.00 13.42 ? 100 ARG A N    1 
ATOM   833  C  CA   . ARG A 1 90  ? -6.815  3.471   3.490   1.00 13.66 ? 100 ARG A CA   1 
ATOM   834  C  C    . ARG A 1 90  ? -7.078  1.994   3.165   1.00 12.95 ? 100 ARG A C    1 
ATOM   835  O  O    . ARG A 1 90  ? -6.940  1.129   4.040   1.00 14.25 ? 100 ARG A O    1 
ATOM   836  C  CB   . ARG A 1 90  ? -8.114  4.264   3.480   1.00 13.13 ? 100 ARG A CB   1 
ATOM   837  C  CG   . ARG A 1 90  ? -9.212  3.685   4.343   1.00 15.85 ? 100 ARG A CG   1 
ATOM   838  C  CD   . ARG A 1 90  ? -10.513 4.391   4.004   1.00 18.01 ? 100 ARG A CD   1 
ATOM   839  N  NE   . ARG A 1 90  ? -11.596 3.711   4.677   1.00 23.48 ? 100 ARG A NE   1 
ATOM   840  C  CZ   . ARG A 1 90  ? -12.135 2.586   4.198   1.00 27.80 ? 100 ARG A CZ   1 
ATOM   841  N  NH1  . ARG A 1 90  ? -11.731 1.996   3.063   1.00 28.40 ? 100 ARG A NH1  1 
ATOM   842  N  NH2  . ARG A 1 90  ? -13.104 2.013   4.903   1.00 31.35 ? 100 ARG A NH2  1 
ATOM   843  H  H    . ARG A 1 90  ? -6.236  4.818   1.974   1.00 0.00  ? 100 ARG A H    1 
ATOM   844  H  HE   . ARG A 1 90  ? -11.939 4.074   5.520   1.00 0.00  ? 100 ARG A HE   1 
ATOM   845  H  HH11 . ARG A 1 90  ? -10.981 2.387   2.531   1.00 0.00  ? 100 ARG A HH11 1 
ATOM   846  H  HH12 . ARG A 1 90  ? -12.173 1.152   2.757   1.00 0.00  ? 100 ARG A HH12 1 
ATOM   847  H  HH21 . ARG A 1 90  ? -13.419 2.439   5.748   1.00 0.00  ? 100 ARG A HH21 1 
ATOM   848  H  HH22 . ARG A 1 90  ? -13.532 1.171   4.576   1.00 0.00  ? 100 ARG A HH22 1 
ATOM   849  N  N    . ALA A 1 91  ? -7.455  1.698   1.920   1.00 11.03 ? 101 ALA A N    1 
ATOM   850  C  CA   . ALA A 1 91  ? -7.639  0.319   1.483   1.00 14.02 ? 101 ALA A CA   1 
ATOM   851  C  C    . ALA A 1 91  ? -6.390  -0.546  1.719   1.00 13.52 ? 101 ALA A C    1 
ATOM   852  O  O    . ALA A 1 91  ? -6.490  -1.656  2.246   1.00 12.84 ? 101 ALA A O    1 
ATOM   853  C  CB   . ALA A 1 91  ? -7.940  0.245   -0.027  1.00 13.58 ? 101 ALA A CB   1 
ATOM   854  H  H    . ALA A 1 91  ? -7.599  2.435   1.290   1.00 0.00  ? 101 ALA A H    1 
ATOM   855  N  N    . ALA A 1 92  ? -5.187  -0.060  1.386   1.00 13.34 ? 102 ALA A N    1 
ATOM   856  C  CA   . ALA A 1 92  ? -3.985  -0.834  1.612   1.00 12.30 ? 102 ALA A CA   1 
ATOM   857  C  C    . ALA A 1 92  ? -3.762  -1.015  3.104   1.00 14.25 ? 102 ALA A C    1 
ATOM   858  O  O    . ALA A 1 92  ? -3.436  -2.125  3.520   1.00 15.17 ? 102 ALA A O    1 
ATOM   859  C  CB   . ALA A 1 92  ? -2.785  -0.123  1.021   1.00 10.80 ? 102 ALA A CB   1 
ATOM   860  H  H    . ALA A 1 92  ? -5.126  0.829   0.977   1.00 0.00  ? 102 ALA A H    1 
ATOM   861  N  N    . ALA A 1 93  ? -4.003  -0.012  3.977   1.00 15.27 ? 103 ALA A N    1 
ATOM   862  C  CA   . ALA A 1 93  ? -3.804  -0.161  5.430   1.00 13.11 ? 103 ALA A CA   1 
ATOM   863  C  C    . ALA A 1 93  ? -4.711  -1.263  6.028   1.00 13.74 ? 103 ALA A C    1 
ATOM   864  O  O    . ALA A 1 93  ? -4.306  -2.100  6.860   1.00 12.13 ? 103 ALA A O    1 
ATOM   865  C  CB   . ALA A 1 93  ? -4.092  1.202   6.123   1.00 14.29 ? 103 ALA A CB   1 
ATOM   866  H  H    . ALA A 1 93  ? -4.290  0.861   3.633   1.00 0.00  ? 103 ALA A H    1 
ATOM   867  N  N    . ILE A 1 94  ? -5.954  -1.318  5.534   1.00 13.43 ? 104 ILE A N    1 
ATOM   868  C  CA   . ILE A 1 94  ? -6.913  -2.310  6.001   1.00 15.11 ? 104 ILE A CA   1 
ATOM   869  C  C    . ILE A 1 94  ? -6.477  -3.647  5.443   1.00 15.03 ? 104 ILE A C    1 
ATOM   870  O  O    . ILE A 1 94  ? -6.506  -4.641  6.179   1.00 15.64 ? 104 ILE A O    1 
ATOM   871  C  CB   . ILE A 1 94  ? -8.346  -1.965  5.527   1.00 13.56 ? 104 ILE A CB   1 
ATOM   872  C  CG1  . ILE A 1 94  ? -8.803  -0.687  6.240   1.00 14.95 ? 104 ILE A CG1  1 
ATOM   873  C  CG2  . ILE A 1 94  ? -9.295  -3.130  5.826   1.00 13.56 ? 104 ILE A CG2  1 
ATOM   874  C  CD1  . ILE A 1 94  ? -10.023 -0.030  5.565   1.00 15.99 ? 104 ILE A CD1  1 
ATOM   875  H  H    . ILE A 1 94  ? -6.226  -0.647  4.871   1.00 0.00  ? 104 ILE A H    1 
ATOM   876  N  N    . CYS A 1 95  ? -6.033  -3.681  4.186   1.00 13.20 ? 105 CYS A N    1 
ATOM   877  C  CA   . CYS A 1 95  ? -5.563  -4.934  3.592   1.00 14.36 ? 105 CYS A CA   1 
ATOM   878  C  C    . CYS A 1 95  ? -4.391  -5.500  4.401   1.00 12.79 ? 105 CYS A C    1 
ATOM   879  O  O    . CYS A 1 95  ? -4.367  -6.706  4.699   1.00 12.90 ? 105 CYS A O    1 
ATOM   880  C  CB   . CYS A 1 95  ? -5.171  -4.653  2.154   1.00 11.83 ? 105 CYS A CB   1 
ATOM   881  S  SG   . CYS A 1 95  ? -4.875  -6.160  1.201   1.00 15.11 ? 105 CYS A SG   1 
ATOM   882  H  H    . CYS A 1 95  ? -6.008  -2.856  3.663   1.00 0.00  ? 105 CYS A H    1 
ATOM   883  N  N    . PHE A 1 96  ? -3.457  -4.659  4.883   1.00 14.67 ? 106 PHE A N    1 
ATOM   884  C  CA   . PHE A 1 96  ? -2.317  -5.131  5.687   1.00 14.65 ? 106 PHE A CA   1 
ATOM   885  C  C    . PHE A 1 96  ? -2.778  -5.722  7.008   1.00 16.42 ? 106 PHE A C    1 
ATOM   886  O  O    . PHE A 1 96  ? -2.413  -6.842  7.372   1.00 15.71 ? 106 PHE A O    1 
ATOM   887  C  CB   . PHE A 1 96  ? -1.342  -4.004  6.007   1.00 12.40 ? 106 PHE A CB   1 
ATOM   888  C  CG   . PHE A 1 96  ? -0.644  -3.462  4.775   1.00 15.57 ? 106 PHE A CG   1 
ATOM   889  C  CD1  . PHE A 1 96  ? -0.303  -4.311  3.713   1.00 13.15 ? 106 PHE A CD1  1 
ATOM   890  C  CD2  . PHE A 1 96  ? -0.323  -2.120  4.744   1.00 14.11 ? 106 PHE A CD2  1 
ATOM   891  C  CE1  . PHE A 1 96  ? 0.374   -3.791  2.626   1.00 14.35 ? 106 PHE A CE1  1 
ATOM   892  C  CE2  . PHE A 1 96  ? 0.353   -1.624  3.649   1.00 16.22 ? 106 PHE A CE2  1 
ATOM   893  C  CZ   . PHE A 1 96  ? 0.704   -2.450  2.594   1.00 14.95 ? 106 PHE A CZ   1 
ATOM   894  H  H    . PHE A 1 96  ? -3.536  -3.703  4.686   1.00 0.00  ? 106 PHE A H    1 
ATOM   895  N  N    . ARG A 1 97  ? -3.660  -4.975  7.678   1.00 17.42 ? 107 ARG A N    1 
ATOM   896  C  CA   . ARG A 1 97  ? -4.245  -5.406  8.929   1.00 19.54 ? 107 ARG A CA   1 
ATOM   897  C  C    . ARG A 1 97  ? -4.925  -6.757  8.751   1.00 19.53 ? 107 ARG A C    1 
ATOM   898  O  O    . ARG A 1 97  ? -4.692  -7.706  9.512   1.00 19.85 ? 107 ARG A O    1 
ATOM   899  C  CB   . ARG A 1 97  ? -5.280  -4.389  9.402   1.00 18.93 ? 107 ARG A CB   1 
ATOM   900  C  CG   . ARG A 1 97  ? -5.834  -4.803  10.761  1.00 21.97 ? 107 ARG A CG   1 
ATOM   901  C  CD   . ARG A 1 97  ? -7.172  -4.179  11.013  1.00 24.08 ? 107 ARG A CD   1 
ATOM   902  N  NE   . ARG A 1 97  ? -8.089  -4.520  9.956   1.00 25.51 ? 107 ARG A NE   1 
ATOM   903  C  CZ   . ARG A 1 97  ? -9.248  -3.897  9.862   1.00 26.97 ? 107 ARG A CZ   1 
ATOM   904  N  NH1  . ARG A 1 97  ? -9.606  -2.975  10.740  1.00 29.22 ? 107 ARG A NH1  1 
ATOM   905  N  NH2  . ARG A 1 97  ? -10.077 -4.204  8.877   1.00 29.65 ? 107 ARG A NH2  1 
ATOM   906  H  H    . ARG A 1 97  ? -3.919  -4.100  7.313   1.00 0.00  ? 107 ARG A H    1 
ATOM   907  H  HE   . ARG A 1 97  ? -7.843  -5.205  9.303   1.00 0.00  ? 107 ARG A HE   1 
ATOM   908  H  HH11 . ARG A 1 97  ? -9.005  -2.728  11.499  1.00 0.00  ? 107 ARG A HH11 1 
ATOM   909  H  HH12 . ARG A 1 97  ? -10.491 -2.521  10.644  1.00 0.00  ? 107 ARG A HH12 1 
ATOM   910  H  HH21 . ARG A 1 97  ? -9.822  -4.901  8.208   1.00 0.00  ? 107 ARG A HH21 1 
ATOM   911  H  HH22 . ARG A 1 97  ? -10.958 -3.737  8.802   1.00 0.00  ? 107 ARG A HH22 1 
ATOM   912  N  N    . ASP A 1 98  ? -5.771  -6.857  7.728   1.00 19.85 ? 108 ASP A N    1 
ATOM   913  C  CA   . ASP A 1 98  ? -6.506  -8.074  7.491   1.00 22.11 ? 108 ASP A CA   1 
ATOM   914  C  C    . ASP A 1 98  ? -5.636  -9.219  7.058   1.00 22.33 ? 108 ASP A C    1 
ATOM   915  O  O    . ASP A 1 98  ? -6.082  -10.341 7.259   1.00 21.56 ? 108 ASP A O    1 
ATOM   916  C  CB   . ASP A 1 98  ? -7.590  -7.865  6.448   1.00 24.03 ? 108 ASP A CB   1 
ATOM   917  C  CG   . ASP A 1 98  ? -8.762  -7.055  7.010   1.00 27.63 ? 108 ASP A CG   1 
ATOM   918  O  OD1  . ASP A 1 98  ? -8.817  -6.760  8.211   1.00 25.61 ? 108 ASP A OD1  1 
ATOM   919  O  OD2  . ASP A 1 98  ? -9.635  -6.700  6.222   1.00 30.42 ? 108 ASP A OD2  1 
ATOM   920  H  H    . ASP A 1 98  ? -5.889  -6.097  7.128   1.00 0.00  ? 108 ASP A H    1 
ATOM   921  N  N    . ASN A 1 99  ? -4.413  -9.009  6.573   1.00 20.86 ? 109 ASN A N    1 
ATOM   922  C  CA   . ASN A 1 99  ? -3.598  -10.140 6.182   1.00 21.40 ? 109 ASN A CA   1 
ATOM   923  C  C    . ASN A 1 99  ? -2.430  -10.407 7.100   1.00 22.69 ? 109 ASN A C    1 
ATOM   924  O  O    . ASN A 1 99  ? -1.481  -11.125 6.756   1.00 22.57 ? 109 ASN A O    1 
ATOM   925  C  CB   . ASN A 1 99  ? -3.129  -9.926  4.756   1.00 18.38 ? 109 ASN A CB   1 
ATOM   926  C  CG   . ASN A 1 99  ? -4.347  -10.078 3.859   1.00 19.51 ? 109 ASN A CG   1 
ATOM   927  O  OD1  . ASN A 1 99  ? -4.892  -11.164 3.744   1.00 17.70 ? 109 ASN A OD1  1 
ATOM   928  N  ND2  . ASN A 1 99  ? -4.906  -9.061  3.229   1.00 18.69 ? 109 ASN A ND2  1 
ATOM   929  H  H    . ASN A 1 99  ? -4.083  -8.095  6.423   1.00 0.00  ? 109 ASN A H    1 
ATOM   930  H  HD21 . ASN A 1 99  ? -5.704  -9.228  2.680   1.00 0.00  ? 109 ASN A HD21 1 
ATOM   931  H  HD22 . ASN A 1 99  ? -4.509  -8.173  3.352   1.00 0.00  ? 109 ASN A HD22 1 
ATOM   932  N  N    . LEU A 1 100 ? -2.494  -9.883  8.327   1.00 23.58 ? 110 LEU A N    1 
ATOM   933  C  CA   . LEU A 1 100 ? -1.454  -10.163 9.311   1.00 25.59 ? 110 LEU A CA   1 
ATOM   934  C  C    . LEU A 1 100 ? -1.350  -11.652 9.643   1.00 25.29 ? 110 LEU A C    1 
ATOM   935  O  O    . LEU A 1 100 ? -0.250  -12.103 9.899   1.00 27.35 ? 110 LEU A O    1 
ATOM   936  C  CB   . LEU A 1 100 ? -1.717  -9.377  10.594  1.00 25.94 ? 110 LEU A CB   1 
ATOM   937  C  CG   . LEU A 1 100 ? -1.581  -7.870  10.505  1.00 27.98 ? 110 LEU A CG   1 
ATOM   938  C  CD1  . LEU A 1 100 ? -2.247  -7.253  11.734  1.00 31.01 ? 110 LEU A CD1  1 
ATOM   939  C  CD2  . LEU A 1 100 ? -0.120  -7.481  10.363  1.00 25.83 ? 110 LEU A CD2  1 
ATOM   940  H  H    . LEU A 1 100 ? -3.250  -9.307  8.566   1.00 0.00  ? 110 LEU A H    1 
ATOM   941  N  N    . THR A 1 101 ? -2.387  -12.493 9.608   1.00 27.36 ? 111 THR A N    1 
ATOM   942  C  CA   . THR A 1 101 ? -2.296  -13.932 9.880   1.00 27.76 ? 111 THR A CA   1 
ATOM   943  C  C    . THR A 1 101 ? -1.240  -14.608 9.012   1.00 27.25 ? 111 THR A C    1 
ATOM   944  O  O    . THR A 1 101 ? -0.589  -15.554 9.454   1.00 28.40 ? 111 THR A O    1 
ATOM   945  C  CB   . THR A 1 101 ? -3.647  -14.696 9.613   1.00 29.08 ? 111 THR A CB   1 
ATOM   946  O  OG1  . THR A 1 101 ? -4.208  -14.195 8.396   1.00 31.92 ? 111 THR A OG1  1 
ATOM   947  C  CG2  . THR A 1 101 ? -4.643  -14.554 10.749  1.00 30.19 ? 111 THR A CG2  1 
ATOM   948  H  H    . THR A 1 101 ? -3.270  -12.124 9.414   1.00 0.00  ? 111 THR A H    1 
ATOM   949  H  HG1  . THR A 1 101 ? -4.747  -13.426 8.632   1.00 0.00  ? 111 THR A HG1  1 
ATOM   950  N  N    . LEU A 1 102 ? -1.075  -14.097 7.784   1.00 24.60 ? 112 LEU A N    1 
ATOM   951  C  CA   . LEU A 1 102 ? -0.216  -14.623 6.745   1.00 22.61 ? 112 LEU A CA   1 
ATOM   952  C  C    . LEU A 1 102 ? 1.171   -14.005 6.650   1.00 22.61 ? 112 LEU A C    1 
ATOM   953  O  O    . LEU A 1 102 ? 2.035   -14.544 5.911   1.00 22.60 ? 112 LEU A O    1 
ATOM   954  C  CB   . LEU A 1 102 ? -0.835  -14.426 5.365   1.00 18.38 ? 112 LEU A CB   1 
ATOM   955  C  CG   . LEU A 1 102 ? -2.172  -14.972 5.026   1.00 26.14 ? 112 LEU A CG   1 
ATOM   956  C  CD1  . LEU A 1 102 ? -2.298  -16.254 5.867   1.00 23.49 ? 112 LEU A CD1  1 
ATOM   957  C  CD2  . LEU A 1 102 ? -3.309  -13.913 5.206   1.00 19.58 ? 112 LEU A CD2  1 
ATOM   958  H  H    . LEU A 1 102 ? -1.587  -13.290 7.565   1.00 0.00  ? 112 LEU A H    1 
ATOM   959  N  N    . TYR A 1 103 ? 1.382   -12.854 7.304   1.00 20.55 ? 113 TYR A N    1 
ATOM   960  C  CA   . TYR A 1 103 ? 2.614   -12.112 7.113   1.00 20.86 ? 113 TYR A CA   1 
ATOM   961  C  C    . TYR A 1 103 ? 3.834   -12.953 7.473   1.00 22.48 ? 113 TYR A C    1 
ATOM   962  O  O    . TYR A 1 103 ? 3.867   -13.570 8.546   1.00 23.54 ? 113 TYR A O    1 
ATOM   963  C  CB   . TYR A 1 103 ? 2.541   -10.877 7.958   1.00 18.47 ? 113 TYR A CB   1 
ATOM   964  C  CG   . TYR A 1 103 ? 3.724   -9.967  7.762   1.00 18.90 ? 113 TYR A CG   1 
ATOM   965  C  CD1  . TYR A 1 103 ? 4.819   -10.185 8.567   1.00 17.35 ? 113 TYR A CD1  1 
ATOM   966  C  CD2  . TYR A 1 103 ? 3.710   -8.977  6.794   1.00 17.30 ? 113 TYR A CD2  1 
ATOM   967  C  CE1  . TYR A 1 103 ? 5.939   -9.414  8.410   1.00 20.69 ? 113 TYR A CE1  1 
ATOM   968  C  CE2  . TYR A 1 103 ? 4.834   -8.186  6.634   1.00 18.33 ? 113 TYR A CE2  1 
ATOM   969  C  CZ   . TYR A 1 103 ? 5.936   -8.429  7.447   1.00 20.88 ? 113 TYR A CZ   1 
ATOM   970  O  OH   . TYR A 1 103 ? 7.116   -7.730  7.312   1.00 22.62 ? 113 TYR A OH   1 
ATOM   971  H  H    . TYR A 1 103 ? 0.741   -12.548 7.980   1.00 0.00  ? 113 TYR A H    1 
ATOM   972  H  HH   . TYR A 1 103 ? 7.027   -7.095  6.592   1.00 0.00  ? 113 TYR A HH   1 
ATOM   973  N  N    . ASN A 1 104 ? 4.854   -12.934 6.608   1.00 21.25 ? 114 ASN A N    1 
ATOM   974  C  CA   . ASN A 1 104 ? 5.999   -13.796 6.807   1.00 22.93 ? 114 ASN A CA   1 
ATOM   975  C  C    . ASN A 1 104 ? 7.240   -13.215 6.162   1.00 21.79 ? 114 ASN A C    1 
ATOM   976  O  O    . ASN A 1 104 ? 7.685   -13.545 5.052   1.00 18.24 ? 114 ASN A O    1 
ATOM   977  C  CB   . ASN A 1 104 ? 5.668   -15.172 6.230   1.00 26.53 ? 114 ASN A CB   1 
ATOM   978  C  CG   . ASN A 1 104 ? 6.774   -16.225 6.304   1.00 31.76 ? 114 ASN A CG   1 
ATOM   979  O  OD1  . ASN A 1 104 ? 7.903   -16.021 6.780   1.00 34.50 ? 114 ASN A OD1  1 
ATOM   980  N  ND2  . ASN A 1 104 ? 6.489   -17.405 5.778   1.00 33.42 ? 114 ASN A ND2  1 
ATOM   981  H  H    . ASN A 1 104 ? 4.821   -12.360 5.818   1.00 0.00  ? 114 ASN A H    1 
ATOM   982  H  HD21 . ASN A 1 104 ? 7.155   -18.116 5.819   1.00 0.00  ? 114 ASN A HD21 1 
ATOM   983  H  HD22 . ASN A 1 104 ? 5.584   -17.516 5.396   1.00 0.00  ? 114 ASN A HD22 1 
ATOM   984  N  N    . ASP A 1 105 ? 7.829   -12.302 6.930   1.00 22.55 ? 115 ASP A N    1 
ATOM   985  C  CA   . ASP A 1 105 ? 9.064   -11.634 6.494   1.00 24.56 ? 115 ASP A CA   1 
ATOM   986  C  C    . ASP A 1 105 ? 10.256  -12.590 6.364   1.00 23.45 ? 115 ASP A C    1 
ATOM   987  O  O    . ASP A 1 105 ? 11.142  -12.313 5.565   1.00 21.01 ? 115 ASP A O    1 
ATOM   988  C  CB   . ASP A 1 105 ? 9.421   -10.510 7.469   1.00 25.23 ? 115 ASP A CB   1 
ATOM   989  C  CG   . ASP A 1 105 ? 9.587   -11.008 8.892   1.00 29.51 ? 115 ASP A CG   1 
ATOM   990  O  OD1  . ASP A 1 105 ? 8.634   -11.497 9.507   1.00 27.47 ? 115 ASP A OD1  1 
ATOM   991  O  OD2  . ASP A 1 105 ? 10.708  -10.906 9.374   1.00 34.02 ? 115 ASP A OD2  1 
ATOM   992  H  H    . ASP A 1 105 ? 7.401   -12.054 7.775   1.00 0.00  ? 115 ASP A H    1 
ATOM   993  N  N    . LYS A 1 106 ? 10.274  -13.730 7.065   1.00 23.92 ? 116 LYS A N    1 
ATOM   994  C  CA   . LYS A 1 106 ? 11.390  -14.658 7.011   1.00 27.11 ? 116 LYS A CA   1 
ATOM   995  C  C    . LYS A 1 106 ? 11.481  -15.179 5.589   1.00 27.55 ? 116 LYS A C    1 
ATOM   996  O  O    . LYS A 1 106 ? 12.554  -15.233 4.996   1.00 30.37 ? 116 LYS A O    1 
ATOM   997  C  CB   . LYS A 1 106 ? 11.186  -15.855 7.922   1.00 28.21 ? 116 LYS A CB   1 
ATOM   998  C  CG   . LYS A 1 106 ? 10.931  -15.578 9.383   1.00 34.45 ? 116 LYS A CG   1 
ATOM   999  C  CD   . LYS A 1 106 ? 12.159  -15.008 10.083  1.00 38.63 ? 116 LYS A CD   1 
ATOM   1000 C  CE   . LYS A 1 106 ? 11.918  -14.827 11.588  1.00 42.55 ? 116 LYS A CE   1 
ATOM   1001 N  NZ   . LYS A 1 106 ? 11.686  -16.085 12.286  1.00 44.35 ? 116 LYS A NZ   1 
ATOM   1002 H  H    . LYS A 1 106 ? 9.482   -13.989 7.576   1.00 0.00  ? 116 LYS A H    1 
ATOM   1003 H  HZ1  . LYS A 1 106 ? 10.855  -16.557 11.875  1.00 0.00  ? 116 LYS A HZ1  1 
ATOM   1004 H  HZ2  . LYS A 1 106 ? 12.518  -16.699 12.181  1.00 0.00  ? 116 LYS A HZ2  1 
ATOM   1005 H  HZ3  . LYS A 1 106 ? 11.514  -15.901 13.294  1.00 0.00  ? 116 LYS A HZ3  1 
ATOM   1006 N  N    . LYS A 1 107 ? 10.332  -15.527 5.026   1.00 25.96 ? 117 LYS A N    1 
ATOM   1007 C  CA   . LYS A 1 107 ? 10.268  -16.040 3.686   1.00 24.19 ? 117 LYS A CA   1 
ATOM   1008 C  C    . LYS A 1 107 ? 10.388  -14.920 2.664   1.00 22.72 ? 117 LYS A C    1 
ATOM   1009 O  O    . LYS A 1 107 ? 11.186  -15.016 1.740   1.00 22.15 ? 117 LYS A O    1 
ATOM   1010 C  CB   . LYS A 1 107 ? 8.946   -16.772 3.628   1.00 26.37 ? 117 LYS A CB   1 
ATOM   1011 C  CG   . LYS A 1 107 ? 8.455   -17.345 2.336   1.00 32.30 ? 117 LYS A CG   1 
ATOM   1012 C  CD   . LYS A 1 107 ? 9.472   -18.242 1.671   1.00 36.24 ? 117 LYS A CD   1 
ATOM   1013 C  CE   . LYS A 1 107 ? 8.810   -18.973 0.498   1.00 40.48 ? 117 LYS A CE   1 
ATOM   1014 N  NZ   . LYS A 1 107 ? 7.836   -19.938 0.991   1.00 42.01 ? 117 LYS A NZ   1 
ATOM   1015 H  H    . LYS A 1 107 ? 9.507   -15.453 5.551   1.00 0.00  ? 117 LYS A H    1 
ATOM   1016 H  HZ1  . LYS A 1 107 ? 8.310   -20.600 1.639   1.00 0.00  ? 117 LYS A HZ1  1 
ATOM   1017 H  HZ2  . LYS A 1 107 ? 7.076   -19.441 1.496   1.00 0.00  ? 117 LYS A HZ2  1 
ATOM   1018 H  HZ3  . LYS A 1 107 ? 7.436   -20.464 0.188   1.00 0.00  ? 117 LYS A HZ3  1 
ATOM   1019 N  N    . TYR A 1 108 ? 9.620   -13.818 2.822   1.00 21.58 ? 118 TYR A N    1 
ATOM   1020 C  CA   . TYR A 1 108 ? 9.553   -12.777 1.793   1.00 18.54 ? 118 TYR A CA   1 
ATOM   1021 C  C    . TYR A 1 108 ? 10.355  -11.480 1.917   1.00 18.43 ? 118 TYR A C    1 
ATOM   1022 O  O    . TYR A 1 108 ? 10.345  -10.729 0.942   1.00 18.09 ? 118 TYR A O    1 
ATOM   1023 C  CB   . TYR A 1 108 ? 8.065   -12.452 1.596   1.00 18.20 ? 118 TYR A CB   1 
ATOM   1024 C  CG   . TYR A 1 108 ? 7.245   -13.660 1.123   1.00 16.94 ? 118 TYR A CG   1 
ATOM   1025 C  CD1  . TYR A 1 108 ? 7.511   -14.278 -0.088  1.00 17.38 ? 118 TYR A CD1  1 
ATOM   1026 C  CD2  . TYR A 1 108 ? 6.258   -14.150 1.937   1.00 13.13 ? 118 TYR A CD2  1 
ATOM   1027 C  CE1  . TYR A 1 108 ? 6.788   -15.397 -0.493  1.00 17.18 ? 118 TYR A CE1  1 
ATOM   1028 C  CE2  . TYR A 1 108 ? 5.548   -15.261 1.544   1.00 15.15 ? 118 TYR A CE2  1 
ATOM   1029 C  CZ   . TYR A 1 108 ? 5.810   -15.879 0.340   1.00 16.69 ? 118 TYR A CZ   1 
ATOM   1030 O  OH   . TYR A 1 108 ? 5.092   -17.006 -0.012  1.00 17.69 ? 118 TYR A OH   1 
ATOM   1031 H  H    . TYR A 1 108 ? 9.100   -13.717 3.646   1.00 0.00  ? 118 TYR A H    1 
ATOM   1032 H  HH   . TYR A 1 108 ? 4.466   -17.234 0.682   1.00 0.00  ? 118 TYR A HH   1 
ATOM   1033 N  N    . TRP A 1 109 ? 11.066  -11.097 2.987   1.00 19.32 ? 119 TRP A N    1 
ATOM   1034 C  CA   . TRP A 1 109 ? 11.818  -9.836  2.992   1.00 18.80 ? 119 TRP A CA   1 
ATOM   1035 C  C    . TRP A 1 109 ? 12.995  -9.931  2.026   1.00 21.03 ? 119 TRP A C    1 
ATOM   1036 O  O    . TRP A 1 109 ? 13.684  -10.952 1.981   1.00 20.86 ? 119 TRP A O    1 
ATOM   1037 C  CB   . TRP A 1 109 ? 12.367  -9.516  4.375   1.00 20.10 ? 119 TRP A CB   1 
ATOM   1038 C  CG   . TRP A 1 109 ? 12.894  -8.074  4.478   1.00 21.82 ? 119 TRP A CG   1 
ATOM   1039 C  CD1  . TRP A 1 109 ? 14.223  -7.775  4.264   1.00 21.11 ? 119 TRP A CD1  1 
ATOM   1040 C  CD2  . TRP A 1 109 ? 12.135  -6.948  4.730   1.00 23.07 ? 119 TRP A CD2  1 
ATOM   1041 N  NE1  . TRP A 1 109 ? 14.310  -6.469  4.361   1.00 21.35 ? 119 TRP A NE1  1 
ATOM   1042 C  CE2  . TRP A 1 109 ? 13.096  -5.936  4.645   1.00 23.86 ? 119 TRP A CE2  1 
ATOM   1043 C  CE3  . TRP A 1 109 ? 10.795  -6.647  5.011   1.00 25.94 ? 119 TRP A CE3  1 
ATOM   1044 C  CZ2  . TRP A 1 109 ? 12.728  -4.615  4.843   1.00 23.80 ? 119 TRP A CZ2  1 
ATOM   1045 C  CZ3  . TRP A 1 109 ? 10.437  -5.326  5.207   1.00 21.89 ? 119 TRP A CZ3  1 
ATOM   1046 C  CH2  . TRP A 1 109 ? 11.397  -4.328  5.123   1.00 25.33 ? 119 TRP A CH2  1 
ATOM   1047 H  H    . TRP A 1 109 ? 11.236  -11.753 3.692   1.00 0.00  ? 119 TRP A H    1 
ATOM   1048 H  HE1  . TRP A 1 109 ? 15.121  -5.956  4.130   1.00 0.00  ? 119 TRP A HE1  1 
ATOM   1049 N  N    . ALA A 1 110 ? 13.242  -8.857  1.278   1.00 21.10 ? 120 ALA A N    1 
ATOM   1050 C  CA   . ALA A 1 110 ? 14.289  -8.782  0.278   1.00 23.86 ? 120 ALA A CA   1 
ATOM   1051 C  C    . ALA A 1 110 ? 14.262  -10.047 -0.592  1.00 26.38 ? 120 ALA A C    1 
ATOM   1052 O  O    . ALA A 1 110 ? 15.234  -10.785 -0.757  1.00 27.11 ? 120 ALA A O    1 
ATOM   1053 C  CB   . ALA A 1 110 ? 15.644  -8.616  1.004   1.00 24.04 ? 120 ALA A CB   1 
ATOM   1054 H  H    . ALA A 1 110 ? 12.667  -8.078  1.400   1.00 0.00  ? 120 ALA A H    1 
ATOM   1055 N  N    . PHE A 1 111 ? 13.087  -10.282 -1.181  1.00 27.63 ? 121 PHE A N    1 
ATOM   1056 C  CA   . PHE A 1 111 ? 12.786  -11.479 -1.942  1.00 27.25 ? 121 PHE A CA   1 
ATOM   1057 C  C    . PHE A 1 111 ? 13.698  -11.646 -3.149  1.00 28.40 ? 121 PHE A C    1 
ATOM   1058 O  O    . PHE A 1 111 ? 13.997  -12.782 -3.546  1.00 27.44 ? 121 PHE A O    1 
ATOM   1059 C  CB   . PHE A 1 111 ? 11.322  -11.391 -2.339  1.00 24.23 ? 121 PHE A CB   1 
ATOM   1060 C  CG   . PHE A 1 111 ? 10.750  -12.745 -2.696  1.00 24.19 ? 121 PHE A CG   1 
ATOM   1061 C  CD1  . PHE A 1 111 ? 10.922  -13.822 -1.840  1.00 22.66 ? 121 PHE A CD1  1 
ATOM   1062 C  CD2  . PHE A 1 111 ? 10.077  -12.910 -3.892  1.00 23.78 ? 121 PHE A CD2  1 
ATOM   1063 C  CE1  . PHE A 1 111 ? 10.416  -15.065 -2.204  1.00 23.03 ? 121 PHE A CE1  1 
ATOM   1064 C  CE2  . PHE A 1 111 ? 9.579   -14.158 -4.235  1.00 22.98 ? 121 PHE A CE2  1 
ATOM   1065 C  CZ   . PHE A 1 111 ? 9.744   -15.244 -3.401  1.00 21.74 ? 121 PHE A CZ   1 
ATOM   1066 H  H    . PHE A 1 111 ? 12.388  -9.603  -1.068  1.00 0.00  ? 121 PHE A H    1 
ATOM   1067 N  N    . GLY A 1 112 ? 14.102  -10.513 -3.743  1.00 29.13 ? 122 GLY A N    1 
ATOM   1068 C  CA   . GLY A 1 112 ? 15.080  -10.515 -4.810  1.00 33.15 ? 122 GLY A CA   1 
ATOM   1069 C  C    . GLY A 1 112 ? 14.456  -10.503 -6.190  1.00 35.79 ? 122 GLY A C    1 
ATOM   1070 O  O    . GLY A 1 112 ? 13.514  -11.234 -6.503  1.00 36.20 ? 122 GLY A O    1 
ATOM   1071 H  H    . GLY A 1 112 ? 13.687  -9.670  -3.468  1.00 0.00  ? 122 GLY A H    1 
ATOM   1072 N  N    . ALA A 1 113 ? 15.094  -9.734  -7.062  1.00 37.55 ? 123 ALA A N    1 
ATOM   1073 C  CA   . ALA A 1 113 ? 14.614  -9.507  -8.409  1.00 39.26 ? 123 ALA A CA   1 
ATOM   1074 C  C    . ALA A 1 113 ? 14.485  -10.718 -9.308  1.00 40.44 ? 123 ALA A C    1 
ATOM   1075 O  O    . ALA A 1 113 ? 13.515  -10.763 -10.066 1.00 41.98 ? 123 ALA A O    1 
ATOM   1076 C  CB   . ALA A 1 113 ? 15.503  -8.537  -9.134  1.00 41.63 ? 123 ALA A CB   1 
ATOM   1077 H  H    . ALA A 1 113 ? 15.947  -9.337  -6.787  1.00 0.00  ? 123 ALA A H    1 
ATOM   1078 N  N    . LYS A 1 114 ? 15.352  -11.732 -9.270  1.00 39.46 ? 124 LYS A N    1 
ATOM   1079 C  CA   . LYS A 1 114 ? 15.199  -12.903 -10.128 1.00 40.46 ? 124 LYS A CA   1 
ATOM   1080 C  C    . LYS A 1 114 ? 13.851  -13.538 -9.864  1.00 39.20 ? 124 LYS A C    1 
ATOM   1081 O  O    . LYS A 1 114 ? 13.158  -13.952 -10.803 1.00 39.46 ? 124 LYS A O    1 
ATOM   1082 C  CB   . LYS A 1 114 ? 16.288  -13.963 -9.862  1.00 43.81 ? 124 LYS A CB   1 
ATOM   1083 C  CG   . LYS A 1 114 ? 16.228  -15.286 -10.651 1.00 47.02 ? 124 LYS A CG   1 
ATOM   1084 C  CD   . LYS A 1 114 ? 16.027  -15.142 -12.176 1.00 51.84 ? 124 LYS A CD   1 
ATOM   1085 C  CE   . LYS A 1 114 ? 17.174  -14.474 -12.978 1.00 54.70 ? 124 LYS A CE   1 
ATOM   1086 N  NZ   . LYS A 1 114 ? 17.285  -13.033 -12.770 1.00 56.29 ? 124 LYS A NZ   1 
ATOM   1087 H  H    . LYS A 1 114 ? 16.099  -11.696 -8.649  1.00 0.00  ? 124 LYS A H    1 
ATOM   1088 H  HZ1  . LYS A 1 114 ? 16.375  -12.582 -12.990 1.00 0.00  ? 124 LYS A HZ1  1 
ATOM   1089 H  HZ2  . LYS A 1 114 ? 17.535  -12.843 -11.779 1.00 0.00  ? 124 LYS A HZ2  1 
ATOM   1090 H  HZ3  . LYS A 1 114 ? 18.024  -12.646 -13.391 1.00 0.00  ? 124 LYS A HZ3  1 
ATOM   1091 N  N    . ASN A 1 115 ? 13.476  -13.482 -8.572  1.00 35.56 ? 125 ASN A N    1 
ATOM   1092 C  CA   . ASN A 1 115 ? 12.236  -14.057 -8.112  1.00 30.98 ? 125 ASN A CA   1 
ATOM   1093 C  C    . ASN A 1 115 ? 10.998  -13.298 -8.483  1.00 28.43 ? 125 ASN A C    1 
ATOM   1094 O  O    . ASN A 1 115 ? 9.866   -13.797 -8.318  1.00 29.11 ? 125 ASN A O    1 
ATOM   1095 C  CB   . ASN A 1 115 ? 12.271  -14.211 -6.629  1.00 33.13 ? 125 ASN A CB   1 
ATOM   1096 C  CG   . ASN A 1 115 ? 12.921  -15.522 -6.214  1.00 36.74 ? 125 ASN A CG   1 
ATOM   1097 O  OD1  . ASN A 1 115 ? 12.734  -16.552 -6.879  1.00 35.22 ? 125 ASN A OD1  1 
ATOM   1098 N  ND2  . ASN A 1 115 ? 13.701  -15.557 -5.127  1.00 35.63 ? 125 ASN A ND2  1 
ATOM   1099 H  H    . ASN A 1 115 ? 14.019  -12.972 -7.935  1.00 0.00  ? 125 ASN A H    1 
ATOM   1100 H  HD21 . ASN A 1 115 ? 14.138  -16.387 -4.855  1.00 0.00  ? 125 ASN A HD21 1 
ATOM   1101 H  HD22 . ASN A 1 115 ? 13.812  -14.710 -4.624  1.00 0.00  ? 125 ASN A HD22 1 
ATOM   1102 N  N    . CYS A 1 116 ? 11.224  -12.136 -9.077  1.00 23.76 ? 126 CYS A N    1 
ATOM   1103 C  CA   . CYS A 1 116 ? 10.142  -11.298 -9.523  1.00 22.92 ? 126 CYS A CA   1 
ATOM   1104 C  C    . CYS A 1 116 ? 10.309  -10.949 -10.999 1.00 24.15 ? 126 CYS A C    1 
ATOM   1105 O  O    . CYS A 1 116 ? 10.389  -9.758  -11.350 1.00 25.13 ? 126 CYS A O    1 
ATOM   1106 C  CB   . CYS A 1 116 ? 10.092  -10.018 -8.647  1.00 17.87 ? 126 CYS A CB   1 
ATOM   1107 S  SG   . CYS A 1 116 ? 9.801   -10.330 -6.888  1.00 16.62 ? 126 CYS A SG   1 
ATOM   1108 H  H    . CYS A 1 116 ? 12.132  -11.801 -9.196  1.00 0.00  ? 126 CYS A H    1 
ATOM   1109 N  N    . PRO A 1 117 ? 10.323  -11.944 -11.914 1.00 24.84 ? 127 PRO A N    1 
ATOM   1110 C  CA   . PRO A 1 117 ? 10.582  -11.807 -13.336 1.00 26.95 ? 127 PRO A CA   1 
ATOM   1111 C  C    . PRO A 1 117 ? 9.678   -10.820 -13.996 1.00 29.86 ? 127 PRO A C    1 
ATOM   1112 O  O    . PRO A 1 117 ? 8.454   -10.898 -13.857 1.00 31.30 ? 127 PRO A O    1 
ATOM   1113 C  CB   . PRO A 1 117 ? 10.369  -13.151 -13.965 1.00 24.71 ? 127 PRO A CB   1 
ATOM   1114 C  CG   . PRO A 1 117 ? 10.633  -14.073 -12.825 1.00 25.81 ? 127 PRO A CG   1 
ATOM   1115 C  CD   . PRO A 1 117 ? 9.960   -13.331 -11.681 1.00 25.68 ? 127 PRO A CD   1 
ATOM   1116 N  N    . GLN A 1 118 ? 10.290  -9.957  -14.779 1.00 32.06 ? 128 GLN A N    1 
ATOM   1117 C  CA   . GLN A 1 118 ? 9.606   -8.972  -15.594 1.00 35.90 ? 128 GLN A CA   1 
ATOM   1118 C  C    . GLN A 1 118 ? 8.490   -9.635  -16.423 1.00 36.70 ? 128 GLN A C    1 
ATOM   1119 O  O    . GLN A 1 118 ? 7.382   -9.108  -16.575 1.00 35.72 ? 128 GLN A O    1 
ATOM   1120 C  CB   . GLN A 1 118 ? 10.595  -8.290  -16.541 1.00 41.52 ? 128 GLN A CB   1 
ATOM   1121 C  CG   . GLN A 1 118 ? 12.129  -8.357  -16.259 1.00 49.99 ? 128 GLN A CG   1 
ATOM   1122 C  CD   . GLN A 1 118 ? 12.829  -9.690  -16.595 1.00 53.33 ? 128 GLN A CD   1 
ATOM   1123 O  OE1  . GLN A 1 118 ? 12.493  -10.746 -16.048 1.00 55.26 ? 128 GLN A OE1  1 
ATOM   1124 N  NE2  . GLN A 1 118 ? 13.802  -9.763  -17.501 1.00 55.26 ? 128 GLN A NE2  1 
ATOM   1125 H  H    . GLN A 1 118 ? 11.266  -9.988  -14.717 1.00 0.00  ? 128 GLN A H    1 
ATOM   1126 H  HE21 . GLN A 1 118 ? 14.200  -10.641 -17.666 1.00 0.00  ? 128 GLN A HE21 1 
ATOM   1127 H  HE22 . GLN A 1 118 ? 14.086  -8.939  -17.947 1.00 0.00  ? 128 GLN A HE22 1 
ATOM   1128 N  N    . GLU A 1 119 ? 8.699   -10.865 -16.889 1.00 36.18 ? 129 GLU A N    1 
ATOM   1129 C  CA   . GLU A 1 119 ? 7.696   -11.557 -17.693 1.00 36.66 ? 129 GLU A CA   1 
ATOM   1130 C  C    . GLU A 1 119 ? 6.479   -12.065 -16.913 1.00 33.16 ? 129 GLU A C    1 
ATOM   1131 O  O    . GLU A 1 119 ? 5.410   -12.291 -17.485 1.00 33.47 ? 129 GLU A O    1 
ATOM   1132 C  CB   . GLU A 1 119 ? 8.316   -12.758 -18.413 1.00 41.12 ? 129 GLU A CB   1 
ATOM   1133 C  CG   . GLU A 1 119 ? 9.461   -12.468 -19.368 1.00 47.13 ? 129 GLU A CG   1 
ATOM   1134 C  CD   . GLU A 1 119 ? 10.722  -12.014 -18.653 1.00 51.76 ? 129 GLU A CD   1 
ATOM   1135 O  OE1  . GLU A 1 119 ? 11.059  -12.574 -17.606 1.00 53.40 ? 129 GLU A OE1  1 
ATOM   1136 O  OE2  . GLU A 1 119 ? 11.353  -11.077 -19.133 1.00 55.86 ? 129 GLU A OE2  1 
ATOM   1137 H  H    . GLU A 1 119 ? 9.521   -11.327 -16.635 1.00 0.00  ? 129 GLU A H    1 
ATOM   1138 N  N    . GLU A 1 120 ? 6.577   -12.248 -15.607 1.00 29.84 ? 130 GLU A N    1 
ATOM   1139 C  CA   . GLU A 1 120 ? 5.452   -12.698 -14.806 1.00 27.05 ? 130 GLU A CA   1 
ATOM   1140 C  C    . GLU A 1 120 ? 4.689   -11.532 -14.228 1.00 24.33 ? 130 GLU A C    1 
ATOM   1141 O  O    . GLU A 1 120 ? 3.848   -11.740 -13.362 1.00 22.77 ? 130 GLU A O    1 
ATOM   1142 C  CB   . GLU A 1 120 ? 5.936   -13.573 -13.666 1.00 25.40 ? 130 GLU A CB   1 
ATOM   1143 C  CG   . GLU A 1 120 ? 6.418   -14.871 -14.209 1.00 27.86 ? 130 GLU A CG   1 
ATOM   1144 C  CD   . GLU A 1 120 ? 7.133   -15.749 -13.215 1.00 29.79 ? 130 GLU A CD   1 
ATOM   1145 O  OE1  . GLU A 1 120 ? 6.877   -15.650 -12.016 1.00 28.33 ? 130 GLU A OE1  1 
ATOM   1146 O  OE2  . GLU A 1 120 ? 7.952   -16.552 -13.665 1.00 32.40 ? 130 GLU A OE2  1 
ATOM   1147 H  H    . GLU A 1 120 ? 7.413   -12.034 -15.148 1.00 0.00  ? 130 GLU A H    1 
ATOM   1148 N  N    . SER A 1 121 ? 4.911   -10.298 -14.657 1.00 24.18 ? 131 SER A N    1 
ATOM   1149 C  CA   . SER A 1 121 ? 4.220   -9.173  -14.048 1.00 23.69 ? 131 SER A CA   1 
ATOM   1150 C  C    . SER A 1 121 ? 2.748   -9.221  -14.370 1.00 23.93 ? 131 SER A C    1 
ATOM   1151 O  O    . SER A 1 121 ? 2.305   -9.128  -15.521 1.00 25.69 ? 131 SER A O    1 
ATOM   1152 C  CB   . SER A 1 121 ? 4.798   -7.858  -14.543 1.00 24.80 ? 131 SER A CB   1 
ATOM   1153 O  OG   . SER A 1 121 ? 6.204   -7.881  -14.340 1.00 23.10 ? 131 SER A OG   1 
ATOM   1154 H  H    . SER A 1 121 ? 5.529   -10.135 -15.396 1.00 0.00  ? 131 SER A H    1 
ATOM   1155 H  HG   . SER A 1 121 ? 6.606   -8.033  -15.204 1.00 0.00  ? 131 SER A HG   1 
ATOM   1156 N  N    . GLU A 1 122 ? 1.985   -9.448  -13.322 1.00 21.76 ? 132 GLU A N    1 
ATOM   1157 C  CA   . GLU A 1 122 ? 0.550   -9.441  -13.415 1.00 20.99 ? 132 GLU A CA   1 
ATOM   1158 C  C    . GLU A 1 122 ? 0.052   -8.031  -13.791 1.00 22.45 ? 132 GLU A C    1 
ATOM   1159 O  O    . GLU A 1 122 ? 0.470   -7.048  -13.169 1.00 21.96 ? 132 GLU A O    1 
ATOM   1160 C  CB   . GLU A 1 122 ? 0.088   -9.900  -12.073 1.00 21.61 ? 132 GLU A CB   1 
ATOM   1161 C  CG   . GLU A 1 122 ? -1.371  -10.156 -12.128 1.00 23.59 ? 132 GLU A CG   1 
ATOM   1162 C  CD   . GLU A 1 122 ? -1.999  -10.703 -10.863 1.00 24.03 ? 132 GLU A CD   1 
ATOM   1163 O  OE1  . GLU A 1 122 ? -1.520  -11.687 -10.307 1.00 25.59 ? 132 GLU A OE1  1 
ATOM   1164 O  OE2  . GLU A 1 122 ? -3.007  -10.144 -10.456 1.00 26.94 ? 132 GLU A OE2  1 
ATOM   1165 H  H    . GLU A 1 122 ? 2.429   -9.618  -12.462 1.00 0.00  ? 132 GLU A H    1 
ATOM   1166 N  N    . PRO A 1 123 ? -0.763  -7.769  -14.812 1.00 23.06 ? 133 PRO A N    1 
ATOM   1167 C  CA   . PRO A 1 123 ? -1.289  -6.432  -15.075 1.00 23.50 ? 133 PRO A CA   1 
ATOM   1168 C  C    . PRO A 1 123 ? -2.309  -6.009  -14.033 1.00 23.52 ? 133 PRO A C    1 
ATOM   1169 O  O    . PRO A 1 123 ? -2.938  -6.848  -13.372 1.00 22.41 ? 133 PRO A O    1 
ATOM   1170 C  CB   . PRO A 1 123 ? -1.844  -6.528  -16.481 1.00 23.54 ? 133 PRO A CB   1 
ATOM   1171 C  CG   . PRO A 1 123 ? -2.210  -7.977  -16.617 1.00 24.86 ? 133 PRO A CG   1 
ATOM   1172 C  CD   . PRO A 1 123 ? -1.045  -8.656  -15.923 1.00 22.68 ? 133 PRO A CD   1 
ATOM   1173 N  N    . CYS A 1 124 ? -2.430  -4.693  -13.869 1.00 24.77 ? 134 CYS A N    1 
ATOM   1174 C  CA   . CYS A 1 124 ? -3.387  -4.133  -12.928 1.00 25.46 ? 134 CYS A CA   1 
ATOM   1175 C  C    . CYS A 1 124 ? -4.764  -4.418  -13.477 1.00 28.60 ? 134 CYS A C    1 
ATOM   1176 O  O    . CYS A 1 124 ? -5.629  -4.794  -12.691 1.00 33.08 ? 134 CYS A O    1 
ATOM   1177 C  CB   . CYS A 1 124 ? -3.200  -2.631  -12.786 1.00 20.50 ? 134 CYS A CB   1 
ATOM   1178 S  SG   . CYS A 1 124 ? -1.652  -2.305  -11.903 1.00 21.88 ? 134 CYS A SG   1 
ATOM   1179 O  OXT  . CYS A 1 124 ? -4.937  -4.347  -14.695 1.00 31.44 ? 134 CYS A OXT  1 
ATOM   1180 H  H    . CYS A 1 124 ? -1.952  -4.086  -14.469 1.00 0.00  ? 134 CYS A H    1 
HETATM 1181 CA CA   . CA  B 2 .   ? 5.539   -1.478  -4.921  1.00 15.33 ? 200 CA  A CA   1 
HETATM 1182 C  CH   . PBP C 3 .   ? 1.607   1.260   -2.660  1.00 12.20 ? 400 PBP A CH   1 
HETATM 1183 C  CG   . PBP C 3 .   ? 3.779   0.709   -1.356  1.00 15.62 ? 400 PBP A CG   1 
HETATM 1184 C  CD1  . PBP C 3 .   ? 4.414   0.086   -0.295  1.00 17.64 ? 400 PBP A CD1  1 
HETATM 1185 C  CE1  . PBP C 3 .   ? 5.697   0.451   0.058   1.00 20.07 ? 400 PBP A CE1  1 
HETATM 1186 C  CD2  . PBP C 3 .   ? 4.464   1.693   -2.047  1.00 17.79 ? 400 PBP A CD2  1 
HETATM 1187 C  CE2  . PBP C 3 .   ? 5.749   2.063   -1.695  1.00 18.67 ? 400 PBP A CE2  1 
HETATM 1188 C  CZ   . PBP C 3 .   ? 6.385   1.446   -0.634  1.00 22.96 ? 400 PBP A CZ   1 
HETATM 1189 BR BR   . PBP C 3 .   ? 8.112   2.006   -0.072  1.00 27.35 ? 400 PBP A BR   1 
HETATM 1190 C  CR   . PBP C 3 .   ? 2.422   0.504   -1.604  1.00 15.96 ? 400 PBP A CR   1 
HETATM 1191 O  O    . PBP C 3 .   ? 1.822   -0.315  -0.910  1.00 14.19 ? 400 PBP A O    1 
HETATM 1192 C  C1   . BU1 D 4 .   ? -1.334  -14.276 -3.715  1.00 32.51 ? 601 BU1 A C1   1 
HETATM 1193 C  C2   . BU1 D 4 .   ? -2.682  -14.011 -3.114  1.00 32.69 ? 601 BU1 A C2   1 
HETATM 1194 C  C3   . BU1 D 4 .   ? -2.936  -14.876 -1.912  1.00 35.80 ? 601 BU1 A C3   1 
HETATM 1195 C  C4   . BU1 D 4 .   ? -4.299  -14.445 -1.397  1.00 41.26 ? 601 BU1 A C4   1 
HETATM 1196 O  O5   . BU1 D 4 .   ? -1.291  -13.681 -5.001  1.00 34.62 ? 601 BU1 A O5   1 
HETATM 1197 O  O6   . BU1 D 4 .   ? -4.659  -15.133 -0.197  1.00 46.82 ? 601 BU1 A O6   1 
HETATM 1198 H  HO5  . BU1 D 4 .   ? -1.665  -14.291 -5.647  1.00 0.00  ? 601 BU1 A HO5  1 
HETATM 1199 H  HO6  . BU1 D 4 .   ? -5.499  -14.787 0.122   1.00 0.00  ? 601 BU1 A HO6  1 
HETATM 1200 O  O    . HOH E 5 .   ? -0.278  9.558   0.014   1.00 9.49  ? 201 HOH A O    1 
HETATM 1201 H  H1   . HOH E 5 .   ? -0.759  8.722   0.040   1.00 0.00  ? 201 HOH A H1   1 
HETATM 1202 H  H2   . HOH E 5 .   ? 0.149   9.487   -0.854  1.00 0.00  ? 201 HOH A H2   1 
HETATM 1203 O  O    . HOH E 5 .   ? 0.200   -7.750  6.802   1.00 17.08 ? 202 HOH A O    1 
HETATM 1204 H  H1   . HOH E 5 .   ? 0.740   -7.041  7.161   1.00 0.00  ? 202 HOH A H1   1 
HETATM 1205 H  H2   . HOH E 5 .   ? -0.608  -7.667  7.321   1.00 0.00  ? 202 HOH A H2   1 
HETATM 1206 O  O    . HOH E 5 .   ? 0.421   -12.145 3.774   1.00 16.53 ? 203 HOH A O    1 
HETATM 1207 H  H1   . HOH E 5 .   ? -0.202  -11.595 4.273   1.00 0.00  ? 203 HOH A H1   1 
HETATM 1208 H  H2   . HOH E 5 .   ? 1.239   -11.897 4.221   1.00 0.00  ? 203 HOH A H2   1 
HETATM 1209 O  O    . HOH E 5 .   ? -8.875  12.730  1.417   1.00 24.59 ? 204 HOH A O    1 
HETATM 1210 H  H1   . HOH E 5 .   ? -9.747  13.116  1.295   1.00 0.00  ? 204 HOH A H1   1 
HETATM 1211 H  H2   . HOH E 5 .   ? -8.833  12.553  2.362   1.00 0.00  ? 204 HOH A H2   1 
HETATM 1212 O  O    . HOH E 5 .   ? -9.701  16.164  -0.568  1.00 23.09 ? 205 HOH A O    1 
HETATM 1213 H  H1   . HOH E 5 .   ? -10.168 15.591  0.058   1.00 0.00  ? 205 HOH A H1   1 
HETATM 1214 H  H2   . HOH E 5 .   ? -9.883  15.678  -1.386  1.00 0.00  ? 205 HOH A H2   1 
HETATM 1215 O  O    . HOH E 5 .   ? -4.944  0.234   -2.323  1.00 9.22  ? 206 HOH A O    1 
HETATM 1216 H  H1   . HOH E 5 .   ? -5.237  0.648   -1.508  1.00 0.00  ? 206 HOH A H1   1 
HETATM 1217 H  H2   . HOH E 5 .   ? -4.737  -0.674  -2.017  1.00 0.00  ? 206 HOH A H2   1 
HETATM 1218 O  O    . HOH E 5 .   ? -4.313  -2.264  -1.245  1.00 12.09 ? 207 HOH A O    1 
HETATM 1219 H  H1   . HOH E 5 .   ? -5.086  -2.865  -1.331  1.00 0.00  ? 207 HOH A H1   1 
HETATM 1220 H  H2   . HOH E 5 .   ? -3.579  -2.884  -1.260  1.00 0.00  ? 207 HOH A H2   1 
HETATM 1221 O  O    . HOH E 5 .   ? 7.091   -13.674 -9.836  1.00 15.06 ? 208 HOH A O    1 
HETATM 1222 H  H1   . HOH E 5 .   ? 6.964   -14.571 -10.160 1.00 0.00  ? 208 HOH A H1   1 
HETATM 1223 H  H2   . HOH E 5 .   ? 7.907   -13.741 -9.315  1.00 0.00  ? 208 HOH A H2   1 
HETATM 1224 O  O    . HOH E 5 .   ? 7.732   -19.261 -12.696 1.00 67.75 ? 209 HOH A O    1 
HETATM 1225 H  H1   . HOH E 5 .   ? 7.808   -19.310 -11.718 1.00 0.00  ? 209 HOH A H1   1 
HETATM 1226 H  H2   . HOH E 5 .   ? 6.810   -19.495 -12.845 1.00 0.00  ? 209 HOH A H2   1 
HETATM 1227 O  O    . HOH E 5 .   ? 2.402   -6.427  -16.610 1.00 61.28 ? 210 HOH A O    1 
HETATM 1228 H  H1   . HOH E 5 .   ? 3.100   -6.346  -17.261 1.00 0.00  ? 210 HOH A H1   1 
HETATM 1229 H  H2   . HOH E 5 .   ? 2.295   -7.386  -16.520 1.00 0.00  ? 210 HOH A H2   1 
HETATM 1230 O  O    . HOH E 5 .   ? 5.309   2.189   -5.682  1.00 20.32 ? 213 HOH A O    1 
HETATM 1231 H  H1   . HOH E 5 .   ? 5.839   2.991   -5.586  1.00 0.00  ? 213 HOH A H1   1 
HETATM 1232 H  H2   . HOH E 5 .   ? 4.695   2.467   -6.378  1.00 0.00  ? 213 HOH A H2   1 
HETATM 1233 O  O    . HOH E 5 .   ? 8.440   2.436   -9.529  1.00 55.01 ? 219 HOH A O    1 
HETATM 1234 H  H1   . HOH E 5 .   ? 8.537   3.154   -10.161 1.00 0.00  ? 219 HOH A H1   1 
HETATM 1235 H  H2   . HOH E 5 .   ? 9.311   2.010   -9.588  1.00 0.00  ? 219 HOH A H2   1 
HETATM 1236 O  O    . HOH E 5 .   ? 2.427   6.641   -9.298  1.00 50.94 ? 220 HOH A O    1 
HETATM 1237 H  H1   . HOH E 5 .   ? 2.580   5.724   -8.996  1.00 0.00  ? 220 HOH A H1   1 
HETATM 1238 H  H2   . HOH E 5 .   ? 2.228   6.480   -10.236 1.00 0.00  ? 220 HOH A H2   1 
HETATM 1239 O  O    . HOH E 5 .   ? 2.304   5.712   -12.233 1.00 54.19 ? 221 HOH A O    1 
HETATM 1240 H  H1   . HOH E 5 .   ? 3.180   6.062   -12.458 1.00 0.00  ? 221 HOH A H1   1 
HETATM 1241 H  H2   . HOH E 5 .   ? 2.025   5.323   -13.066 1.00 0.00  ? 221 HOH A H2   1 
HETATM 1242 O  O    . HOH E 5 .   ? -8.228  17.727  -8.750  1.00 43.89 ? 222 HOH A O    1 
HETATM 1243 H  H1   . HOH E 5 .   ? -7.329  17.893  -9.119  1.00 0.00  ? 222 HOH A H1   1 
HETATM 1244 H  H2   . HOH E 5 .   ? -8.648  18.543  -9.040  1.00 0.00  ? 222 HOH A H2   1 
HETATM 1245 O  O    . HOH E 5 .   ? -6.170  18.906  1.857   1.00 43.35 ? 223 HOH A O    1 
HETATM 1246 H  H1   . HOH E 5 .   ? -6.766  18.170  1.573   1.00 0.00  ? 223 HOH A H1   1 
HETATM 1247 H  H2   . HOH E 5 .   ? -5.313  18.520  1.611   1.00 0.00  ? 223 HOH A H2   1 
HETATM 1248 O  O    . HOH E 5 .   ? -5.984  22.758  2.346   1.00 61.29 ? 224 HOH A O    1 
HETATM 1249 H  H1   . HOH E 5 .   ? -6.718  23.232  1.932   1.00 0.00  ? 224 HOH A H1   1 
HETATM 1250 H  H2   . HOH E 5 .   ? -6.456  22.130  2.929   1.00 0.00  ? 224 HOH A H2   1 
HETATM 1251 O  O    . HOH E 5 .   ? -11.669 21.362  -5.625  1.00 63.78 ? 225 HOH A O    1 
HETATM 1252 H  H1   . HOH E 5 .   ? -11.939 20.707  -4.965  1.00 0.00  ? 225 HOH A H1   1 
HETATM 1253 H  H2   . HOH E 5 .   ? -12.440 21.926  -5.680  1.00 0.00  ? 225 HOH A H2   1 
HETATM 1254 O  O    . HOH E 5 .   ? -6.637  -4.122  -1.286  1.00 24.22 ? 226 HOH A O    1 
HETATM 1255 H  H1   . HOH E 5 .   ? -6.689  -5.073  -1.491  1.00 0.00  ? 226 HOH A H1   1 
HETATM 1256 H  H2   . HOH E 5 .   ? -7.377  -4.021  -0.656  1.00 0.00  ? 226 HOH A H2   1 
HETATM 1257 O  O    . HOH E 5 .   ? -7.559  0.198   -3.918  1.00 26.98 ? 227 HOH A O    1 
HETATM 1258 H  H1   . HOH E 5 .   ? -7.313  0.050   -4.844  1.00 0.00  ? 227 HOH A H1   1 
HETATM 1259 H  H2   . HOH E 5 .   ? -6.690  0.164   -3.483  1.00 0.00  ? 227 HOH A H2   1 
HETATM 1260 O  O    . HOH E 5 .   ? -7.169  -0.058  -6.936  1.00 38.59 ? 228 HOH A O    1 
HETATM 1261 H  H1   . HOH E 5 .   ? -7.897  -0.648  -7.135  1.00 0.00  ? 228 HOH A H1   1 
HETATM 1262 H  H2   . HOH E 5 .   ? -7.472  0.770   -7.362  1.00 0.00  ? 228 HOH A H2   1 
HETATM 1263 O  O    . HOH E 5 .   ? -9.954  2.692   -4.547  1.00 48.20 ? 230 HOH A O    1 
HETATM 1264 H  H1   . HOH E 5 .   ? -9.432  1.936   -4.247  1.00 0.00  ? 230 HOH A H1   1 
HETATM 1265 H  H2   . HOH E 5 .   ? -9.478  2.971   -5.331  1.00 0.00  ? 230 HOH A H2   1 
HETATM 1266 O  O    . HOH E 5 .   ? -4.571  1.796   -14.593 1.00 66.26 ? 234 HOH A O    1 
HETATM 1267 H  H1   . HOH E 5 .   ? -4.699  2.752   -14.722 1.00 0.00  ? 234 HOH A H1   1 
HETATM 1268 H  H2   . HOH E 5 .   ? -3.623  1.723   -14.683 1.00 0.00  ? 234 HOH A H2   1 
HETATM 1269 O  O    . HOH E 5 .   ? -6.494  -7.026  -2.019  1.00 60.12 ? 236 HOH A O    1 
HETATM 1270 H  H1   . HOH E 5 .   ? -5.905  -7.700  -1.642  1.00 0.00  ? 236 HOH A H1   1 
HETATM 1271 H  H2   . HOH E 5 .   ? -6.714  -7.408  -2.870  1.00 0.00  ? 236 HOH A H2   1 
HETATM 1272 O  O    . HOH E 5 .   ? -10.612 3.022   0.677   1.00 23.51 ? 239 HOH A O    1 
HETATM 1273 H  H1   . HOH E 5 .   ? -9.710  3.136   0.355   1.00 0.00  ? 239 HOH A H1   1 
HETATM 1274 H  H2   . HOH E 5 .   ? -11.088 2.776   -0.122  1.00 0.00  ? 239 HOH A H2   1 
HETATM 1275 O  O    . HOH E 5 .   ? 1.756   -2.169  -10.308 1.00 67.08 ? 242 HOH A O    1 
HETATM 1276 H  H1   . HOH E 5 .   ? 0.995   -2.524  -9.831  1.00 0.00  ? 242 HOH A H1   1 
HETATM 1277 H  H2   . HOH E 5 .   ? 1.645   -2.561  -11.181 1.00 0.00  ? 242 HOH A H2   1 
HETATM 1278 O  O    . HOH E 5 .   ? 11.489  -7.982  -1.508  1.00 20.71 ? 243 HOH A O    1 
HETATM 1279 H  H1   . HOH E 5 .   ? 12.087  -7.362  -1.966  1.00 0.00  ? 243 HOH A H1   1 
HETATM 1280 H  H2   . HOH E 5 .   ? 10.636  -7.601  -1.746  1.00 0.00  ? 243 HOH A H2   1 
HETATM 1281 O  O    . HOH E 5 .   ? 6.444   -17.999 -8.019  1.00 60.22 ? 245 HOH A O    1 
HETATM 1282 H  H1   . HOH E 5 .   ? 5.683   -17.423 -7.827  1.00 0.00  ? 245 HOH A H1   1 
HETATM 1283 H  H2   . HOH E 5 .   ? 7.198   -17.460 -7.686  1.00 0.00  ? 245 HOH A H2   1 
HETATM 1284 O  O    . HOH E 5 .   ? -5.917  18.682  -9.765  1.00 65.21 ? 247 HOH A O    1 
HETATM 1285 H  H1   . HOH E 5 .   ? -5.576  19.575  -9.905  1.00 0.00  ? 247 HOH A H1   1 
HETATM 1286 H  H2   . HOH E 5 .   ? -5.103  18.166  -9.827  1.00 0.00  ? 247 HOH A H2   1 
HETATM 1287 O  O    . HOH E 5 .   ? -5.802  20.476  -0.715  1.00 59.43 ? 248 HOH A O    1 
HETATM 1288 H  H1   . HOH E 5 .   ? -6.539  20.289  -1.301  1.00 0.00  ? 248 HOH A H1   1 
HETATM 1289 H  H2   . HOH E 5 .   ? -6.090  20.064  0.116   1.00 0.00  ? 248 HOH A H2   1 
HETATM 1290 O  O    . HOH E 5 .   ? -3.014  -2.874  -16.347 1.00 76.23 ? 252 HOH A O    1 
HETATM 1291 H  H1   . HOH E 5 .   ? -3.605  -3.504  -15.897 1.00 0.00  ? 252 HOH A H1   1 
HETATM 1292 H  H2   . HOH E 5 .   ? -3.595  -2.114  -16.407 1.00 0.00  ? 252 HOH A H2   1 
HETATM 1293 O  O    . HOH E 5 .   ? 4.269   -1.707  -9.250  1.00 24.61 ? 253 HOH A O    1 
HETATM 1294 H  H1   . HOH E 5 .   ? 4.755   -2.142  -9.959  1.00 0.00  ? 253 HOH A H1   1 
HETATM 1295 H  H2   . HOH E 5 .   ? 3.346   -1.786  -9.577  1.00 0.00  ? 253 HOH A H2   1 
HETATM 1296 O  O    . HOH E 5 .   ? 2.919   -5.649  -12.775 1.00 33.99 ? 255 HOH A O    1 
HETATM 1297 H  H1   . HOH E 5 .   ? 2.932   -5.557  -13.732 1.00 0.00  ? 255 HOH A H1   1 
HETATM 1298 H  H2   . HOH E 5 .   ? 2.115   -6.173  -12.640 1.00 0.00  ? 255 HOH A H2   1 
HETATM 1299 O  O    . HOH E 5 .   ? 11.055  -2.635  -11.335 1.00 48.12 ? 258 HOH A O    1 
HETATM 1300 H  H1   . HOH E 5 .   ? 10.864  -3.166  -12.110 1.00 0.00  ? 258 HOH A H1   1 
HETATM 1301 H  H2   . HOH E 5 .   ? 11.575  -3.271  -10.826 1.00 0.00  ? 258 HOH A H2   1 
HETATM 1302 O  O    . HOH E 5 .   ? -8.342  2.218   -8.363  1.00 47.55 ? 259 HOH A O    1 
HETATM 1303 H  H1   . HOH E 5 .   ? -8.864  2.355   -9.155  1.00 0.00  ? 259 HOH A H1   1 
HETATM 1304 H  H2   . HOH E 5 .   ? -8.019  3.132   -8.194  1.00 0.00  ? 259 HOH A H2   1 
HETATM 1305 O  O    . HOH E 5 .   ? -14.477 8.193   -3.801  1.00 45.36 ? 262 HOH A O    1 
HETATM 1306 H  H1   . HOH E 5 .   ? -13.885 8.947   -3.793  1.00 0.00  ? 262 HOH A H1   1 
HETATM 1307 H  H2   . HOH E 5 .   ? -13.897 7.438   -3.686  1.00 0.00  ? 262 HOH A H2   1 
HETATM 1308 O  O    . HOH E 5 .   ? -7.456  4.802   -7.968  1.00 52.73 ? 263 HOH A O    1 
HETATM 1309 H  H1   . HOH E 5 .   ? -6.611  5.055   -8.366  1.00 0.00  ? 263 HOH A H1   1 
HETATM 1310 H  H2   . HOH E 5 .   ? -7.326  5.088   -7.054  1.00 0.00  ? 263 HOH A H2   1 
HETATM 1311 O  O    . HOH E 5 .   ? -4.709  -9.446  -0.900  1.00 27.73 ? 264 HOH A O    1 
HETATM 1312 H  H1   . HOH E 5 .   ? -5.171  -9.580  -0.061  1.00 0.00  ? 264 HOH A H1   1 
HETATM 1313 H  H2   . HOH E 5 .   ? -3.804  -9.293  -0.601  1.00 0.00  ? 264 HOH A H2   1 
HETATM 1314 O  O    . HOH E 5 .   ? -5.432  -6.541  -9.451  1.00 63.22 ? 268 HOH A O    1 
HETATM 1315 H  H1   . HOH E 5 .   ? -5.099  -7.139  -10.162 1.00 0.00  ? 268 HOH A H1   1 
HETATM 1316 H  H2   . HOH E 5 .   ? -5.577  -5.752  -9.993  1.00 0.00  ? 268 HOH A H2   1 
HETATM 1317 O  O    . HOH E 5 .   ? -5.687  -8.445  -7.498  1.00 29.48 ? 269 HOH A O    1 
HETATM 1318 H  H1   . HOH E 5 .   ? -5.155  -8.049  -6.808  1.00 0.00  ? 269 HOH A H1   1 
HETATM 1319 H  H2   . HOH E 5 .   ? -5.674  -7.741  -8.186  1.00 0.00  ? 269 HOH A H2   1 
HETATM 1320 O  O    . HOH E 5 .   ? -14.525 15.436  -2.461  1.00 32.82 ? 270 HOH A O    1 
HETATM 1321 H  H1   . HOH E 5 .   ? -14.834 15.988  -1.741  1.00 0.00  ? 270 HOH A H1   1 
HETATM 1322 H  H2   . HOH E 5 .   ? -15.277 15.448  -3.089  1.00 0.00  ? 270 HOH A H2   1 
HETATM 1323 O  O    . HOH E 5 .   ? 0.073   -13.985 -10.445 1.00 18.38 ? 274 HOH A O    1 
HETATM 1324 H  H1   . HOH E 5 .   ? -0.839  -14.286 -10.397 1.00 0.00  ? 274 HOH A H1   1 
HETATM 1325 H  H2   . HOH E 5 .   ? 0.230   -13.783 -9.501  1.00 0.00  ? 274 HOH A H2   1 
HETATM 1326 O  O    . HOH E 5 .   ? 14.132  -11.705 7.288   1.00 42.11 ? 278 HOH A O    1 
HETATM 1327 H  H1   . HOH E 5 .   ? 14.919  -12.193 7.038   1.00 0.00  ? 278 HOH A H1   1 
HETATM 1328 H  H2   . HOH E 5 .   ? 13.512  -11.935 6.586   1.00 0.00  ? 278 HOH A H2   1 
HETATM 1329 O  O    . HOH E 5 .   ? 4.207   -3.084  15.164  1.00 49.90 ? 280 HOH A O    1 
HETATM 1330 H  H1   . HOH E 5 .   ? 4.278   -3.399  16.066  1.00 0.00  ? 280 HOH A H1   1 
HETATM 1331 H  H2   . HOH E 5 .   ? 3.246   -3.003  15.054  1.00 0.00  ? 280 HOH A H2   1 
HETATM 1332 O  O    . HOH E 5 .   ? -6.031  -9.831  10.961  1.00 29.25 ? 281 HOH A O    1 
HETATM 1333 H  H1   . HOH E 5 .   ? -5.501  -10.390 11.580  1.00 0.00  ? 281 HOH A H1   1 
HETATM 1334 H  H2   . HOH E 5 .   ? -5.384  -9.136  10.756  1.00 0.00  ? 281 HOH A H2   1 
HETATM 1335 O  O    . HOH E 5 .   ? 2.429   -15.681 3.448   1.00 22.71 ? 282 HOH A O    1 
HETATM 1336 H  H1   . HOH E 5 .   ? 2.438   -15.006 4.142   1.00 0.00  ? 282 HOH A H1   1 
HETATM 1337 H  H2   . HOH E 5 .   ? 1.627   -15.449 2.967   1.00 0.00  ? 282 HOH A H2   1 
HETATM 1338 O  O    . HOH E 5 .   ? -1.104  -15.075 1.878   1.00 28.55 ? 283 HOH A O    1 
HETATM 1339 H  H1   . HOH E 5 .   ? -1.234  -16.016 1.698   1.00 0.00  ? 283 HOH A H1   1 
HETATM 1340 H  H2   . HOH E 5 .   ? -1.931  -14.834 2.312   1.00 0.00  ? 283 HOH A H2   1 
HETATM 1341 O  O    . HOH E 5 .   ? 13.009  -8.604  9.018   1.00 52.70 ? 284 HOH A O    1 
HETATM 1342 H  H1   . HOH E 5 .   ? 12.194  -8.452  8.536   1.00 0.00  ? 284 HOH A H1   1 
HETATM 1343 H  H2   . HOH E 5 .   ? 13.310  -9.469  8.710   1.00 0.00  ? 284 HOH A H2   1 
HETATM 1344 O  O    . HOH E 5 .   ? -7.934  -1.755  13.012  1.00 42.12 ? 286 HOH A O    1 
HETATM 1345 H  H1   . HOH E 5 .   ? -7.521  -1.479  13.832  1.00 0.00  ? 286 HOH A H1   1 
HETATM 1346 H  H2   . HOH E 5 .   ? -7.159  -2.035  12.505  1.00 0.00  ? 286 HOH A H2   1 
HETATM 1347 O  O    . HOH E 5 .   ? -9.276  14.319  11.695  1.00 23.36 ? 292 HOH A O    1 
HETATM 1348 H  H1   . HOH E 5 .   ? -9.172  14.147  10.740  1.00 0.00  ? 292 HOH A H1   1 
HETATM 1349 H  H2   . HOH E 5 .   ? -9.673  15.202  11.645  1.00 0.00  ? 292 HOH A H2   1 
HETATM 1350 O  O    . HOH E 5 .   ? -10.659 12.627  13.338  1.00 30.80 ? 293 HOH A O    1 
HETATM 1351 H  H1   . HOH E 5 .   ? -11.422 13.220  13.321  1.00 0.00  ? 293 HOH A H1   1 
HETATM 1352 H  H2   . HOH E 5 .   ? -10.013 13.180  12.838  1.00 0.00  ? 293 HOH A H2   1 
HETATM 1353 O  O    . HOH E 5 .   ? -15.904 13.865  5.588   1.00 45.21 ? 294 HOH A O    1 
HETATM 1354 H  H1   . HOH E 5 .   ? -15.965 13.527  6.486   1.00 0.00  ? 294 HOH A H1   1 
HETATM 1355 H  H2   . HOH E 5 .   ? -16.416 13.226  5.083   1.00 0.00  ? 294 HOH A H2   1 
HETATM 1356 O  O    . HOH E 5 .   ? -19.194 10.055  5.082   1.00 45.02 ? 295 HOH A O    1 
HETATM 1357 H  H1   . HOH E 5 .   ? -19.265 10.303  6.030   1.00 0.00  ? 295 HOH A H1   1 
HETATM 1358 H  H2   . HOH E 5 .   ? -20.030 10.416  4.763   1.00 0.00  ? 295 HOH A H2   1 
HETATM 1359 O  O    . HOH E 5 .   ? -13.266 6.947   3.224   1.00 24.78 ? 298 HOH A O    1 
HETATM 1360 H  H1   . HOH E 5 .   ? -12.830 6.461   2.517   1.00 0.00  ? 298 HOH A H1   1 
HETATM 1361 H  H2   . HOH E 5 .   ? -13.246 6.303   3.945   1.00 0.00  ? 298 HOH A H2   1 
HETATM 1362 O  O    . HOH E 5 .   ? 3.761   15.862  2.096   1.00 56.12 ? 301 HOH A O    1 
HETATM 1363 H  H1   . HOH E 5 .   ? 3.182   16.116  1.361   1.00 0.00  ? 301 HOH A H1   1 
HETATM 1364 H  H2   . HOH E 5 .   ? 4.615   16.169  1.792   1.00 0.00  ? 301 HOH A H2   1 
HETATM 1365 O  O    . HOH E 5 .   ? 3.464   -17.506 5.128   1.00 51.27 ? 305 HOH A O    1 
HETATM 1366 H  H1   . HOH E 5 .   ? 2.865   -17.216 5.823   1.00 0.00  ? 305 HOH A H1   1 
HETATM 1367 H  H2   . HOH E 5 .   ? 3.138   -16.971 4.371   1.00 0.00  ? 305 HOH A H2   1 
HETATM 1368 O  O    . HOH E 5 .   ? 0.082   -13.810 -7.726  1.00 24.35 ? 316 HOH A O    1 
HETATM 1369 H  H1   . HOH E 5 .   ? 0.366   -13.570 -6.830  1.00 0.00  ? 316 HOH A H1   1 
HETATM 1370 H  H2   . HOH E 5 .   ? 0.364   -14.736 -7.782  1.00 0.00  ? 316 HOH A H2   1 
HETATM 1371 O  O    . HOH E 5 .   ? -16.670 15.485  -4.288  1.00 61.18 ? 318 HOH A O    1 
HETATM 1372 H  H1   . HOH E 5 .   ? -17.614 15.582  -4.096  1.00 0.00  ? 318 HOH A H1   1 
HETATM 1373 H  H2   . HOH E 5 .   ? -16.658 15.293  -5.233  1.00 0.00  ? 318 HOH A H2   1 
HETATM 1374 O  O    . HOH E 5 .   ? 3.284   8.914   -7.738  1.00 72.39 ? 323 HOH A O    1 
HETATM 1375 H  H1   . HOH E 5 .   ? 4.072   8.896   -8.286  1.00 0.00  ? 323 HOH A H1   1 
HETATM 1376 H  H2   . HOH E 5 .   ? 2.808   8.151   -8.128  1.00 0.00  ? 323 HOH A H2   1 
HETATM 1377 O  O    . HOH E 5 .   ? 17.566  -11.708 -7.599  1.00 39.35 ? 332 HOH A O    1 
HETATM 1378 H  H1   . HOH E 5 .   ? 17.614  -11.634 -6.640  1.00 0.00  ? 332 HOH A H1   1 
HETATM 1379 H  H2   . HOH E 5 .   ? 18.025  -10.906 -7.864  1.00 0.00  ? 332 HOH A H2   1 
HETATM 1380 O  O    . HOH E 5 .   ? 2.753   3.866   -8.907  1.00 58.95 ? 340 HOH A O    1 
HETATM 1381 H  H1   . HOH E 5 .   ? 1.980   3.294   -8.803  1.00 0.00  ? 340 HOH A H1   1 
HETATM 1382 H  H2   . HOH E 5 .   ? 3.286   3.375   -9.543  1.00 0.00  ? 340 HOH A H2   1 
HETATM 1383 O  O    . HOH E 5 .   ? 0.069   11.451  -10.685 1.00 55.52 ? 341 HOH A O    1 
HETATM 1384 H  H1   . HOH E 5 .   ? -0.344  10.588  -10.838 1.00 0.00  ? 341 HOH A H1   1 
HETATM 1385 H  H2   . HOH E 5 .   ? -0.170  11.620  -9.763  1.00 0.00  ? 341 HOH A H2   1 
HETATM 1386 O  O    . HOH E 5 .   ? -7.497  16.809  0.808   1.00 61.61 ? 342 HOH A O    1 
HETATM 1387 H  H1   . HOH E 5 .   ? -8.353  16.619  0.365   1.00 0.00  ? 342 HOH A H1   1 
HETATM 1388 H  H2   . HOH E 5 .   ? -6.898  16.315  0.236   1.00 0.00  ? 342 HOH A H2   1 
HETATM 1389 O  O    . HOH E 5 .   ? -7.400  -9.086  1.561   1.00 50.45 ? 344 HOH A O    1 
HETATM 1390 H  H1   . HOH E 5 .   ? -8.200  -9.373  2.009   1.00 0.00  ? 344 HOH A H1   1 
HETATM 1391 H  H2   . HOH E 5 .   ? -7.686  -8.348  1.012   1.00 0.00  ? 344 HOH A H2   1 
HETATM 1392 O  O    . HOH E 5 .   ? -10.640 -2.505  2.158   1.00 52.16 ? 345 HOH A O    1 
HETATM 1393 H  H1   . HOH E 5 .   ? -10.883 -1.599  2.374   1.00 0.00  ? 345 HOH A H1   1 
HETATM 1394 H  H2   . HOH E 5 .   ? -11.344 -3.002  2.597   1.00 0.00  ? 345 HOH A H2   1 
HETATM 1395 O  O    . HOH E 5 .   ? -13.595 -2.866  4.389   1.00 57.96 ? 346 HOH A O    1 
HETATM 1396 H  H1   . HOH E 5 .   ? -13.954 -2.170  4.974   1.00 0.00  ? 346 HOH A H1   1 
HETATM 1397 H  H2   . HOH E 5 .   ? -14.405 -3.233  4.025   1.00 0.00  ? 346 HOH A H2   1 
HETATM 1398 O  O    . HOH E 5 .   ? -8.441  -3.655  0.909   1.00 54.86 ? 347 HOH A O    1 
HETATM 1399 H  H1   . HOH E 5 .   ? -9.304  -3.334  1.244   1.00 0.00  ? 347 HOH A H1   1 
HETATM 1400 H  H2   . HOH E 5 .   ? -7.832  -3.110  1.416   1.00 0.00  ? 347 HOH A H2   1 
HETATM 1401 O  O    . HOH E 5 .   ? 7.581   -19.380 -9.960  1.00 40.36 ? 348 HOH A O    1 
HETATM 1402 H  H1   . HOH E 5 .   ? 7.133   -18.790 -9.319  1.00 0.00  ? 348 HOH A H1   1 
HETATM 1403 H  H2   . HOH E 5 .   ? 7.158   -20.224 -9.760  1.00 0.00  ? 348 HOH A H2   1 
HETATM 1404 O  O    . HOH E 5 .   ? 8.448   -16.458 -7.102  1.00 32.01 ? 349 HOH A O    1 
HETATM 1405 H  H1   . HOH E 5 .   ? 8.134   -16.157 -6.231  1.00 0.00  ? 349 HOH A H1   1 
HETATM 1406 H  H2   . HOH E 5 .   ? 8.938   -15.677 -7.406  1.00 0.00  ? 349 HOH A H2   1 
HETATM 1407 O  O    . HOH E 5 .   ? -17.641 10.901  2.849   1.00 46.92 ? 350 HOH A O    1 
HETATM 1408 H  H1   . HOH E 5 .   ? -18.098 10.496  3.614   1.00 0.00  ? 350 HOH A H1   1 
HETATM 1409 H  H2   . HOH E 5 .   ? -16.753 10.539  2.926   1.00 0.00  ? 350 HOH A H2   1 
HETATM 1410 O  O    . HOH E 5 .   ? -13.841 -1.114  12.870  1.00 61.50 ? 351 HOH A O    1 
HETATM 1411 H  H1   . HOH E 5 .   ? -14.581 -0.908  13.441  1.00 0.00  ? 351 HOH A H1   1 
HETATM 1412 H  H2   . HOH E 5 .   ? -13.519 -0.240  12.615  1.00 0.00  ? 351 HOH A H2   1 
HETATM 1413 O  O    . HOH E 5 .   ? -0.385  7.202   14.598  1.00 51.06 ? 353 HOH A O    1 
HETATM 1414 H  H1   . HOH E 5 .   ? -0.912  8.001   14.557  1.00 0.00  ? 353 HOH A H1   1 
HETATM 1415 H  H2   . HOH E 5 .   ? -0.832  6.703   15.310  1.00 0.00  ? 353 HOH A H2   1 
HETATM 1416 O  O    . HOH E 5 .   ? -4.460  1.465   16.647  1.00 51.70 ? 354 HOH A O    1 
HETATM 1417 H  H1   . HOH E 5 .   ? -4.598  1.590   15.691  1.00 0.00  ? 354 HOH A H1   1 
HETATM 1418 H  H2   . HOH E 5 .   ? -4.917  0.633   16.793  1.00 0.00  ? 354 HOH A H2   1 
HETATM 1419 O  O    . HOH E 5 .   ? -14.736 4.688   17.706  1.00 50.79 ? 355 HOH A O    1 
HETATM 1420 H  H1   . HOH E 5 .   ? -14.963 3.759   17.816  1.00 0.00  ? 355 HOH A H1   1 
HETATM 1421 H  H2   . HOH E 5 .   ? -15.636 5.098   17.725  1.00 0.00  ? 355 HOH A H2   1 
HETATM 1422 O  O    . HOH E 5 .   ? -4.566  -7.866  -11.580 1.00 28.86 ? 358 HOH A O    1 
HETATM 1423 H  H1   . HOH E 5 .   ? -4.983  -7.271  -12.233 1.00 0.00  ? 358 HOH A H1   1 
HETATM 1424 H  H2   . HOH E 5 .   ? -3.660  -7.801  -11.907 1.00 0.00  ? 358 HOH A H2   1 
HETATM 1425 O  O    . HOH E 5 .   ? -4.080  4.654   -15.058 1.00 63.37 ? 359 HOH A O    1 
HETATM 1426 H  H1   . HOH E 5 .   ? -3.425  5.009   -14.435 1.00 0.00  ? 359 HOH A H1   1 
HETATM 1427 H  H2   . HOH E 5 .   ? -4.311  5.432   -15.574 1.00 0.00  ? 359 HOH A H2   1 
HETATM 1428 O  O    . HOH E 5 .   ? -5.020  -11.649 9.220   1.00 41.88 ? 360 HOH A O    1 
HETATM 1429 H  H1   . HOH E 5 .   ? -5.511  -11.074 9.839   1.00 0.00  ? 360 HOH A H1   1 
HETATM 1430 H  H2   . HOH E 5 .   ? -5.628  -11.633 8.464   1.00 0.00  ? 360 HOH A H2   1 
HETATM 1431 O  O    . HOH E 5 .   ? 2.193   -14.988 10.561  1.00 52.05 ? 361 HOH A O    1 
HETATM 1432 H  H1   . HOH E 5 .   ? 2.791   -14.452 10.023  1.00 0.00  ? 361 HOH A H1   1 
HETATM 1433 H  H2   . HOH E 5 .   ? 1.371   -14.978 10.064  1.00 0.00  ? 361 HOH A H2   1 
HETATM 1434 O  O    . HOH E 5 .   ? 13.978  -10.120 -13.796 1.00 48.21 ? 362 HOH A O    1 
HETATM 1435 H  H1   . HOH E 5 .   ? 13.747  -10.878 -14.344 1.00 0.00  ? 362 HOH A H1   1 
HETATM 1436 H  H2   . HOH E 5 .   ? 13.929  -10.461 -12.900 1.00 0.00  ? 362 HOH A H2   1 
HETATM 1437 O  O    . HOH E 5 .   ? -7.254  -6.001  -14.706 1.00 60.74 ? 363 HOH A O    1 
HETATM 1438 H  H1   . HOH E 5 .   ? -6.491  -5.594  -15.140 1.00 0.00  ? 363 HOH A H1   1 
HETATM 1439 H  H2   . HOH E 5 .   ? -7.063  -5.656  -13.824 1.00 0.00  ? 363 HOH A H2   1 
HETATM 1440 O  O    . HOH E 5 .   ? -5.667  -10.722 -9.172  1.00 59.79 ? 364 HOH A O    1 
HETATM 1441 H  H1   . HOH E 5 .   ? -5.328  -10.077 -9.798  1.00 0.00  ? 364 HOH A H1   1 
HETATM 1442 H  H2   . HOH E 5 .   ? -5.818  -10.156 -8.391  1.00 0.00  ? 364 HOH A H2   1 
HETATM 1443 O  O    . HOH E 5 .   ? -11.685 15.127  6.881   1.00 37.66 ? 366 HOH A O    1 
HETATM 1444 H  H1   . HOH E 5 .   ? -12.525 15.110  6.411   1.00 0.00  ? 366 HOH A H1   1 
HETATM 1445 H  H2   . HOH E 5 .   ? -11.039 15.341  6.195   1.00 0.00  ? 366 HOH A H2   1 
HETATM 1446 O  O    . HOH E 5 .   ? -15.094 -0.952  6.090   1.00 51.46 ? 367 HOH A O    1 
HETATM 1447 H  H1   . HOH E 5 .   ? -15.765 -0.289  5.898   1.00 0.00  ? 367 HOH A H1   1 
HETATM 1448 H  H2   . HOH E 5 .   ? -14.944 -0.841  7.035   1.00 0.00  ? 367 HOH A H2   1 
HETATM 1449 O  O    . HOH E 5 .   ? -10.456 2.248   9.221   1.00 58.38 ? 368 HOH A O    1 
HETATM 1450 H  H1   . HOH E 5 .   ? -10.589 1.698   10.002  1.00 0.00  ? 368 HOH A H1   1 
HETATM 1451 H  H2   . HOH E 5 .   ? -9.702  1.833   8.787   1.00 0.00  ? 368 HOH A H2   1 
HETATM 1452 O  O    . HOH E 5 .   ? -12.668 -5.649  5.737   1.00 46.42 ? 369 HOH A O    1 
HETATM 1453 H  H1   . HOH E 5 .   ? -12.905 -4.815  5.311   1.00 0.00  ? 369 HOH A H1   1 
HETATM 1454 H  H2   . HOH E 5 .   ? -11.984 -5.394  6.355   1.00 0.00  ? 369 HOH A H2   1 
HETATM 1455 O  O    . HOH E 5 .   ? -10.001 16.229  8.707   1.00 28.40 ? 370 HOH A O    1 
HETATM 1456 H  H1   . HOH E 5 .   ? -10.646 15.767  8.135   1.00 0.00  ? 370 HOH A H1   1 
HETATM 1457 H  H2   . HOH E 5 .   ? -9.698  16.939  8.135   1.00 0.00  ? 370 HOH A H2   1 
# 
